data_3D7N
# 
_entry.id   3D7N 
# 
_audit_conform.dict_name       mmcif_pdbx.dic 
_audit_conform.dict_version    5.397 
_audit_conform.dict_location   http://mmcif.pdb.org/dictionaries/ascii/mmcif_pdbx.dic 
# 
loop_
_database_2.database_id 
_database_2.database_code 
_database_2.pdbx_database_accession 
_database_2.pdbx_DOI 
PDB   3D7N         pdb_00003d7n 10.2210/pdb3d7n/pdb 
RCSB  RCSB047694   ?            ?                   
WWPDB D_1000047694 ?            ?                   
# 
loop_
_pdbx_audit_revision_history.ordinal 
_pdbx_audit_revision_history.data_content_type 
_pdbx_audit_revision_history.major_revision 
_pdbx_audit_revision_history.minor_revision 
_pdbx_audit_revision_history.revision_date 
1 'Structure model' 1 0 2008-07-15 
2 'Structure model' 1 1 2011-07-13 
3 'Structure model' 1 2 2024-10-16 
# 
_pdbx_audit_revision_details.ordinal             1 
_pdbx_audit_revision_details.revision_ordinal    1 
_pdbx_audit_revision_details.data_content_type   'Structure model' 
_pdbx_audit_revision_details.provider            repository 
_pdbx_audit_revision_details.type                'Initial release' 
_pdbx_audit_revision_details.description         ? 
_pdbx_audit_revision_details.details             ? 
# 
loop_
_pdbx_audit_revision_group.ordinal 
_pdbx_audit_revision_group.revision_ordinal 
_pdbx_audit_revision_group.data_content_type 
_pdbx_audit_revision_group.group 
1 2 'Structure model' Advisory                    
2 2 'Structure model' 'Source and taxonomy'       
3 2 'Structure model' 'Version format compliance' 
4 3 'Structure model' 'Data collection'           
5 3 'Structure model' 'Database references'       
6 3 'Structure model' 'Derived calculations'      
7 3 'Structure model' 'Structure summary'         
# 
loop_
_pdbx_audit_revision_category.ordinal 
_pdbx_audit_revision_category.revision_ordinal 
_pdbx_audit_revision_category.data_content_type 
_pdbx_audit_revision_category.category 
1 3 'Structure model' chem_comp_atom            
2 3 'Structure model' chem_comp_bond            
3 3 'Structure model' database_2                
4 3 'Structure model' pdbx_entry_details        
5 3 'Structure model' pdbx_modification_feature 
6 3 'Structure model' struct_conn               
# 
loop_
_pdbx_audit_revision_item.ordinal 
_pdbx_audit_revision_item.revision_ordinal 
_pdbx_audit_revision_item.data_content_type 
_pdbx_audit_revision_item.item 
1 3 'Structure model' '_database_2.pdbx_DOI'                
2 3 'Structure model' '_database_2.pdbx_database_accession' 
3 3 'Structure model' '_struct_conn.pdbx_leaving_atom_flag' 
# 
_pdbx_database_status.status_code                     REL 
_pdbx_database_status.entry_id                        3D7N 
_pdbx_database_status.recvd_initial_deposition_date   2008-05-21 
_pdbx_database_status.deposit_site                    RCSB 
_pdbx_database_status.process_site                    RCSB 
_pdbx_database_status.status_code_sf                  REL 
_pdbx_database_status.status_code_mr                  ? 
_pdbx_database_status.SG_entry                        Y 
_pdbx_database_status.pdb_format_compatible           Y 
_pdbx_database_status.status_code_cs                  ? 
_pdbx_database_status.status_code_nmr_data            ? 
_pdbx_database_status.methods_development_category    ? 
# 
_pdbx_database_related.db_name        TargetDB 
_pdbx_database_related.db_id          APC7446 
_pdbx_database_related.details        . 
_pdbx_database_related.content_type   unspecified 
# 
loop_
_audit_author.name 
_audit_author.pdbx_ordinal 
'Zhang, R.'                                     1 
'Xu, X.'                                        2 
'Gu, J.'                                        3 
'Savchenko, A.'                                 4 
'Edwards, A.'                                   5 
'Joachimiak, A.'                                6 
'Midwest Center for Structural Genomics (MCSG)' 7 
# 
_citation.id                        primary 
_citation.title                     'The crystal structure of the flavodoxin, WrbA-like protein from Agrobacterium tumefaciens' 
_citation.journal_abbrev            'To be Published' 
_citation.journal_volume            ? 
_citation.page_first                ? 
_citation.page_last                 ? 
_citation.year                      2008 
_citation.journal_id_ASTM           ? 
_citation.country                   ? 
_citation.journal_id_ISSN           ? 
_citation.journal_id_CSD            0353 
_citation.book_publisher            ? 
_citation.pdbx_database_id_PubMed   ? 
_citation.pdbx_database_id_DOI      ? 
# 
loop_
_citation_author.citation_id 
_citation_author.name 
_citation_author.ordinal 
_citation_author.identifier_ORCID 
primary 'Zhang, R.'      1 ? 
primary 'Xu, X.'         2 ? 
primary 'Gu, J.'         3 ? 
primary 'Savchenko, A.'  4 ? 
primary 'Edwards, A.'    5 ? 
primary 'Joachimiak, A.' 6 ? 
# 
loop_
_entity.id 
_entity.type 
_entity.src_method 
_entity.pdbx_description 
_entity.formula_weight 
_entity.pdbx_number_of_molecules 
_entity.pdbx_ec 
_entity.pdbx_mutation 
_entity.pdbx_fragment 
_entity.details 
1 polymer man 'Flavodoxin, WrbA-like protein' 20944.268 1  ? ? ? ? 
2 water   nat water                           18.015    27 ? ? ? ? 
# 
_entity_poly.entity_id                      1 
_entity_poly.type                           'polypeptide(L)' 
_entity_poly.nstd_linkage                   no 
_entity_poly.nstd_monomer                   yes 
_entity_poly.pdbx_seq_one_letter_code       
;(MSE)TTNSSSNTVVVYHSGYGHTHR(MSE)AEAVAEGAEATLHAIDAEGNLSEDGWAALDAADAIIFGTPTY(MSE)GG
PSWQFKKFADASSKPWFSAKWQDKVFGGFTNSASLNGDKLNTLQYLVLLAGQHGGLWVSLGIKPSNLKSSVRNDANR
(MSE)GSYIAP(MSE)AQSDADAAPEE(MSE)SVGDLETARLYGARVANVARQHKSTERV
;
_entity_poly.pdbx_seq_one_letter_code_can   
;MTTNSSSNTVVVYHSGYGHTHRMAEAVAEGAEATLHAIDAEGNLSEDGWAALDAADAIIFGTPTYMGGPSWQFKKFADAS
SKPWFSAKWQDKVFGGFTNSASLNGDKLNTLQYLVLLAGQHGGLWVSLGIKPSNLKSSVRNDANRMGSYIAPMAQSDADA
APEEMSVGDLETARLYGARVANVARQHKSTERV
;
_entity_poly.pdbx_strand_id                 A 
_entity_poly.pdbx_target_identifier         APC7446 
# 
_pdbx_entity_nonpoly.entity_id   2 
_pdbx_entity_nonpoly.name        water 
_pdbx_entity_nonpoly.comp_id     HOH 
# 
loop_
_entity_poly_seq.entity_id 
_entity_poly_seq.num 
_entity_poly_seq.mon_id 
_entity_poly_seq.hetero 
1 1   MSE n 
1 2   THR n 
1 3   THR n 
1 4   ASN n 
1 5   SER n 
1 6   SER n 
1 7   SER n 
1 8   ASN n 
1 9   THR n 
1 10  VAL n 
1 11  VAL n 
1 12  VAL n 
1 13  TYR n 
1 14  HIS n 
1 15  SER n 
1 16  GLY n 
1 17  TYR n 
1 18  GLY n 
1 19  HIS n 
1 20  THR n 
1 21  HIS n 
1 22  ARG n 
1 23  MSE n 
1 24  ALA n 
1 25  GLU n 
1 26  ALA n 
1 27  VAL n 
1 28  ALA n 
1 29  GLU n 
1 30  GLY n 
1 31  ALA n 
1 32  GLU n 
1 33  ALA n 
1 34  THR n 
1 35  LEU n 
1 36  HIS n 
1 37  ALA n 
1 38  ILE n 
1 39  ASP n 
1 40  ALA n 
1 41  GLU n 
1 42  GLY n 
1 43  ASN n 
1 44  LEU n 
1 45  SER n 
1 46  GLU n 
1 47  ASP n 
1 48  GLY n 
1 49  TRP n 
1 50  ALA n 
1 51  ALA n 
1 52  LEU n 
1 53  ASP n 
1 54  ALA n 
1 55  ALA n 
1 56  ASP n 
1 57  ALA n 
1 58  ILE n 
1 59  ILE n 
1 60  PHE n 
1 61  GLY n 
1 62  THR n 
1 63  PRO n 
1 64  THR n 
1 65  TYR n 
1 66  MSE n 
1 67  GLY n 
1 68  GLY n 
1 69  PRO n 
1 70  SER n 
1 71  TRP n 
1 72  GLN n 
1 73  PHE n 
1 74  LYS n 
1 75  LYS n 
1 76  PHE n 
1 77  ALA n 
1 78  ASP n 
1 79  ALA n 
1 80  SER n 
1 81  SER n 
1 82  LYS n 
1 83  PRO n 
1 84  TRP n 
1 85  PHE n 
1 86  SER n 
1 87  ALA n 
1 88  LYS n 
1 89  TRP n 
1 90  GLN n 
1 91  ASP n 
1 92  LYS n 
1 93  VAL n 
1 94  PHE n 
1 95  GLY n 
1 96  GLY n 
1 97  PHE n 
1 98  THR n 
1 99  ASN n 
1 100 SER n 
1 101 ALA n 
1 102 SER n 
1 103 LEU n 
1 104 ASN n 
1 105 GLY n 
1 106 ASP n 
1 107 LYS n 
1 108 LEU n 
1 109 ASN n 
1 110 THR n 
1 111 LEU n 
1 112 GLN n 
1 113 TYR n 
1 114 LEU n 
1 115 VAL n 
1 116 LEU n 
1 117 LEU n 
1 118 ALA n 
1 119 GLY n 
1 120 GLN n 
1 121 HIS n 
1 122 GLY n 
1 123 GLY n 
1 124 LEU n 
1 125 TRP n 
1 126 VAL n 
1 127 SER n 
1 128 LEU n 
1 129 GLY n 
1 130 ILE n 
1 131 LYS n 
1 132 PRO n 
1 133 SER n 
1 134 ASN n 
1 135 LEU n 
1 136 LYS n 
1 137 SER n 
1 138 SER n 
1 139 VAL n 
1 140 ARG n 
1 141 ASN n 
1 142 ASP n 
1 143 ALA n 
1 144 ASN n 
1 145 ARG n 
1 146 MSE n 
1 147 GLY n 
1 148 SER n 
1 149 TYR n 
1 150 ILE n 
1 151 ALA n 
1 152 PRO n 
1 153 MSE n 
1 154 ALA n 
1 155 GLN n 
1 156 SER n 
1 157 ASP n 
1 158 ALA n 
1 159 ASP n 
1 160 ALA n 
1 161 ALA n 
1 162 PRO n 
1 163 GLU n 
1 164 GLU n 
1 165 MSE n 
1 166 SER n 
1 167 VAL n 
1 168 GLY n 
1 169 ASP n 
1 170 LEU n 
1 171 GLU n 
1 172 THR n 
1 173 ALA n 
1 174 ARG n 
1 175 LEU n 
1 176 TYR n 
1 177 GLY n 
1 178 ALA n 
1 179 ARG n 
1 180 VAL n 
1 181 ALA n 
1 182 ASN n 
1 183 VAL n 
1 184 ALA n 
1 185 ARG n 
1 186 GLN n 
1 187 HIS n 
1 188 LYS n 
1 189 SER n 
1 190 THR n 
1 191 GLU n 
1 192 ARG n 
1 193 VAL n 
# 
_entity_src_gen.entity_id                          1 
_entity_src_gen.pdbx_src_id                        1 
_entity_src_gen.pdbx_alt_source_flag               sample 
_entity_src_gen.pdbx_seq_type                      ? 
_entity_src_gen.pdbx_beg_seq_num                   ? 
_entity_src_gen.pdbx_end_seq_num                   ? 
_entity_src_gen.gene_src_common_name               ? 
_entity_src_gen.gene_src_genus                     ? 
_entity_src_gen.pdbx_gene_src_gene                 'AGR_L_1309, Atu4201' 
_entity_src_gen.gene_src_species                   ? 
_entity_src_gen.gene_src_strain                    'str. C58' 
_entity_src_gen.gene_src_tissue                    ? 
_entity_src_gen.gene_src_tissue_fraction           ? 
_entity_src_gen.gene_src_details                   ? 
_entity_src_gen.pdbx_gene_src_fragment             ? 
_entity_src_gen.pdbx_gene_src_scientific_name      'Agrobacterium tumefaciens' 
_entity_src_gen.pdbx_gene_src_ncbi_taxonomy_id     176299 
_entity_src_gen.pdbx_gene_src_variant              ? 
_entity_src_gen.pdbx_gene_src_cell_line            ? 
_entity_src_gen.pdbx_gene_src_atcc                 ? 
_entity_src_gen.pdbx_gene_src_organ                ? 
_entity_src_gen.pdbx_gene_src_organelle            ? 
_entity_src_gen.pdbx_gene_src_cell                 ? 
_entity_src_gen.pdbx_gene_src_cellular_location    ? 
_entity_src_gen.host_org_common_name               ? 
_entity_src_gen.pdbx_host_org_scientific_name      'Escherichia coli' 
_entity_src_gen.pdbx_host_org_ncbi_taxonomy_id     ? 
_entity_src_gen.host_org_genus                     ? 
_entity_src_gen.pdbx_host_org_gene                 ? 
_entity_src_gen.pdbx_host_org_organ                ? 
_entity_src_gen.host_org_species                   ? 
_entity_src_gen.pdbx_host_org_tissue               ? 
_entity_src_gen.pdbx_host_org_tissue_fraction      ? 
_entity_src_gen.pdbx_host_org_strain               BL21 
_entity_src_gen.pdbx_host_org_variant              ? 
_entity_src_gen.pdbx_host_org_cell_line            ? 
_entity_src_gen.pdbx_host_org_atcc                 ? 
_entity_src_gen.pdbx_host_org_culture_collection   ? 
_entity_src_gen.pdbx_host_org_cell                 ? 
_entity_src_gen.pdbx_host_org_organelle            ? 
_entity_src_gen.pdbx_host_org_cellular_location    ? 
_entity_src_gen.pdbx_host_org_vector_type          Plasmid 
_entity_src_gen.pdbx_host_org_vector               ? 
_entity_src_gen.host_org_details                   ? 
_entity_src_gen.expression_system_id               ? 
_entity_src_gen.plasmid_name                       pET15b 
_entity_src_gen.plasmid_details                    ? 
_entity_src_gen.pdbx_description                   ? 
# 
loop_
_chem_comp.id 
_chem_comp.type 
_chem_comp.mon_nstd_flag 
_chem_comp.name 
_chem_comp.pdbx_synonyms 
_chem_comp.formula 
_chem_comp.formula_weight 
ALA 'L-peptide linking' y ALANINE          ? 'C3 H7 N O2'     89.093  
ARG 'L-peptide linking' y ARGININE         ? 'C6 H15 N4 O2 1' 175.209 
ASN 'L-peptide linking' y ASPARAGINE       ? 'C4 H8 N2 O3'    132.118 
ASP 'L-peptide linking' y 'ASPARTIC ACID'  ? 'C4 H7 N O4'     133.103 
GLN 'L-peptide linking' y GLUTAMINE        ? 'C5 H10 N2 O3'   146.144 
GLU 'L-peptide linking' y 'GLUTAMIC ACID'  ? 'C5 H9 N O4'     147.129 
GLY 'peptide linking'   y GLYCINE          ? 'C2 H5 N O2'     75.067  
HIS 'L-peptide linking' y HISTIDINE        ? 'C6 H10 N3 O2 1' 156.162 
HOH non-polymer         . WATER            ? 'H2 O'           18.015  
ILE 'L-peptide linking' y ISOLEUCINE       ? 'C6 H13 N O2'    131.173 
LEU 'L-peptide linking' y LEUCINE          ? 'C6 H13 N O2'    131.173 
LYS 'L-peptide linking' y LYSINE           ? 'C6 H15 N2 O2 1' 147.195 
MSE 'L-peptide linking' n SELENOMETHIONINE ? 'C5 H11 N O2 Se' 196.106 
PHE 'L-peptide linking' y PHENYLALANINE    ? 'C9 H11 N O2'    165.189 
PRO 'L-peptide linking' y PROLINE          ? 'C5 H9 N O2'     115.130 
SER 'L-peptide linking' y SERINE           ? 'C3 H7 N O3'     105.093 
THR 'L-peptide linking' y THREONINE        ? 'C4 H9 N O3'     119.119 
TRP 'L-peptide linking' y TRYPTOPHAN       ? 'C11 H12 N2 O2'  204.225 
TYR 'L-peptide linking' y TYROSINE         ? 'C9 H11 N O3'    181.189 
VAL 'L-peptide linking' y VALINE           ? 'C5 H11 N O2'    117.146 
# 
loop_
_pdbx_poly_seq_scheme.asym_id 
_pdbx_poly_seq_scheme.entity_id 
_pdbx_poly_seq_scheme.seq_id 
_pdbx_poly_seq_scheme.mon_id 
_pdbx_poly_seq_scheme.ndb_seq_num 
_pdbx_poly_seq_scheme.pdb_seq_num 
_pdbx_poly_seq_scheme.auth_seq_num 
_pdbx_poly_seq_scheme.pdb_mon_id 
_pdbx_poly_seq_scheme.auth_mon_id 
_pdbx_poly_seq_scheme.pdb_strand_id 
_pdbx_poly_seq_scheme.pdb_ins_code 
_pdbx_poly_seq_scheme.hetero 
A 1 1   MSE 1   1   ?   ?   ?   A . n 
A 1 2   THR 2   2   ?   ?   ?   A . n 
A 1 3   THR 3   3   ?   ?   ?   A . n 
A 1 4   ASN 4   4   ?   ?   ?   A . n 
A 1 5   SER 5   5   ?   ?   ?   A . n 
A 1 6   SER 6   6   6   SER SER A . n 
A 1 7   SER 7   7   7   SER SER A . n 
A 1 8   ASN 8   8   8   ASN ASN A . n 
A 1 9   THR 9   9   9   THR THR A . n 
A 1 10  VAL 10  10  10  VAL VAL A . n 
A 1 11  VAL 11  11  11  VAL VAL A . n 
A 1 12  VAL 12  12  12  VAL VAL A . n 
A 1 13  TYR 13  13  13  TYR TYR A . n 
A 1 14  HIS 14  14  14  HIS HIS A . n 
A 1 15  SER 15  15  15  SER SER A . n 
A 1 16  GLY 16  16  16  GLY GLY A . n 
A 1 17  TYR 17  17  17  TYR TYR A . n 
A 1 18  GLY 18  18  18  GLY GLY A . n 
A 1 19  HIS 19  19  19  HIS HIS A . n 
A 1 20  THR 20  20  20  THR THR A . n 
A 1 21  HIS 21  21  21  HIS HIS A . n 
A 1 22  ARG 22  22  22  ARG ARG A . n 
A 1 23  MSE 23  23  23  MSE MSE A . n 
A 1 24  ALA 24  24  24  ALA ALA A . n 
A 1 25  GLU 25  25  25  GLU GLU A . n 
A 1 26  ALA 26  26  26  ALA ALA A . n 
A 1 27  VAL 27  27  27  VAL VAL A . n 
A 1 28  ALA 28  28  28  ALA ALA A . n 
A 1 29  GLU 29  29  29  GLU GLU A . n 
A 1 30  GLY 30  30  30  GLY GLY A . n 
A 1 31  ALA 31  31  31  ALA ALA A . n 
A 1 32  GLU 32  32  32  GLU GLU A . n 
A 1 33  ALA 33  33  33  ALA ALA A . n 
A 1 34  THR 34  34  34  THR THR A . n 
A 1 35  LEU 35  35  35  LEU LEU A . n 
A 1 36  HIS 36  36  36  HIS HIS A . n 
A 1 37  ALA 37  37  37  ALA ALA A . n 
A 1 38  ILE 38  38  38  ILE ILE A . n 
A 1 39  ASP 39  39  39  ASP ASP A . n 
A 1 40  ALA 40  40  40  ALA ALA A . n 
A 1 41  GLU 41  41  41  GLU GLU A . n 
A 1 42  GLY 42  42  42  GLY GLY A . n 
A 1 43  ASN 43  43  43  ASN ASN A . n 
A 1 44  LEU 44  44  44  LEU LEU A . n 
A 1 45  SER 45  45  45  SER SER A . n 
A 1 46  GLU 46  46  46  GLU GLU A . n 
A 1 47  ASP 47  47  47  ASP ASP A . n 
A 1 48  GLY 48  48  48  GLY GLY A . n 
A 1 49  TRP 49  49  49  TRP TRP A . n 
A 1 50  ALA 50  50  50  ALA ALA A . n 
A 1 51  ALA 51  51  51  ALA ALA A . n 
A 1 52  LEU 52  52  52  LEU LEU A . n 
A 1 53  ASP 53  53  53  ASP ASP A . n 
A 1 54  ALA 54  54  54  ALA ALA A . n 
A 1 55  ALA 55  55  55  ALA ALA A . n 
A 1 56  ASP 56  56  56  ASP ASP A . n 
A 1 57  ALA 57  57  57  ALA ALA A . n 
A 1 58  ILE 58  58  58  ILE ILE A . n 
A 1 59  ILE 59  59  59  ILE ILE A . n 
A 1 60  PHE 60  60  60  PHE PHE A . n 
A 1 61  GLY 61  61  61  GLY GLY A . n 
A 1 62  THR 62  62  62  THR THR A . n 
A 1 63  PRO 63  63  63  PRO PRO A . n 
A 1 64  THR 64  64  64  THR THR A . n 
A 1 65  TYR 65  65  65  TYR TYR A . n 
A 1 66  MSE 66  66  66  MSE MSE A . n 
A 1 67  GLY 67  67  67  GLY GLY A . n 
A 1 68  GLY 68  68  68  GLY GLY A . n 
A 1 69  PRO 69  69  69  PRO PRO A . n 
A 1 70  SER 70  70  70  SER SER A . n 
A 1 71  TRP 71  71  71  TRP TRP A . n 
A 1 72  GLN 72  72  72  GLN GLN A . n 
A 1 73  PHE 73  73  73  PHE PHE A . n 
A 1 74  LYS 74  74  74  LYS LYS A . n 
A 1 75  LYS 75  75  75  LYS LYS A . n 
A 1 76  PHE 76  76  76  PHE PHE A . n 
A 1 77  ALA 77  77  77  ALA ALA A . n 
A 1 78  ASP 78  78  78  ASP ASP A . n 
A 1 79  ALA 79  79  79  ALA ALA A . n 
A 1 80  SER 80  80  80  SER SER A . n 
A 1 81  SER 81  81  81  SER SER A . n 
A 1 82  LYS 82  82  82  LYS LYS A . n 
A 1 83  PRO 83  83  83  PRO PRO A . n 
A 1 84  TRP 84  84  84  TRP TRP A . n 
A 1 85  PHE 85  85  85  PHE PHE A . n 
A 1 86  SER 86  86  86  SER SER A . n 
A 1 87  ALA 87  87  87  ALA ALA A . n 
A 1 88  LYS 88  88  88  LYS LYS A . n 
A 1 89  TRP 89  89  89  TRP TRP A . n 
A 1 90  GLN 90  90  90  GLN GLN A . n 
A 1 91  ASP 91  91  91  ASP ASP A . n 
A 1 92  LYS 92  92  92  LYS LYS A . n 
A 1 93  VAL 93  93  93  VAL VAL A . n 
A 1 94  PHE 94  94  94  PHE PHE A . n 
A 1 95  GLY 95  95  95  GLY GLY A . n 
A 1 96  GLY 96  96  96  GLY GLY A . n 
A 1 97  PHE 97  97  97  PHE PHE A . n 
A 1 98  THR 98  98  98  THR THR A . n 
A 1 99  ASN 99  99  99  ASN ASN A . n 
A 1 100 SER 100 100 100 SER SER A . n 
A 1 101 ALA 101 101 101 ALA ALA A . n 
A 1 102 SER 102 102 102 SER SER A . n 
A 1 103 LEU 103 103 103 LEU LEU A . n 
A 1 104 ASN 104 104 104 ASN ASN A . n 
A 1 105 GLY 105 105 105 GLY GLY A . n 
A 1 106 ASP 106 106 106 ASP ASP A . n 
A 1 107 LYS 107 107 107 LYS LYS A . n 
A 1 108 LEU 108 108 108 LEU LEU A . n 
A 1 109 ASN 109 109 109 ASN ASN A . n 
A 1 110 THR 110 110 110 THR THR A . n 
A 1 111 LEU 111 111 111 LEU LEU A . n 
A 1 112 GLN 112 112 112 GLN GLN A . n 
A 1 113 TYR 113 113 113 TYR TYR A . n 
A 1 114 LEU 114 114 114 LEU LEU A . n 
A 1 115 VAL 115 115 115 VAL VAL A . n 
A 1 116 LEU 116 116 116 LEU LEU A . n 
A 1 117 LEU 117 117 117 LEU LEU A . n 
A 1 118 ALA 118 118 118 ALA ALA A . n 
A 1 119 GLY 119 119 119 GLY GLY A . n 
A 1 120 GLN 120 120 120 GLN GLN A . n 
A 1 121 HIS 121 121 121 HIS HIS A . n 
A 1 122 GLY 122 122 122 GLY GLY A . n 
A 1 123 GLY 123 123 123 GLY GLY A . n 
A 1 124 LEU 124 124 124 LEU LEU A . n 
A 1 125 TRP 125 125 125 TRP TRP A . n 
A 1 126 VAL 126 126 126 VAL VAL A . n 
A 1 127 SER 127 127 127 SER SER A . n 
A 1 128 LEU 128 128 128 LEU LEU A . n 
A 1 129 GLY 129 129 129 GLY GLY A . n 
A 1 130 ILE 130 130 ?   ?   ?   A . n 
A 1 131 LYS 131 131 ?   ?   ?   A . n 
A 1 132 PRO 132 132 ?   ?   ?   A . n 
A 1 133 SER 133 133 ?   ?   ?   A . n 
A 1 134 ASN 134 134 ?   ?   ?   A . n 
A 1 135 LEU 135 135 ?   ?   ?   A . n 
A 1 136 LYS 136 136 ?   ?   ?   A . n 
A 1 137 SER 137 137 ?   ?   ?   A . n 
A 1 138 SER 138 138 ?   ?   ?   A . n 
A 1 139 VAL 139 139 ?   ?   ?   A . n 
A 1 140 ARG 140 140 ?   ?   ?   A . n 
A 1 141 ASN 141 141 ?   ?   ?   A . n 
A 1 142 ASP 142 142 ?   ?   ?   A . n 
A 1 143 ALA 143 143 ?   ?   ?   A . n 
A 1 144 ASN 144 144 ?   ?   ?   A . n 
A 1 145 ARG 145 145 ?   ?   ?   A . n 
A 1 146 MSE 146 146 ?   ?   ?   A . n 
A 1 147 GLY 147 147 ?   ?   ?   A . n 
A 1 148 SER 148 148 ?   ?   ?   A . n 
A 1 149 TYR 149 149 149 TYR TYR A . n 
A 1 150 ILE 150 150 150 ILE ILE A . n 
A 1 151 ALA 151 151 151 ALA ALA A . n 
A 1 152 PRO 152 152 152 PRO PRO A . n 
A 1 153 MSE 153 153 153 MSE MSE A . n 
A 1 154 ALA 154 154 154 ALA ALA A . n 
A 1 155 GLN 155 155 155 GLN GLN A . n 
A 1 156 SER 156 156 156 SER SER A . n 
A 1 157 ASP 157 157 ?   ?   ?   A . n 
A 1 158 ALA 158 158 ?   ?   ?   A . n 
A 1 159 ASP 159 159 ?   ?   ?   A . n 
A 1 160 ALA 160 160 ?   ?   ?   A . n 
A 1 161 ALA 161 161 ?   ?   ?   A . n 
A 1 162 PRO 162 162 ?   ?   ?   A . n 
A 1 163 GLU 163 163 ?   ?   ?   A . n 
A 1 164 GLU 164 164 164 GLU GLU A . n 
A 1 165 MSE 165 165 165 MSE MSE A . n 
A 1 166 SER 166 166 166 SER SER A . n 
A 1 167 VAL 167 167 167 VAL VAL A . n 
A 1 168 GLY 168 168 168 GLY GLY A . n 
A 1 169 ASP 169 169 169 ASP ASP A . n 
A 1 170 LEU 170 170 170 LEU LEU A . n 
A 1 171 GLU 171 171 171 GLU GLU A . n 
A 1 172 THR 172 172 172 THR THR A . n 
A 1 173 ALA 173 173 173 ALA ALA A . n 
A 1 174 ARG 174 174 174 ARG ARG A . n 
A 1 175 LEU 175 175 175 LEU LEU A . n 
A 1 176 TYR 176 176 176 TYR TYR A . n 
A 1 177 GLY 177 177 177 GLY GLY A . n 
A 1 178 ALA 178 178 178 ALA ALA A . n 
A 1 179 ARG 179 179 179 ARG ARG A . n 
A 1 180 VAL 180 180 180 VAL VAL A . n 
A 1 181 ALA 181 181 181 ALA ALA A . n 
A 1 182 ASN 182 182 182 ASN ASN A . n 
A 1 183 VAL 183 183 183 VAL VAL A . n 
A 1 184 ALA 184 184 184 ALA ALA A . n 
A 1 185 ARG 185 185 185 ARG ARG A . n 
A 1 186 GLN 186 186 186 GLN GLN A . n 
A 1 187 HIS 187 187 187 HIS HIS A . n 
A 1 188 LYS 188 188 188 LYS LYS A . n 
A 1 189 SER 189 189 ?   ?   ?   A . n 
A 1 190 THR 190 190 ?   ?   ?   A . n 
A 1 191 GLU 191 191 ?   ?   ?   A . n 
A 1 192 ARG 192 192 ?   ?   ?   A . n 
A 1 193 VAL 193 193 ?   ?   ?   A . n 
# 
loop_
_pdbx_nonpoly_scheme.asym_id 
_pdbx_nonpoly_scheme.entity_id 
_pdbx_nonpoly_scheme.mon_id 
_pdbx_nonpoly_scheme.ndb_seq_num 
_pdbx_nonpoly_scheme.pdb_seq_num 
_pdbx_nonpoly_scheme.auth_seq_num 
_pdbx_nonpoly_scheme.pdb_mon_id 
_pdbx_nonpoly_scheme.auth_mon_id 
_pdbx_nonpoly_scheme.pdb_strand_id 
_pdbx_nonpoly_scheme.pdb_ins_code 
B 2 HOH 1  194 1  HOH HOH A . 
B 2 HOH 2  195 3  HOH HOH A . 
B 2 HOH 3  196 4  HOH HOH A . 
B 2 HOH 4  197 5  HOH HOH A . 
B 2 HOH 5  198 6  HOH HOH A . 
B 2 HOH 6  199 7  HOH HOH A . 
B 2 HOH 7  200 9  HOH HOH A . 
B 2 HOH 8  201 10 HOH HOH A . 
B 2 HOH 9  202 11 HOH HOH A . 
B 2 HOH 10 203 12 HOH HOH A . 
B 2 HOH 11 204 13 HOH HOH A . 
B 2 HOH 12 205 14 HOH HOH A . 
B 2 HOH 13 206 15 HOH HOH A . 
B 2 HOH 14 207 16 HOH HOH A . 
B 2 HOH 15 208 17 HOH HOH A . 
B 2 HOH 16 209 18 HOH HOH A . 
B 2 HOH 17 210 19 HOH HOH A . 
B 2 HOH 18 211 20 HOH HOH A . 
B 2 HOH 19 212 21 HOH HOH A . 
B 2 HOH 20 213 22 HOH HOH A . 
B 2 HOH 21 214 24 HOH HOH A . 
B 2 HOH 22 215 25 HOH HOH A . 
B 2 HOH 23 216 26 HOH HOH A . 
B 2 HOH 24 217 27 HOH HOH A . 
B 2 HOH 25 218 30 HOH HOH A . 
B 2 HOH 26 219 31 HOH HOH A . 
B 2 HOH 27 220 32 HOH HOH A . 
# 
loop_
_software.name 
_software.classification 
_software.version 
_software.citation_id 
_software.pdbx_ordinal 
REFMAC      refinement        5.2.0019 ? 1 
SBC-Collect 'data collection' .        ? 2 
HKL-2000    'data reduction'  .        ? 3 
HKL-2000    'data scaling'    .        ? 4 
HKL-3000    phasing           .        ? 5 
# 
_cell.entry_id           3D7N 
_cell.length_a           73.948 
_cell.length_b           73.948 
_cell.length_c           144.488 
_cell.angle_alpha        90.00 
_cell.angle_beta         90.00 
_cell.angle_gamma        120.00 
_cell.Z_PDB              12 
_cell.pdbx_unique_axis   ? 
_cell.length_a_esd       ? 
_cell.length_b_esd       ? 
_cell.length_c_esd       ? 
_cell.angle_alpha_esd    ? 
_cell.angle_beta_esd     ? 
_cell.angle_gamma_esd    ? 
# 
_symmetry.entry_id                         3D7N 
_symmetry.space_group_name_H-M             'P 62 2 2' 
_symmetry.pdbx_full_space_group_name_H-M   ? 
_symmetry.cell_setting                     ? 
_symmetry.Int_Tables_number                180 
_symmetry.space_group_name_Hall            ? 
# 
_exptl.entry_id          3D7N 
_exptl.method            'X-RAY DIFFRACTION' 
_exptl.crystals_number   1 
# 
_exptl_crystal.id                    1 
_exptl_crystal.density_meas          ? 
_exptl_crystal.density_Matthews      2.72 
_exptl_crystal.density_percent_sol   54.82 
_exptl_crystal.description           ? 
_exptl_crystal.F_000                 ? 
_exptl_crystal.preparation           ? 
# 
_exptl_crystal_grow.crystal_id      1 
_exptl_crystal_grow.method          'VAPOR DIFFUSION, SITTING DROP' 
_exptl_crystal_grow.temp            298 
_exptl_crystal_grow.temp_details    ? 
_exptl_crystal_grow.pH              7.5 
_exptl_crystal_grow.pdbx_details    '0.1M Hepes, 0.2M NaCl, 25%PEG3350, pH 7.5, VAPOR DIFFUSION, SITTING DROP, temperature 298K' 
_exptl_crystal_grow.pdbx_pH_range   . 
# 
_diffrn.id                     1 
_diffrn.ambient_temp           100 
_diffrn.ambient_temp_details   ? 
_diffrn.crystal_id             1 
# 
_diffrn_detector.diffrn_id              1 
_diffrn_detector.detector               CCD 
_diffrn_detector.type                   SBC-2 
_diffrn_detector.pdbx_collection_date   2006-11-22 
_diffrn_detector.details                mirrors 
# 
_diffrn_radiation.diffrn_id                        1 
_diffrn_radiation.wavelength_id                    1 
_diffrn_radiation.pdbx_monochromatic_or_laue_m_l   M 
_diffrn_radiation.monochromator                    'Si 111 channel' 
_diffrn_radiation.pdbx_diffrn_protocol             'SINGLE WAVELENGTH' 
_diffrn_radiation.pdbx_scattering_type             x-ray 
# 
_diffrn_radiation_wavelength.id           1 
_diffrn_radiation_wavelength.wavelength   0.9794 
_diffrn_radiation_wavelength.wt           1.0 
# 
_diffrn_source.diffrn_id                   1 
_diffrn_source.source                      SYNCHROTRON 
_diffrn_source.type                        'APS BEAMLINE 19-BM' 
_diffrn_source.pdbx_synchrotron_site       APS 
_diffrn_source.pdbx_synchrotron_beamline   19-BM 
_diffrn_source.pdbx_wavelength             ? 
_diffrn_source.pdbx_wavelength_list        0.9794 
# 
_reflns.entry_id                     3D7N 
_reflns.observed_criterion_sigma_F   2.0 
_reflns.observed_criterion_sigma_I   2.0 
_reflns.d_resolution_high            2.3 
_reflns.d_resolution_low             58.52 
_reflns.number_all                   10480 
_reflns.number_obs                   10224 
_reflns.percent_possible_obs         97.56 
_reflns.pdbx_Rmerge_I_obs            0.097 
_reflns.pdbx_Rsym_value              ? 
_reflns.pdbx_netI_over_sigmaI        35.0 
_reflns.B_iso_Wilson_estimate        48.1 
_reflns.pdbx_redundancy              24.7 
_reflns.R_free_details               ? 
_reflns.limit_h_max                  ? 
_reflns.limit_h_min                  ? 
_reflns.limit_k_max                  ? 
_reflns.limit_k_min                  ? 
_reflns.limit_l_max                  ? 
_reflns.limit_l_min                  ? 
_reflns.observed_criterion_F_max     ? 
_reflns.observed_criterion_F_min     ? 
_reflns.pdbx_chi_squared             ? 
_reflns.pdbx_scaling_rejects         ? 
_reflns.pdbx_ordinal                 1 
_reflns.pdbx_diffrn_id               1 
# 
_reflns_shell.d_res_high             2.3 
_reflns_shell.d_res_low              2.36 
_reflns_shell.percent_possible_all   92.32 
_reflns_shell.Rmerge_I_obs           0.65 
_reflns_shell.pdbx_Rsym_value        ? 
_reflns_shell.meanI_over_sigI_obs    1.45 
_reflns_shell.pdbx_redundancy        17.3 
_reflns_shell.percent_possible_obs   ? 
_reflns_shell.number_unique_all      781 
_reflns_shell.number_measured_all    ? 
_reflns_shell.number_measured_obs    ? 
_reflns_shell.number_unique_obs      ? 
_reflns_shell.pdbx_chi_squared       ? 
_reflns_shell.pdbx_ordinal           1 
_reflns_shell.pdbx_diffrn_id         1 
# 
_refine.entry_id                                 3D7N 
_refine.ls_number_reflns_obs                     10224 
_refine.ls_number_reflns_all                     10480 
_refine.pdbx_ls_sigma_I                          0 
_refine.pdbx_ls_sigma_F                          0 
_refine.pdbx_data_cutoff_high_absF               ? 
_refine.pdbx_data_cutoff_low_absF                ? 
_refine.pdbx_data_cutoff_high_rms_absF           ? 
_refine.ls_d_res_low                             58.52 
_refine.ls_d_res_high                            2.30 
_refine.ls_percent_reflns_obs                    97.56 
_refine.ls_R_factor_obs                          0.20954 
_refine.ls_R_factor_all                          ? 
_refine.ls_R_factor_R_work                       0.20748 
_refine.ls_R_factor_R_free                       0.25378 
_refine.ls_R_factor_R_free_error                 ? 
_refine.ls_R_factor_R_free_error_details         ? 
_refine.ls_percent_reflns_R_free                 4.8 
_refine.ls_number_reflns_R_free                  514 
_refine.ls_number_parameters                     ? 
_refine.ls_number_restraints                     ? 
_refine.occupancy_min                            ? 
_refine.occupancy_max                            ? 
_refine.correlation_coeff_Fo_to_Fc               0.953 
_refine.correlation_coeff_Fo_to_Fc_free          0.940 
_refine.B_iso_mean                               47.774 
_refine.aniso_B[1][1]                            2.56 
_refine.aniso_B[2][2]                            2.56 
_refine.aniso_B[3][3]                            -3.84 
_refine.aniso_B[1][2]                            1.28 
_refine.aniso_B[1][3]                            0.00 
_refine.aniso_B[2][3]                            0.00 
_refine.solvent_model_details                    MASK 
_refine.solvent_model_param_ksol                 ? 
_refine.solvent_model_param_bsol                 ? 
_refine.pdbx_solvent_vdw_probe_radii             1.20 
_refine.pdbx_solvent_ion_probe_radii             0.80 
_refine.pdbx_solvent_shrinkage_radii             0.80 
_refine.pdbx_ls_cross_valid_method               THROUGHOUT 
_refine.details                                  'HYDROGENS HAVE BEEN ADDED IN THE RIDING POSITIONS' 
_refine.pdbx_starting_model                      ? 
_refine.pdbx_method_to_determine_struct          SAD 
_refine.pdbx_isotropic_thermal_model             ? 
_refine.pdbx_stereochemistry_target_values       'MAXIMUM LIKELIHOOD WITH PHASES' 
_refine.pdbx_stereochem_target_val_spec_case     ? 
_refine.pdbx_R_Free_selection_details            RANDOM 
_refine.pdbx_overall_ESU_R                       0.233 
_refine.pdbx_overall_ESU_R_Free                  0.206 
_refine.overall_SU_ML                            0.155 
_refine.overall_SU_B                             14.067 
_refine.ls_redundancy_reflns_obs                 ? 
_refine.B_iso_min                                ? 
_refine.B_iso_max                                ? 
_refine.overall_SU_R_Cruickshank_DPI             ? 
_refine.overall_SU_R_free                        ? 
_refine.ls_wR_factor_R_free                      ? 
_refine.ls_wR_factor_R_work                      ? 
_refine.overall_FOM_free_R_set                   ? 
_refine.overall_FOM_work_R_set                   ? 
_refine.pdbx_overall_phase_error                 ? 
_refine.pdbx_refine_id                           'X-RAY DIFFRACTION' 
_refine.pdbx_TLS_residual_ADP_flag               'LIKELY RESIDUAL' 
_refine.pdbx_diffrn_id                           1 
_refine.pdbx_overall_SU_R_free_Cruickshank_DPI   ? 
_refine.pdbx_overall_SU_R_Blow_DPI               ? 
_refine.pdbx_overall_SU_R_free_Blow_DPI          ? 
# 
_refine_hist.pdbx_refine_id                   'X-RAY DIFFRACTION' 
_refine_hist.cycle_id                         LAST 
_refine_hist.pdbx_number_atoms_protein        1187 
_refine_hist.pdbx_number_atoms_nucleic_acid   0 
_refine_hist.pdbx_number_atoms_ligand         0 
_refine_hist.number_atoms_solvent             27 
_refine_hist.number_atoms_total               1214 
_refine_hist.d_res_high                       2.30 
_refine_hist.d_res_low                        58.52 
# 
loop_
_refine_ls_restr.type 
_refine_ls_restr.dev_ideal 
_refine_ls_restr.dev_ideal_target 
_refine_ls_restr.weight 
_refine_ls_restr.number 
_refine_ls_restr.pdbx_refine_id 
_refine_ls_restr.pdbx_restraint_function 
r_bond_refined_d         0.019  0.021  ? 1217 'X-RAY DIFFRACTION' ? 
r_bond_other_d           0.001  0.020  ? 785  'X-RAY DIFFRACTION' ? 
r_angle_refined_deg      1.766  1.916  ? 1649 'X-RAY DIFFRACTION' ? 
r_angle_other_deg        1.055  3.000  ? 1906 'X-RAY DIFFRACTION' ? 
r_dihedral_angle_1_deg   8.411  5.000  ? 154  'X-RAY DIFFRACTION' ? 
r_dihedral_angle_2_deg   35.046 24.259 ? 54   'X-RAY DIFFRACTION' ? 
r_dihedral_angle_3_deg   18.403 15.000 ? 181  'X-RAY DIFFRACTION' ? 
r_dihedral_angle_4_deg   12.624 15.000 ? 4    'X-RAY DIFFRACTION' ? 
r_chiral_restr           0.113  0.200  ? 175  'X-RAY DIFFRACTION' ? 
r_gen_planes_refined     0.007  0.020  ? 1386 'X-RAY DIFFRACTION' ? 
r_gen_planes_other       0.001  0.020  ? 257  'X-RAY DIFFRACTION' ? 
r_nbd_refined            0.236  0.200  ? 289  'X-RAY DIFFRACTION' ? 
r_nbd_other              0.202  0.200  ? 768  'X-RAY DIFFRACTION' ? 
r_nbtor_refined          0.189  0.200  ? 591  'X-RAY DIFFRACTION' ? 
r_nbtor_other            0.098  0.200  ? 595  'X-RAY DIFFRACTION' ? 
r_xyhbond_nbd_refined    0.227  0.200  ? 39   'X-RAY DIFFRACTION' ? 
r_xyhbond_nbd_other      0.027  0.200  ? 1    'X-RAY DIFFRACTION' ? 
r_symmetry_vdw_refined   0.170  0.200  ? 15   'X-RAY DIFFRACTION' ? 
r_symmetry_vdw_other     0.257  0.200  ? 36   'X-RAY DIFFRACTION' ? 
r_symmetry_hbond_refined 0.115  0.200  ? 5    'X-RAY DIFFRACTION' ? 
r_mcbond_it              1.410  1.500  ? 926  'X-RAY DIFFRACTION' ? 
r_mcbond_other           0.222  1.500  ? 326  'X-RAY DIFFRACTION' ? 
r_mcangle_it             1.864  2.000  ? 1207 'X-RAY DIFFRACTION' ? 
r_scbond_it              2.397  3.000  ? 533  'X-RAY DIFFRACTION' ? 
r_scangle_it             3.453  4.500  ? 442  'X-RAY DIFFRACTION' ? 
# 
_refine_ls_shell.pdbx_total_number_of_bins_used   20 
_refine_ls_shell.d_res_high                       2.300 
_refine_ls_shell.d_res_low                        2.360 
_refine_ls_shell.number_reflns_R_work             678 
_refine_ls_shell.R_factor_R_work                  0.262 
_refine_ls_shell.percent_reflns_obs               92.32 
_refine_ls_shell.R_factor_R_free                  0.324 
_refine_ls_shell.R_factor_R_free_error            ? 
_refine_ls_shell.percent_reflns_R_free            ? 
_refine_ls_shell.number_reflns_R_free             43 
_refine_ls_shell.number_reflns_all                ? 
_refine_ls_shell.R_factor_all                     ? 
_refine_ls_shell.number_reflns_obs                721 
_refine_ls_shell.redundancy_reflns_obs            ? 
_refine_ls_shell.pdbx_refine_id                   'X-RAY DIFFRACTION' 
# 
_struct.entry_id                  3D7N 
_struct.title                     'The crystal structure of the flavodoxin, WrbA-like protein from Agrobacterium tumefaciens' 
_struct.pdbx_model_details        ? 
_struct.pdbx_CASP_flag            Y 
_struct.pdbx_model_type_details   ? 
# 
_struct_keywords.entry_id        3D7N 
_struct_keywords.pdbx_keywords   'ELECTRON TRANSPORT' 
_struct_keywords.text            
;flavodoxin, WrbA-like protein, structural genomics, PSI, MCSG, Protein Structure Initiative, Midwest Center for Structural Genomics, ELECTRON TRANSPORT
;
# 
loop_
_struct_asym.id 
_struct_asym.pdbx_blank_PDB_chainid_flag 
_struct_asym.pdbx_modified 
_struct_asym.entity_id 
_struct_asym.details 
A N N 1 ? 
B N N 2 ? 
# 
_struct_ref.id                         1 
_struct_ref.db_name                    UNP 
_struct_ref.db_code                    A9CG77_AGRT5 
_struct_ref.pdbx_db_accession          A9CG77 
_struct_ref.entity_id                  1 
_struct_ref.pdbx_seq_one_letter_code   
;MTTNSSSNTVVVYHSGYGHTHRMAEAVAEGAEATLHAIDAEGNLSEDGWAALDAADAIIFGTPTYMGGPSWQFKKFADAS
SKPWFSAKWQDKVFGGFTNSASLNGDKLNTLQYLVLLAGQHGGLWVSLGIKPSNLKSSVRNDANRMGSYIAPMAQSDADA
APEEMSVGDLETARLYGARVANVARQHKSTERV
;
_struct_ref.pdbx_align_begin           1 
_struct_ref.pdbx_db_isoform            ? 
# 
_struct_ref_seq.align_id                      1 
_struct_ref_seq.ref_id                        1 
_struct_ref_seq.pdbx_PDB_id_code              3D7N 
_struct_ref_seq.pdbx_strand_id                A 
_struct_ref_seq.seq_align_beg                 1 
_struct_ref_seq.pdbx_seq_align_beg_ins_code   ? 
_struct_ref_seq.seq_align_end                 193 
_struct_ref_seq.pdbx_seq_align_end_ins_code   ? 
_struct_ref_seq.pdbx_db_accession             A9CG77 
_struct_ref_seq.db_align_beg                  1 
_struct_ref_seq.pdbx_db_align_beg_ins_code    ? 
_struct_ref_seq.db_align_end                  193 
_struct_ref_seq.pdbx_db_align_end_ins_code    ? 
_struct_ref_seq.pdbx_auth_seq_align_beg       1 
_struct_ref_seq.pdbx_auth_seq_align_end       193 
# 
_pdbx_struct_assembly.id                   1 
_pdbx_struct_assembly.details              author_and_software_defined_assembly 
_pdbx_struct_assembly.method_details       PISA 
_pdbx_struct_assembly.oligomeric_details   tetrameric 
_pdbx_struct_assembly.oligomeric_count     4 
# 
loop_
_pdbx_struct_assembly_prop.biol_id 
_pdbx_struct_assembly_prop.type 
_pdbx_struct_assembly_prop.value 
_pdbx_struct_assembly_prop.details 
1 'ABSA (A^2)' 8910  ? 
1 MORE         -55   ? 
1 'SSA (A^2)'  21570 ? 
# 
_pdbx_struct_assembly_gen.assembly_id       1 
_pdbx_struct_assembly_gen.oper_expression   1,2,3,4 
_pdbx_struct_assembly_gen.asym_id_list      A,B 
# 
loop_
_pdbx_struct_oper_list.id 
_pdbx_struct_oper_list.type 
_pdbx_struct_oper_list.name 
_pdbx_struct_oper_list.symmetry_operation 
_pdbx_struct_oper_list.matrix[1][1] 
_pdbx_struct_oper_list.matrix[1][2] 
_pdbx_struct_oper_list.matrix[1][3] 
_pdbx_struct_oper_list.vector[1] 
_pdbx_struct_oper_list.matrix[2][1] 
_pdbx_struct_oper_list.matrix[2][2] 
_pdbx_struct_oper_list.matrix[2][3] 
_pdbx_struct_oper_list.vector[2] 
_pdbx_struct_oper_list.matrix[3][1] 
_pdbx_struct_oper_list.matrix[3][2] 
_pdbx_struct_oper_list.matrix[3][3] 
_pdbx_struct_oper_list.vector[3] 
1 'identity operation'         1_555  x,y,z         1.0000000000  0.0000000000  0.0000000000  0.0000000000   0.0000000000  1.0000000000  0.0000000000  0.0000000000   0.0000000000  0.0000000000  1.0000000000  0.0000000000   
2 'crystal symmetry operation' 4_655  -x+1,-y,z     -0.8793877858 0.3734437512  0.2953250529  -33.2789716744 0.3734437512  0.1562695887  0.9143957460  9.8880568507   0.2953250529  0.9143957460  -0.2768818029 1.0876741214   
3 'crystal symmetry operation' 8_556  x-y,-y,-z+1   0.1075931422  0.3715376181  -0.9221624120 -19.1829179064 0.3715376181  -0.8753692160 -0.3093356333 6.3387361991   -0.9221624120 -0.3093356333 -0.2322239262 -20.4864014461 
4 'crystal symmetry operation' 11_656 -x+y+1,y,-z+1 -0.2282053564 -0.7449813693 0.6268373591  -20.0927341383 -0.7449813693 -0.2809003727 -0.6050601127 -15.0178106056 0.6268373591  -0.6050601127 -0.4908942709 6.8909030594 
# 
_struct_biol.id        1 
_struct_biol.details   
;This protein exists as tetramer. The rest part of the biological assembly is generated 
by the operations:x-y,-y,-z+1; -x+1,-y,z; -x+y+1,y,-z+1
;
# 
loop_
_struct_conf.conf_type_id 
_struct_conf.id 
_struct_conf.pdbx_PDB_helix_id 
_struct_conf.beg_label_comp_id 
_struct_conf.beg_label_asym_id 
_struct_conf.beg_label_seq_id 
_struct_conf.pdbx_beg_PDB_ins_code 
_struct_conf.end_label_comp_id 
_struct_conf.end_label_asym_id 
_struct_conf.end_label_seq_id 
_struct_conf.pdbx_end_PDB_ins_code 
_struct_conf.beg_auth_comp_id 
_struct_conf.beg_auth_asym_id 
_struct_conf.beg_auth_seq_id 
_struct_conf.end_auth_comp_id 
_struct_conf.end_auth_asym_id 
_struct_conf.end_auth_seq_id 
_struct_conf.pdbx_PDB_helix_class 
_struct_conf.details 
_struct_conf.pdbx_PDB_helix_length 
HELX_P HELX_P1 1 GLY A 18  ? GLU A 32  ? GLY A 18  GLU A 32  1 ? 15 
HELX_P HELX_P2 2 SER A 45  ? ALA A 55  ? SER A 45  ALA A 55  1 ? 11 
HELX_P HELX_P3 3 SER A 70  ? SER A 80  ? SER A 70  SER A 80  1 ? 11 
HELX_P HELX_P4 4 SER A 80  ? SER A 86  ? SER A 80  SER A 86  1 ? 7  
HELX_P HELX_P5 5 LEU A 103 ? HIS A 121 ? LEU A 103 HIS A 121 1 ? 19 
HELX_P HELX_P6 6 SER A 166 ? HIS A 187 ? SER A 166 HIS A 187 1 ? 22 
# 
_struct_conf_type.id          HELX_P 
_struct_conf_type.criteria    ? 
_struct_conf_type.reference   ? 
# 
loop_
_struct_conn.id 
_struct_conn.conn_type_id 
_struct_conn.pdbx_leaving_atom_flag 
_struct_conn.pdbx_PDB_id 
_struct_conn.ptnr1_label_asym_id 
_struct_conn.ptnr1_label_comp_id 
_struct_conn.ptnr1_label_seq_id 
_struct_conn.ptnr1_label_atom_id 
_struct_conn.pdbx_ptnr1_label_alt_id 
_struct_conn.pdbx_ptnr1_PDB_ins_code 
_struct_conn.pdbx_ptnr1_standard_comp_id 
_struct_conn.ptnr1_symmetry 
_struct_conn.ptnr2_label_asym_id 
_struct_conn.ptnr2_label_comp_id 
_struct_conn.ptnr2_label_seq_id 
_struct_conn.ptnr2_label_atom_id 
_struct_conn.pdbx_ptnr2_label_alt_id 
_struct_conn.pdbx_ptnr2_PDB_ins_code 
_struct_conn.ptnr1_auth_asym_id 
_struct_conn.ptnr1_auth_comp_id 
_struct_conn.ptnr1_auth_seq_id 
_struct_conn.ptnr2_auth_asym_id 
_struct_conn.ptnr2_auth_comp_id 
_struct_conn.ptnr2_auth_seq_id 
_struct_conn.ptnr2_symmetry 
_struct_conn.pdbx_ptnr3_label_atom_id 
_struct_conn.pdbx_ptnr3_label_seq_id 
_struct_conn.pdbx_ptnr3_label_comp_id 
_struct_conn.pdbx_ptnr3_label_asym_id 
_struct_conn.pdbx_ptnr3_label_alt_id 
_struct_conn.pdbx_ptnr3_PDB_ins_code 
_struct_conn.details 
_struct_conn.pdbx_dist_value 
_struct_conn.pdbx_value_order 
_struct_conn.pdbx_role 
covale1 covale both ? A ARG 22  C ? ? ? 1_555 A MSE 23  N ? ? A ARG 22  A MSE 23  1_555 ? ? ? ? ? ? ? 1.321 ? ? 
covale2 covale both ? A MSE 23  C ? ? ? 1_555 A ALA 24  N ? ? A MSE 23  A ALA 24  1_555 ? ? ? ? ? ? ? 1.327 ? ? 
covale3 covale both ? A TYR 65  C ? ? ? 1_555 A MSE 66  N ? ? A TYR 65  A MSE 66  1_555 ? ? ? ? ? ? ? 1.310 ? ? 
covale4 covale both ? A MSE 66  C ? ? ? 1_555 A GLY 67  N ? ? A MSE 66  A GLY 67  1_555 ? ? ? ? ? ? ? 1.312 ? ? 
covale5 covale both ? A PRO 152 C ? ? ? 1_555 A MSE 153 N ? ? A PRO 152 A MSE 153 1_555 ? ? ? ? ? ? ? 1.313 ? ? 
covale6 covale both ? A MSE 153 C ? ? ? 1_555 A ALA 154 N ? ? A MSE 153 A ALA 154 1_555 ? ? ? ? ? ? ? 1.313 ? ? 
covale7 covale both ? A GLU 164 C ? ? ? 1_555 A MSE 165 N ? ? A GLU 164 A MSE 165 1_555 ? ? ? ? ? ? ? 1.333 ? ? 
covale8 covale both ? A MSE 165 C ? ? ? 1_555 A SER 166 N ? ? A MSE 165 A SER 166 1_555 ? ? ? ? ? ? ? 1.319 ? ? 
# 
_struct_conn_type.id          covale 
_struct_conn_type.criteria    ? 
_struct_conn_type.reference   ? 
# 
loop_
_pdbx_modification_feature.ordinal 
_pdbx_modification_feature.label_comp_id 
_pdbx_modification_feature.label_asym_id 
_pdbx_modification_feature.label_seq_id 
_pdbx_modification_feature.label_alt_id 
_pdbx_modification_feature.modified_residue_label_comp_id 
_pdbx_modification_feature.modified_residue_label_asym_id 
_pdbx_modification_feature.modified_residue_label_seq_id 
_pdbx_modification_feature.modified_residue_label_alt_id 
_pdbx_modification_feature.auth_comp_id 
_pdbx_modification_feature.auth_asym_id 
_pdbx_modification_feature.auth_seq_id 
_pdbx_modification_feature.PDB_ins_code 
_pdbx_modification_feature.symmetry 
_pdbx_modification_feature.modified_residue_auth_comp_id 
_pdbx_modification_feature.modified_residue_auth_asym_id 
_pdbx_modification_feature.modified_residue_auth_seq_id 
_pdbx_modification_feature.modified_residue_PDB_ins_code 
_pdbx_modification_feature.modified_residue_symmetry 
_pdbx_modification_feature.comp_id_linking_atom 
_pdbx_modification_feature.modified_residue_id_linking_atom 
_pdbx_modification_feature.modified_residue_id 
_pdbx_modification_feature.ref_pcm_id 
_pdbx_modification_feature.ref_comp_id 
_pdbx_modification_feature.type 
_pdbx_modification_feature.category 
1 MSE A 23  ? . . . . MSE A 23  ? 1_555 . . . . . . . MET 1 MSE Selenomethionine 'Named protein modification' 
2 MSE A 66  ? . . . . MSE A 66  ? 1_555 . . . . . . . MET 1 MSE Selenomethionine 'Named protein modification' 
3 MSE A 153 ? . . . . MSE A 153 ? 1_555 . . . . . . . MET 1 MSE Selenomethionine 'Named protein modification' 
4 MSE A 165 ? . . . . MSE A 165 ? 1_555 . . . . . . . MET 1 MSE Selenomethionine 'Named protein modification' 
# 
loop_
_struct_sheet.id 
_struct_sheet.type 
_struct_sheet.number_strands 
_struct_sheet.details 
A ? 5 ? 
B ? 4 ? 
# 
loop_
_struct_sheet_order.sheet_id 
_struct_sheet_order.range_id_1 
_struct_sheet_order.range_id_2 
_struct_sheet_order.offset 
_struct_sheet_order.sense 
A 1 2 ? parallel      
A 2 3 ? parallel      
A 3 4 ? parallel      
A 4 5 ? parallel      
B 1 2 ? anti-parallel 
B 2 3 ? parallel      
B 3 4 ? parallel      
# 
loop_
_struct_sheet_range.sheet_id 
_struct_sheet_range.id 
_struct_sheet_range.beg_label_comp_id 
_struct_sheet_range.beg_label_asym_id 
_struct_sheet_range.beg_label_seq_id 
_struct_sheet_range.pdbx_beg_PDB_ins_code 
_struct_sheet_range.end_label_comp_id 
_struct_sheet_range.end_label_asym_id 
_struct_sheet_range.end_label_seq_id 
_struct_sheet_range.pdbx_end_PDB_ins_code 
_struct_sheet_range.beg_auth_comp_id 
_struct_sheet_range.beg_auth_asym_id 
_struct_sheet_range.beg_auth_seq_id 
_struct_sheet_range.end_auth_comp_id 
_struct_sheet_range.end_auth_asym_id 
_struct_sheet_range.end_auth_seq_id 
A 1 THR A 34  ? ALA A 37  ? THR A 34  ALA A 37  
A 2 THR A 9   ? TYR A 13  ? THR A 9   TYR A 13  
A 3 ALA A 57  ? TYR A 65  ? ALA A 57  TYR A 65  
A 4 VAL A 93  ? SER A 100 ? VAL A 93  SER A 100 
A 5 LEU A 124 ? TRP A 125 ? LEU A 124 TRP A 125 
B 1 GLY A 68  ? PRO A 69  ? GLY A 68  PRO A 69  
B 2 ALA A 57  ? TYR A 65  ? ALA A 57  TYR A 65  
B 3 VAL A 93  ? SER A 100 ? VAL A 93  SER A 100 
B 4 MSE A 153 ? GLN A 155 ? MSE A 153 GLN A 155 
# 
loop_
_pdbx_struct_sheet_hbond.sheet_id 
_pdbx_struct_sheet_hbond.range_id_1 
_pdbx_struct_sheet_hbond.range_id_2 
_pdbx_struct_sheet_hbond.range_1_label_atom_id 
_pdbx_struct_sheet_hbond.range_1_label_comp_id 
_pdbx_struct_sheet_hbond.range_1_label_asym_id 
_pdbx_struct_sheet_hbond.range_1_label_seq_id 
_pdbx_struct_sheet_hbond.range_1_PDB_ins_code 
_pdbx_struct_sheet_hbond.range_1_auth_atom_id 
_pdbx_struct_sheet_hbond.range_1_auth_comp_id 
_pdbx_struct_sheet_hbond.range_1_auth_asym_id 
_pdbx_struct_sheet_hbond.range_1_auth_seq_id 
_pdbx_struct_sheet_hbond.range_2_label_atom_id 
_pdbx_struct_sheet_hbond.range_2_label_comp_id 
_pdbx_struct_sheet_hbond.range_2_label_asym_id 
_pdbx_struct_sheet_hbond.range_2_label_seq_id 
_pdbx_struct_sheet_hbond.range_2_PDB_ins_code 
_pdbx_struct_sheet_hbond.range_2_auth_atom_id 
_pdbx_struct_sheet_hbond.range_2_auth_comp_id 
_pdbx_struct_sheet_hbond.range_2_auth_asym_id 
_pdbx_struct_sheet_hbond.range_2_auth_seq_id 
A 1 2 O THR A 34  ? O THR A 34  N VAL A 11  ? N VAL A 11  
A 2 3 N VAL A 10  ? N VAL A 10  O ILE A 59  ? O ILE A 59  
A 3 4 N PHE A 60  ? N PHE A 60  O GLY A 95  ? O GLY A 95  
A 4 5 N PHE A 94  ? N PHE A 94  O LEU A 124 ? O LEU A 124 
B 1 2 O GLY A 68  ? O GLY A 68  N TYR A 65  ? N TYR A 65  
B 2 3 N PHE A 60  ? N PHE A 60  O GLY A 95  ? O GLY A 95  
B 3 4 N SER A 100 ? N SER A 100 O ALA A 154 ? O ALA A 154 
# 
_pdbx_entry_details.entry_id                   3D7N 
_pdbx_entry_details.compound_details           ? 
_pdbx_entry_details.source_details             ? 
_pdbx_entry_details.nonpolymer_details         ? 
_pdbx_entry_details.sequence_details           ? 
_pdbx_entry_details.has_ligand_of_interest     ? 
_pdbx_entry_details.has_protein_modification   Y 
# 
_pdbx_validate_rmsd_angle.id                         1 
_pdbx_validate_rmsd_angle.PDB_model_num              1 
_pdbx_validate_rmsd_angle.auth_atom_id_1             CB 
_pdbx_validate_rmsd_angle.auth_asym_id_1             A 
_pdbx_validate_rmsd_angle.auth_comp_id_1             LEU 
_pdbx_validate_rmsd_angle.auth_seq_id_1              124 
_pdbx_validate_rmsd_angle.PDB_ins_code_1             ? 
_pdbx_validate_rmsd_angle.label_alt_id_1             ? 
_pdbx_validate_rmsd_angle.auth_atom_id_2             CG 
_pdbx_validate_rmsd_angle.auth_asym_id_2             A 
_pdbx_validate_rmsd_angle.auth_comp_id_2             LEU 
_pdbx_validate_rmsd_angle.auth_seq_id_2              124 
_pdbx_validate_rmsd_angle.PDB_ins_code_2             ? 
_pdbx_validate_rmsd_angle.label_alt_id_2             ? 
_pdbx_validate_rmsd_angle.auth_atom_id_3             CD1 
_pdbx_validate_rmsd_angle.auth_asym_id_3             A 
_pdbx_validate_rmsd_angle.auth_comp_id_3             LEU 
_pdbx_validate_rmsd_angle.auth_seq_id_3              124 
_pdbx_validate_rmsd_angle.PDB_ins_code_3             ? 
_pdbx_validate_rmsd_angle.label_alt_id_3             ? 
_pdbx_validate_rmsd_angle.angle_value                99.06 
_pdbx_validate_rmsd_angle.angle_target_value         111.00 
_pdbx_validate_rmsd_angle.angle_deviation            -11.94 
_pdbx_validate_rmsd_angle.angle_standard_deviation   1.70 
_pdbx_validate_rmsd_angle.linker_flag                N 
# 
loop_
_pdbx_validate_torsion.id 
_pdbx_validate_torsion.PDB_model_num 
_pdbx_validate_torsion.auth_comp_id 
_pdbx_validate_torsion.auth_asym_id 
_pdbx_validate_torsion.auth_seq_id 
_pdbx_validate_torsion.PDB_ins_code 
_pdbx_validate_torsion.label_alt_id 
_pdbx_validate_torsion.phi 
_pdbx_validate_torsion.psi 
1 1 TYR A 17  ? ? 95.25   -18.70  
2 1 SER A 102 ? ? -146.01 -132.35 
3 1 ASN A 104 ? ? -54.20  0.84    
4 1 MSE A 165 ? ? 171.75  151.36  
5 1 HIS A 187 ? ? -147.78 55.85   
# 
_pdbx_SG_project.id                    1 
_pdbx_SG_project.project_name          'PSI, Protein Structure Initiative' 
_pdbx_SG_project.full_name_of_center   'Midwest Center for Structural Genomics' 
_pdbx_SG_project.initial_of_center     MCSG 
# 
loop_
_pdbx_struct_mod_residue.id 
_pdbx_struct_mod_residue.label_asym_id 
_pdbx_struct_mod_residue.label_comp_id 
_pdbx_struct_mod_residue.label_seq_id 
_pdbx_struct_mod_residue.auth_asym_id 
_pdbx_struct_mod_residue.auth_comp_id 
_pdbx_struct_mod_residue.auth_seq_id 
_pdbx_struct_mod_residue.PDB_ins_code 
_pdbx_struct_mod_residue.parent_comp_id 
_pdbx_struct_mod_residue.details 
1 A MSE 23  A MSE 23  ? MET SELENOMETHIONINE 
2 A MSE 66  A MSE 66  ? MET SELENOMETHIONINE 
3 A MSE 153 A MSE 153 ? MET SELENOMETHIONINE 
4 A MSE 165 A MSE 165 ? MET SELENOMETHIONINE 
# 
_pdbx_refine_tls.id               1 
_pdbx_refine_tls.details          ? 
_pdbx_refine_tls.method           refined 
_pdbx_refine_tls.origin_x         -0.2515 
_pdbx_refine_tls.origin_y         0.0492 
_pdbx_refine_tls.origin_z         -0.6051 
_pdbx_refine_tls.T[1][1]          -0.2645 
_pdbx_refine_tls.T[2][2]          -0.0751 
_pdbx_refine_tls.T[3][3]          -0.0609 
_pdbx_refine_tls.T[1][2]          -0.0010 
_pdbx_refine_tls.T[1][3]          -0.0428 
_pdbx_refine_tls.T[2][3]          -0.1037 
_pdbx_refine_tls.L[1][1]          3.6165 
_pdbx_refine_tls.L[2][2]          3.9592 
_pdbx_refine_tls.L[3][3]          4.2765 
_pdbx_refine_tls.L[1][2]          -0.0259 
_pdbx_refine_tls.L[1][3]          1.4164 
_pdbx_refine_tls.L[2][3]          0.1721 
_pdbx_refine_tls.S[1][1]          0.0124 
_pdbx_refine_tls.S[1][2]          0.1853 
_pdbx_refine_tls.S[1][3]          0.0807 
_pdbx_refine_tls.S[2][1]          0.1514 
_pdbx_refine_tls.S[2][2]          0.1545 
_pdbx_refine_tls.S[2][3]          -0.5720 
_pdbx_refine_tls.S[3][1]          -0.0095 
_pdbx_refine_tls.S[3][2]          0.6313 
_pdbx_refine_tls.S[3][3]          -0.1670 
_pdbx_refine_tls.pdbx_refine_id   'X-RAY DIFFRACTION' 
# 
loop_
_pdbx_refine_tls_group.id 
_pdbx_refine_tls_group.refine_tls_id 
_pdbx_refine_tls_group.beg_auth_asym_id 
_pdbx_refine_tls_group.beg_auth_seq_id 
_pdbx_refine_tls_group.beg_label_asym_id 
_pdbx_refine_tls_group.beg_label_seq_id 
_pdbx_refine_tls_group.end_auth_asym_id 
_pdbx_refine_tls_group.end_auth_seq_id 
_pdbx_refine_tls_group.end_label_asym_id 
_pdbx_refine_tls_group.end_label_seq_id 
_pdbx_refine_tls_group.selection 
_pdbx_refine_tls_group.pdbx_refine_id 
_pdbx_refine_tls_group.selection_details 
1 1 A 7   A 7   A 40  A 40  ? 'X-RAY DIFFRACTION' ? 
2 1 A 41  A 41  A 80  A 80  ? 'X-RAY DIFFRACTION' ? 
3 1 A 81  A 81  A 129 A 129 ? 'X-RAY DIFFRACTION' ? 
4 1 A 149 A 149 A 156 A 156 ? 'X-RAY DIFFRACTION' ? 
5 1 A 165 A 165 A 187 A 187 ? 'X-RAY DIFFRACTION' ? 
# 
loop_
_pdbx_unobs_or_zero_occ_residues.id 
_pdbx_unobs_or_zero_occ_residues.PDB_model_num 
_pdbx_unobs_or_zero_occ_residues.polymer_flag 
_pdbx_unobs_or_zero_occ_residues.occupancy_flag 
_pdbx_unobs_or_zero_occ_residues.auth_asym_id 
_pdbx_unobs_or_zero_occ_residues.auth_comp_id 
_pdbx_unobs_or_zero_occ_residues.auth_seq_id 
_pdbx_unobs_or_zero_occ_residues.PDB_ins_code 
_pdbx_unobs_or_zero_occ_residues.label_asym_id 
_pdbx_unobs_or_zero_occ_residues.label_comp_id 
_pdbx_unobs_or_zero_occ_residues.label_seq_id 
1  1 Y 1 A MSE 1   ? A MSE 1   
2  1 Y 1 A THR 2   ? A THR 2   
3  1 Y 1 A THR 3   ? A THR 3   
4  1 Y 1 A ASN 4   ? A ASN 4   
5  1 Y 1 A SER 5   ? A SER 5   
6  1 Y 1 A ILE 130 ? A ILE 130 
7  1 Y 1 A LYS 131 ? A LYS 131 
8  1 Y 1 A PRO 132 ? A PRO 132 
9  1 Y 1 A SER 133 ? A SER 133 
10 1 Y 1 A ASN 134 ? A ASN 134 
11 1 Y 1 A LEU 135 ? A LEU 135 
12 1 Y 1 A LYS 136 ? A LYS 136 
13 1 Y 1 A SER 137 ? A SER 137 
14 1 Y 1 A SER 138 ? A SER 138 
15 1 Y 1 A VAL 139 ? A VAL 139 
16 1 Y 1 A ARG 140 ? A ARG 140 
17 1 Y 1 A ASN 141 ? A ASN 141 
18 1 Y 1 A ASP 142 ? A ASP 142 
19 1 Y 1 A ALA 143 ? A ALA 143 
20 1 Y 1 A ASN 144 ? A ASN 144 
21 1 Y 1 A ARG 145 ? A ARG 145 
22 1 Y 1 A MSE 146 ? A MSE 146 
23 1 Y 1 A GLY 147 ? A GLY 147 
24 1 Y 1 A SER 148 ? A SER 148 
25 1 Y 1 A ASP 157 ? A ASP 157 
26 1 Y 1 A ALA 158 ? A ALA 158 
27 1 Y 1 A ASP 159 ? A ASP 159 
28 1 Y 1 A ALA 160 ? A ALA 160 
29 1 Y 1 A ALA 161 ? A ALA 161 
30 1 Y 1 A PRO 162 ? A PRO 162 
31 1 Y 1 A GLU 163 ? A GLU 163 
32 1 Y 1 A SER 189 ? A SER 189 
33 1 Y 1 A THR 190 ? A THR 190 
34 1 Y 1 A GLU 191 ? A GLU 191 
35 1 Y 1 A ARG 192 ? A ARG 192 
36 1 Y 1 A VAL 193 ? A VAL 193 
# 
loop_
_chem_comp_atom.comp_id 
_chem_comp_atom.atom_id 
_chem_comp_atom.type_symbol 
_chem_comp_atom.pdbx_aromatic_flag 
_chem_comp_atom.pdbx_stereo_config 
_chem_comp_atom.pdbx_ordinal 
ALA N    N  N N 1   
ALA CA   C  N S 2   
ALA C    C  N N 3   
ALA O    O  N N 4   
ALA CB   C  N N 5   
ALA OXT  O  N N 6   
ALA H    H  N N 7   
ALA H2   H  N N 8   
ALA HA   H  N N 9   
ALA HB1  H  N N 10  
ALA HB2  H  N N 11  
ALA HB3  H  N N 12  
ALA HXT  H  N N 13  
ARG N    N  N N 14  
ARG CA   C  N S 15  
ARG C    C  N N 16  
ARG O    O  N N 17  
ARG CB   C  N N 18  
ARG CG   C  N N 19  
ARG CD   C  N N 20  
ARG NE   N  N N 21  
ARG CZ   C  N N 22  
ARG NH1  N  N N 23  
ARG NH2  N  N N 24  
ARG OXT  O  N N 25  
ARG H    H  N N 26  
ARG H2   H  N N 27  
ARG HA   H  N N 28  
ARG HB2  H  N N 29  
ARG HB3  H  N N 30  
ARG HG2  H  N N 31  
ARG HG3  H  N N 32  
ARG HD2  H  N N 33  
ARG HD3  H  N N 34  
ARG HE   H  N N 35  
ARG HH11 H  N N 36  
ARG HH12 H  N N 37  
ARG HH21 H  N N 38  
ARG HH22 H  N N 39  
ARG HXT  H  N N 40  
ASN N    N  N N 41  
ASN CA   C  N S 42  
ASN C    C  N N 43  
ASN O    O  N N 44  
ASN CB   C  N N 45  
ASN CG   C  N N 46  
ASN OD1  O  N N 47  
ASN ND2  N  N N 48  
ASN OXT  O  N N 49  
ASN H    H  N N 50  
ASN H2   H  N N 51  
ASN HA   H  N N 52  
ASN HB2  H  N N 53  
ASN HB3  H  N N 54  
ASN HD21 H  N N 55  
ASN HD22 H  N N 56  
ASN HXT  H  N N 57  
ASP N    N  N N 58  
ASP CA   C  N S 59  
ASP C    C  N N 60  
ASP O    O  N N 61  
ASP CB   C  N N 62  
ASP CG   C  N N 63  
ASP OD1  O  N N 64  
ASP OD2  O  N N 65  
ASP OXT  O  N N 66  
ASP H    H  N N 67  
ASP H2   H  N N 68  
ASP HA   H  N N 69  
ASP HB2  H  N N 70  
ASP HB3  H  N N 71  
ASP HD2  H  N N 72  
ASP HXT  H  N N 73  
GLN N    N  N N 74  
GLN CA   C  N S 75  
GLN C    C  N N 76  
GLN O    O  N N 77  
GLN CB   C  N N 78  
GLN CG   C  N N 79  
GLN CD   C  N N 80  
GLN OE1  O  N N 81  
GLN NE2  N  N N 82  
GLN OXT  O  N N 83  
GLN H    H  N N 84  
GLN H2   H  N N 85  
GLN HA   H  N N 86  
GLN HB2  H  N N 87  
GLN HB3  H  N N 88  
GLN HG2  H  N N 89  
GLN HG3  H  N N 90  
GLN HE21 H  N N 91  
GLN HE22 H  N N 92  
GLN HXT  H  N N 93  
GLU N    N  N N 94  
GLU CA   C  N S 95  
GLU C    C  N N 96  
GLU O    O  N N 97  
GLU CB   C  N N 98  
GLU CG   C  N N 99  
GLU CD   C  N N 100 
GLU OE1  O  N N 101 
GLU OE2  O  N N 102 
GLU OXT  O  N N 103 
GLU H    H  N N 104 
GLU H2   H  N N 105 
GLU HA   H  N N 106 
GLU HB2  H  N N 107 
GLU HB3  H  N N 108 
GLU HG2  H  N N 109 
GLU HG3  H  N N 110 
GLU HE2  H  N N 111 
GLU HXT  H  N N 112 
GLY N    N  N N 113 
GLY CA   C  N N 114 
GLY C    C  N N 115 
GLY O    O  N N 116 
GLY OXT  O  N N 117 
GLY H    H  N N 118 
GLY H2   H  N N 119 
GLY HA2  H  N N 120 
GLY HA3  H  N N 121 
GLY HXT  H  N N 122 
HIS N    N  N N 123 
HIS CA   C  N S 124 
HIS C    C  N N 125 
HIS O    O  N N 126 
HIS CB   C  N N 127 
HIS CG   C  Y N 128 
HIS ND1  N  Y N 129 
HIS CD2  C  Y N 130 
HIS CE1  C  Y N 131 
HIS NE2  N  Y N 132 
HIS OXT  O  N N 133 
HIS H    H  N N 134 
HIS H2   H  N N 135 
HIS HA   H  N N 136 
HIS HB2  H  N N 137 
HIS HB3  H  N N 138 
HIS HD1  H  N N 139 
HIS HD2  H  N N 140 
HIS HE1  H  N N 141 
HIS HE2  H  N N 142 
HIS HXT  H  N N 143 
HOH O    O  N N 144 
HOH H1   H  N N 145 
HOH H2   H  N N 146 
ILE N    N  N N 147 
ILE CA   C  N S 148 
ILE C    C  N N 149 
ILE O    O  N N 150 
ILE CB   C  N S 151 
ILE CG1  C  N N 152 
ILE CG2  C  N N 153 
ILE CD1  C  N N 154 
ILE OXT  O  N N 155 
ILE H    H  N N 156 
ILE H2   H  N N 157 
ILE HA   H  N N 158 
ILE HB   H  N N 159 
ILE HG12 H  N N 160 
ILE HG13 H  N N 161 
ILE HG21 H  N N 162 
ILE HG22 H  N N 163 
ILE HG23 H  N N 164 
ILE HD11 H  N N 165 
ILE HD12 H  N N 166 
ILE HD13 H  N N 167 
ILE HXT  H  N N 168 
LEU N    N  N N 169 
LEU CA   C  N S 170 
LEU C    C  N N 171 
LEU O    O  N N 172 
LEU CB   C  N N 173 
LEU CG   C  N N 174 
LEU CD1  C  N N 175 
LEU CD2  C  N N 176 
LEU OXT  O  N N 177 
LEU H    H  N N 178 
LEU H2   H  N N 179 
LEU HA   H  N N 180 
LEU HB2  H  N N 181 
LEU HB3  H  N N 182 
LEU HG   H  N N 183 
LEU HD11 H  N N 184 
LEU HD12 H  N N 185 
LEU HD13 H  N N 186 
LEU HD21 H  N N 187 
LEU HD22 H  N N 188 
LEU HD23 H  N N 189 
LEU HXT  H  N N 190 
LYS N    N  N N 191 
LYS CA   C  N S 192 
LYS C    C  N N 193 
LYS O    O  N N 194 
LYS CB   C  N N 195 
LYS CG   C  N N 196 
LYS CD   C  N N 197 
LYS CE   C  N N 198 
LYS NZ   N  N N 199 
LYS OXT  O  N N 200 
LYS H    H  N N 201 
LYS H2   H  N N 202 
LYS HA   H  N N 203 
LYS HB2  H  N N 204 
LYS HB3  H  N N 205 
LYS HG2  H  N N 206 
LYS HG3  H  N N 207 
LYS HD2  H  N N 208 
LYS HD3  H  N N 209 
LYS HE2  H  N N 210 
LYS HE3  H  N N 211 
LYS HZ1  H  N N 212 
LYS HZ2  H  N N 213 
LYS HZ3  H  N N 214 
LYS HXT  H  N N 215 
MSE N    N  N N 216 
MSE CA   C  N S 217 
MSE C    C  N N 218 
MSE O    O  N N 219 
MSE OXT  O  N N 220 
MSE CB   C  N N 221 
MSE CG   C  N N 222 
MSE SE   SE N N 223 
MSE CE   C  N N 224 
MSE H    H  N N 225 
MSE H2   H  N N 226 
MSE HA   H  N N 227 
MSE HXT  H  N N 228 
MSE HB2  H  N N 229 
MSE HB3  H  N N 230 
MSE HG2  H  N N 231 
MSE HG3  H  N N 232 
MSE HE1  H  N N 233 
MSE HE2  H  N N 234 
MSE HE3  H  N N 235 
PHE N    N  N N 236 
PHE CA   C  N S 237 
PHE C    C  N N 238 
PHE O    O  N N 239 
PHE CB   C  N N 240 
PHE CG   C  Y N 241 
PHE CD1  C  Y N 242 
PHE CD2  C  Y N 243 
PHE CE1  C  Y N 244 
PHE CE2  C  Y N 245 
PHE CZ   C  Y N 246 
PHE OXT  O  N N 247 
PHE H    H  N N 248 
PHE H2   H  N N 249 
PHE HA   H  N N 250 
PHE HB2  H  N N 251 
PHE HB3  H  N N 252 
PHE HD1  H  N N 253 
PHE HD2  H  N N 254 
PHE HE1  H  N N 255 
PHE HE2  H  N N 256 
PHE HZ   H  N N 257 
PHE HXT  H  N N 258 
PRO N    N  N N 259 
PRO CA   C  N S 260 
PRO C    C  N N 261 
PRO O    O  N N 262 
PRO CB   C  N N 263 
PRO CG   C  N N 264 
PRO CD   C  N N 265 
PRO OXT  O  N N 266 
PRO H    H  N N 267 
PRO HA   H  N N 268 
PRO HB2  H  N N 269 
PRO HB3  H  N N 270 
PRO HG2  H  N N 271 
PRO HG3  H  N N 272 
PRO HD2  H  N N 273 
PRO HD3  H  N N 274 
PRO HXT  H  N N 275 
SER N    N  N N 276 
SER CA   C  N S 277 
SER C    C  N N 278 
SER O    O  N N 279 
SER CB   C  N N 280 
SER OG   O  N N 281 
SER OXT  O  N N 282 
SER H    H  N N 283 
SER H2   H  N N 284 
SER HA   H  N N 285 
SER HB2  H  N N 286 
SER HB3  H  N N 287 
SER HG   H  N N 288 
SER HXT  H  N N 289 
THR N    N  N N 290 
THR CA   C  N S 291 
THR C    C  N N 292 
THR O    O  N N 293 
THR CB   C  N R 294 
THR OG1  O  N N 295 
THR CG2  C  N N 296 
THR OXT  O  N N 297 
THR H    H  N N 298 
THR H2   H  N N 299 
THR HA   H  N N 300 
THR HB   H  N N 301 
THR HG1  H  N N 302 
THR HG21 H  N N 303 
THR HG22 H  N N 304 
THR HG23 H  N N 305 
THR HXT  H  N N 306 
TRP N    N  N N 307 
TRP CA   C  N S 308 
TRP C    C  N N 309 
TRP O    O  N N 310 
TRP CB   C  N N 311 
TRP CG   C  Y N 312 
TRP CD1  C  Y N 313 
TRP CD2  C  Y N 314 
TRP NE1  N  Y N 315 
TRP CE2  C  Y N 316 
TRP CE3  C  Y N 317 
TRP CZ2  C  Y N 318 
TRP CZ3  C  Y N 319 
TRP CH2  C  Y N 320 
TRP OXT  O  N N 321 
TRP H    H  N N 322 
TRP H2   H  N N 323 
TRP HA   H  N N 324 
TRP HB2  H  N N 325 
TRP HB3  H  N N 326 
TRP HD1  H  N N 327 
TRP HE1  H  N N 328 
TRP HE3  H  N N 329 
TRP HZ2  H  N N 330 
TRP HZ3  H  N N 331 
TRP HH2  H  N N 332 
TRP HXT  H  N N 333 
TYR N    N  N N 334 
TYR CA   C  N S 335 
TYR C    C  N N 336 
TYR O    O  N N 337 
TYR CB   C  N N 338 
TYR CG   C  Y N 339 
TYR CD1  C  Y N 340 
TYR CD2  C  Y N 341 
TYR CE1  C  Y N 342 
TYR CE2  C  Y N 343 
TYR CZ   C  Y N 344 
TYR OH   O  N N 345 
TYR OXT  O  N N 346 
TYR H    H  N N 347 
TYR H2   H  N N 348 
TYR HA   H  N N 349 
TYR HB2  H  N N 350 
TYR HB3  H  N N 351 
TYR HD1  H  N N 352 
TYR HD2  H  N N 353 
TYR HE1  H  N N 354 
TYR HE2  H  N N 355 
TYR HH   H  N N 356 
TYR HXT  H  N N 357 
VAL N    N  N N 358 
VAL CA   C  N S 359 
VAL C    C  N N 360 
VAL O    O  N N 361 
VAL CB   C  N N 362 
VAL CG1  C  N N 363 
VAL CG2  C  N N 364 
VAL OXT  O  N N 365 
VAL H    H  N N 366 
VAL H2   H  N N 367 
VAL HA   H  N N 368 
VAL HB   H  N N 369 
VAL HG11 H  N N 370 
VAL HG12 H  N N 371 
VAL HG13 H  N N 372 
VAL HG21 H  N N 373 
VAL HG22 H  N N 374 
VAL HG23 H  N N 375 
VAL HXT  H  N N 376 
# 
loop_
_chem_comp_bond.comp_id 
_chem_comp_bond.atom_id_1 
_chem_comp_bond.atom_id_2 
_chem_comp_bond.value_order 
_chem_comp_bond.pdbx_aromatic_flag 
_chem_comp_bond.pdbx_stereo_config 
_chem_comp_bond.pdbx_ordinal 
ALA N   CA   sing N N 1   
ALA N   H    sing N N 2   
ALA N   H2   sing N N 3   
ALA CA  C    sing N N 4   
ALA CA  CB   sing N N 5   
ALA CA  HA   sing N N 6   
ALA C   O    doub N N 7   
ALA C   OXT  sing N N 8   
ALA CB  HB1  sing N N 9   
ALA CB  HB2  sing N N 10  
ALA CB  HB3  sing N N 11  
ALA OXT HXT  sing N N 12  
ARG N   CA   sing N N 13  
ARG N   H    sing N N 14  
ARG N   H2   sing N N 15  
ARG CA  C    sing N N 16  
ARG CA  CB   sing N N 17  
ARG CA  HA   sing N N 18  
ARG C   O    doub N N 19  
ARG C   OXT  sing N N 20  
ARG CB  CG   sing N N 21  
ARG CB  HB2  sing N N 22  
ARG CB  HB3  sing N N 23  
ARG CG  CD   sing N N 24  
ARG CG  HG2  sing N N 25  
ARG CG  HG3  sing N N 26  
ARG CD  NE   sing N N 27  
ARG CD  HD2  sing N N 28  
ARG CD  HD3  sing N N 29  
ARG NE  CZ   sing N N 30  
ARG NE  HE   sing N N 31  
ARG CZ  NH1  sing N N 32  
ARG CZ  NH2  doub N N 33  
ARG NH1 HH11 sing N N 34  
ARG NH1 HH12 sing N N 35  
ARG NH2 HH21 sing N N 36  
ARG NH2 HH22 sing N N 37  
ARG OXT HXT  sing N N 38  
ASN N   CA   sing N N 39  
ASN N   H    sing N N 40  
ASN N   H2   sing N N 41  
ASN CA  C    sing N N 42  
ASN CA  CB   sing N N 43  
ASN CA  HA   sing N N 44  
ASN C   O    doub N N 45  
ASN C   OXT  sing N N 46  
ASN CB  CG   sing N N 47  
ASN CB  HB2  sing N N 48  
ASN CB  HB3  sing N N 49  
ASN CG  OD1  doub N N 50  
ASN CG  ND2  sing N N 51  
ASN ND2 HD21 sing N N 52  
ASN ND2 HD22 sing N N 53  
ASN OXT HXT  sing N N 54  
ASP N   CA   sing N N 55  
ASP N   H    sing N N 56  
ASP N   H2   sing N N 57  
ASP CA  C    sing N N 58  
ASP CA  CB   sing N N 59  
ASP CA  HA   sing N N 60  
ASP C   O    doub N N 61  
ASP C   OXT  sing N N 62  
ASP CB  CG   sing N N 63  
ASP CB  HB2  sing N N 64  
ASP CB  HB3  sing N N 65  
ASP CG  OD1  doub N N 66  
ASP CG  OD2  sing N N 67  
ASP OD2 HD2  sing N N 68  
ASP OXT HXT  sing N N 69  
GLN N   CA   sing N N 70  
GLN N   H    sing N N 71  
GLN N   H2   sing N N 72  
GLN CA  C    sing N N 73  
GLN CA  CB   sing N N 74  
GLN CA  HA   sing N N 75  
GLN C   O    doub N N 76  
GLN C   OXT  sing N N 77  
GLN CB  CG   sing N N 78  
GLN CB  HB2  sing N N 79  
GLN CB  HB3  sing N N 80  
GLN CG  CD   sing N N 81  
GLN CG  HG2  sing N N 82  
GLN CG  HG3  sing N N 83  
GLN CD  OE1  doub N N 84  
GLN CD  NE2  sing N N 85  
GLN NE2 HE21 sing N N 86  
GLN NE2 HE22 sing N N 87  
GLN OXT HXT  sing N N 88  
GLU N   CA   sing N N 89  
GLU N   H    sing N N 90  
GLU N   H2   sing N N 91  
GLU CA  C    sing N N 92  
GLU CA  CB   sing N N 93  
GLU CA  HA   sing N N 94  
GLU C   O    doub N N 95  
GLU C   OXT  sing N N 96  
GLU CB  CG   sing N N 97  
GLU CB  HB2  sing N N 98  
GLU CB  HB3  sing N N 99  
GLU CG  CD   sing N N 100 
GLU CG  HG2  sing N N 101 
GLU CG  HG3  sing N N 102 
GLU CD  OE1  doub N N 103 
GLU CD  OE2  sing N N 104 
GLU OE2 HE2  sing N N 105 
GLU OXT HXT  sing N N 106 
GLY N   CA   sing N N 107 
GLY N   H    sing N N 108 
GLY N   H2   sing N N 109 
GLY CA  C    sing N N 110 
GLY CA  HA2  sing N N 111 
GLY CA  HA3  sing N N 112 
GLY C   O    doub N N 113 
GLY C   OXT  sing N N 114 
GLY OXT HXT  sing N N 115 
HIS N   CA   sing N N 116 
HIS N   H    sing N N 117 
HIS N   H2   sing N N 118 
HIS CA  C    sing N N 119 
HIS CA  CB   sing N N 120 
HIS CA  HA   sing N N 121 
HIS C   O    doub N N 122 
HIS C   OXT  sing N N 123 
HIS CB  CG   sing N N 124 
HIS CB  HB2  sing N N 125 
HIS CB  HB3  sing N N 126 
HIS CG  ND1  sing Y N 127 
HIS CG  CD2  doub Y N 128 
HIS ND1 CE1  doub Y N 129 
HIS ND1 HD1  sing N N 130 
HIS CD2 NE2  sing Y N 131 
HIS CD2 HD2  sing N N 132 
HIS CE1 NE2  sing Y N 133 
HIS CE1 HE1  sing N N 134 
HIS NE2 HE2  sing N N 135 
HIS OXT HXT  sing N N 136 
HOH O   H1   sing N N 137 
HOH O   H2   sing N N 138 
ILE N   CA   sing N N 139 
ILE N   H    sing N N 140 
ILE N   H2   sing N N 141 
ILE CA  C    sing N N 142 
ILE CA  CB   sing N N 143 
ILE CA  HA   sing N N 144 
ILE C   O    doub N N 145 
ILE C   OXT  sing N N 146 
ILE CB  CG1  sing N N 147 
ILE CB  CG2  sing N N 148 
ILE CB  HB   sing N N 149 
ILE CG1 CD1  sing N N 150 
ILE CG1 HG12 sing N N 151 
ILE CG1 HG13 sing N N 152 
ILE CG2 HG21 sing N N 153 
ILE CG2 HG22 sing N N 154 
ILE CG2 HG23 sing N N 155 
ILE CD1 HD11 sing N N 156 
ILE CD1 HD12 sing N N 157 
ILE CD1 HD13 sing N N 158 
ILE OXT HXT  sing N N 159 
LEU N   CA   sing N N 160 
LEU N   H    sing N N 161 
LEU N   H2   sing N N 162 
LEU CA  C    sing N N 163 
LEU CA  CB   sing N N 164 
LEU CA  HA   sing N N 165 
LEU C   O    doub N N 166 
LEU C   OXT  sing N N 167 
LEU CB  CG   sing N N 168 
LEU CB  HB2  sing N N 169 
LEU CB  HB3  sing N N 170 
LEU CG  CD1  sing N N 171 
LEU CG  CD2  sing N N 172 
LEU CG  HG   sing N N 173 
LEU CD1 HD11 sing N N 174 
LEU CD1 HD12 sing N N 175 
LEU CD1 HD13 sing N N 176 
LEU CD2 HD21 sing N N 177 
LEU CD2 HD22 sing N N 178 
LEU CD2 HD23 sing N N 179 
LEU OXT HXT  sing N N 180 
LYS N   CA   sing N N 181 
LYS N   H    sing N N 182 
LYS N   H2   sing N N 183 
LYS CA  C    sing N N 184 
LYS CA  CB   sing N N 185 
LYS CA  HA   sing N N 186 
LYS C   O    doub N N 187 
LYS C   OXT  sing N N 188 
LYS CB  CG   sing N N 189 
LYS CB  HB2  sing N N 190 
LYS CB  HB3  sing N N 191 
LYS CG  CD   sing N N 192 
LYS CG  HG2  sing N N 193 
LYS CG  HG3  sing N N 194 
LYS CD  CE   sing N N 195 
LYS CD  HD2  sing N N 196 
LYS CD  HD3  sing N N 197 
LYS CE  NZ   sing N N 198 
LYS CE  HE2  sing N N 199 
LYS CE  HE3  sing N N 200 
LYS NZ  HZ1  sing N N 201 
LYS NZ  HZ2  sing N N 202 
LYS NZ  HZ3  sing N N 203 
LYS OXT HXT  sing N N 204 
MSE N   CA   sing N N 205 
MSE N   H    sing N N 206 
MSE N   H2   sing N N 207 
MSE CA  C    sing N N 208 
MSE CA  CB   sing N N 209 
MSE CA  HA   sing N N 210 
MSE C   O    doub N N 211 
MSE C   OXT  sing N N 212 
MSE OXT HXT  sing N N 213 
MSE CB  CG   sing N N 214 
MSE CB  HB2  sing N N 215 
MSE CB  HB3  sing N N 216 
MSE CG  SE   sing N N 217 
MSE CG  HG2  sing N N 218 
MSE CG  HG3  sing N N 219 
MSE SE  CE   sing N N 220 
MSE CE  HE1  sing N N 221 
MSE CE  HE2  sing N N 222 
MSE CE  HE3  sing N N 223 
PHE N   CA   sing N N 224 
PHE N   H    sing N N 225 
PHE N   H2   sing N N 226 
PHE CA  C    sing N N 227 
PHE CA  CB   sing N N 228 
PHE CA  HA   sing N N 229 
PHE C   O    doub N N 230 
PHE C   OXT  sing N N 231 
PHE CB  CG   sing N N 232 
PHE CB  HB2  sing N N 233 
PHE CB  HB3  sing N N 234 
PHE CG  CD1  doub Y N 235 
PHE CG  CD2  sing Y N 236 
PHE CD1 CE1  sing Y N 237 
PHE CD1 HD1  sing N N 238 
PHE CD2 CE2  doub Y N 239 
PHE CD2 HD2  sing N N 240 
PHE CE1 CZ   doub Y N 241 
PHE CE1 HE1  sing N N 242 
PHE CE2 CZ   sing Y N 243 
PHE CE2 HE2  sing N N 244 
PHE CZ  HZ   sing N N 245 
PHE OXT HXT  sing N N 246 
PRO N   CA   sing N N 247 
PRO N   CD   sing N N 248 
PRO N   H    sing N N 249 
PRO CA  C    sing N N 250 
PRO CA  CB   sing N N 251 
PRO CA  HA   sing N N 252 
PRO C   O    doub N N 253 
PRO C   OXT  sing N N 254 
PRO CB  CG   sing N N 255 
PRO CB  HB2  sing N N 256 
PRO CB  HB3  sing N N 257 
PRO CG  CD   sing N N 258 
PRO CG  HG2  sing N N 259 
PRO CG  HG3  sing N N 260 
PRO CD  HD2  sing N N 261 
PRO CD  HD3  sing N N 262 
PRO OXT HXT  sing N N 263 
SER N   CA   sing N N 264 
SER N   H    sing N N 265 
SER N   H2   sing N N 266 
SER CA  C    sing N N 267 
SER CA  CB   sing N N 268 
SER CA  HA   sing N N 269 
SER C   O    doub N N 270 
SER C   OXT  sing N N 271 
SER CB  OG   sing N N 272 
SER CB  HB2  sing N N 273 
SER CB  HB3  sing N N 274 
SER OG  HG   sing N N 275 
SER OXT HXT  sing N N 276 
THR N   CA   sing N N 277 
THR N   H    sing N N 278 
THR N   H2   sing N N 279 
THR CA  C    sing N N 280 
THR CA  CB   sing N N 281 
THR CA  HA   sing N N 282 
THR C   O    doub N N 283 
THR C   OXT  sing N N 284 
THR CB  OG1  sing N N 285 
THR CB  CG2  sing N N 286 
THR CB  HB   sing N N 287 
THR OG1 HG1  sing N N 288 
THR CG2 HG21 sing N N 289 
THR CG2 HG22 sing N N 290 
THR CG2 HG23 sing N N 291 
THR OXT HXT  sing N N 292 
TRP N   CA   sing N N 293 
TRP N   H    sing N N 294 
TRP N   H2   sing N N 295 
TRP CA  C    sing N N 296 
TRP CA  CB   sing N N 297 
TRP CA  HA   sing N N 298 
TRP C   O    doub N N 299 
TRP C   OXT  sing N N 300 
TRP CB  CG   sing N N 301 
TRP CB  HB2  sing N N 302 
TRP CB  HB3  sing N N 303 
TRP CG  CD1  doub Y N 304 
TRP CG  CD2  sing Y N 305 
TRP CD1 NE1  sing Y N 306 
TRP CD1 HD1  sing N N 307 
TRP CD2 CE2  doub Y N 308 
TRP CD2 CE3  sing Y N 309 
TRP NE1 CE2  sing Y N 310 
TRP NE1 HE1  sing N N 311 
TRP CE2 CZ2  sing Y N 312 
TRP CE3 CZ3  doub Y N 313 
TRP CE3 HE3  sing N N 314 
TRP CZ2 CH2  doub Y N 315 
TRP CZ2 HZ2  sing N N 316 
TRP CZ3 CH2  sing Y N 317 
TRP CZ3 HZ3  sing N N 318 
TRP CH2 HH2  sing N N 319 
TRP OXT HXT  sing N N 320 
TYR N   CA   sing N N 321 
TYR N   H    sing N N 322 
TYR N   H2   sing N N 323 
TYR CA  C    sing N N 324 
TYR CA  CB   sing N N 325 
TYR CA  HA   sing N N 326 
TYR C   O    doub N N 327 
TYR C   OXT  sing N N 328 
TYR CB  CG   sing N N 329 
TYR CB  HB2  sing N N 330 
TYR CB  HB3  sing N N 331 
TYR CG  CD1  doub Y N 332 
TYR CG  CD2  sing Y N 333 
TYR CD1 CE1  sing Y N 334 
TYR CD1 HD1  sing N N 335 
TYR CD2 CE2  doub Y N 336 
TYR CD2 HD2  sing N N 337 
TYR CE1 CZ   doub Y N 338 
TYR CE1 HE1  sing N N 339 
TYR CE2 CZ   sing Y N 340 
TYR CE2 HE2  sing N N 341 
TYR CZ  OH   sing N N 342 
TYR OH  HH   sing N N 343 
TYR OXT HXT  sing N N 344 
VAL N   CA   sing N N 345 
VAL N   H    sing N N 346 
VAL N   H2   sing N N 347 
VAL CA  C    sing N N 348 
VAL CA  CB   sing N N 349 
VAL CA  HA   sing N N 350 
VAL C   O    doub N N 351 
VAL C   OXT  sing N N 352 
VAL CB  CG1  sing N N 353 
VAL CB  CG2  sing N N 354 
VAL CB  HB   sing N N 355 
VAL CG1 HG11 sing N N 356 
VAL CG1 HG12 sing N N 357 
VAL CG1 HG13 sing N N 358 
VAL CG2 HG21 sing N N 359 
VAL CG2 HG22 sing N N 360 
VAL CG2 HG23 sing N N 361 
VAL OXT HXT  sing N N 362 
# 
_atom_sites.entry_id                    3D7N 
_atom_sites.fract_transf_matrix[1][1]   -0.00521310 
_atom_sites.fract_transf_matrix[1][2]   -0.00805762 
_atom_sites.fract_transf_matrix[1][3]   0.01231806 
_atom_sites.fract_transf_matrix[2][1]   0.00970014 
_atom_sites.fract_transf_matrix[2][2]   -0.00936314 
_atom_sites.fract_transf_matrix[2][3]   0.00787827 
_atom_sites.fract_transf_matrix[3][1]   0.00169961 
_atom_sites.fract_transf_matrix[3][2]   0.00526239 
_atom_sites.fract_transf_matrix[3][3]   0.00416158 
_atom_sites.fract_transf_vector[1]      0.446394 
_atom_sites.fract_transf_vector[2]      0.203412 
_atom_sites.fract_transf_vector[3]      0.542252 
# 
loop_
_atom_type.symbol 
C  
N  
O  
SE 
# 
loop_
_atom_site.group_PDB 
_atom_site.id 
_atom_site.type_symbol 
_atom_site.label_atom_id 
_atom_site.label_alt_id 
_atom_site.label_comp_id 
_atom_site.label_asym_id 
_atom_site.label_entity_id 
_atom_site.label_seq_id 
_atom_site.pdbx_PDB_ins_code 
_atom_site.Cartn_x 
_atom_site.Cartn_y 
_atom_site.Cartn_z 
_atom_site.occupancy 
_atom_site.B_iso_or_equiv 
_atom_site.pdbx_formal_charge 
_atom_site.auth_seq_id 
_atom_site.auth_comp_id 
_atom_site.auth_asym_id 
_atom_site.auth_atom_id 
_atom_site.pdbx_PDB_model_num 
ATOM   1    N  N   . SER A 1 6   ? 12.127  -13.800 10.248  1.00 76.35 ? 6   SER A N   1 
ATOM   2    C  CA  . SER A 1 6   ? 11.362  -12.538 10.576  1.00 76.34 ? 6   SER A CA  1 
ATOM   3    C  C   . SER A 1 6   ? 11.067  -11.754 9.266   1.00 75.91 ? 6   SER A C   1 
ATOM   4    O  O   . SER A 1 6   ? 11.914  -11.697 8.341   1.00 76.89 ? 6   SER A O   1 
ATOM   5    C  CB  . SER A 1 6   ? 12.132  -11.658 11.600  1.00 77.17 ? 6   SER A CB  1 
ATOM   6    O  OG  . SER A 1 6   ? 11.289  -10.661 12.183  1.00 77.86 ? 6   SER A OG  1 
ATOM   7    N  N   . SER A 1 7   ? 9.892   -11.127 9.232   1.00 73.60 ? 7   SER A N   1 
ATOM   8    C  CA  . SER A 1 7   ? 9.170   -10.820 7.975   1.00 72.29 ? 7   SER A CA  1 
ATOM   9    C  C   . SER A 1 7   ? 9.762   -9.727  7.092   1.00 69.27 ? 7   SER A C   1 
ATOM   10   O  O   . SER A 1 7   ? 10.357  -8.767  7.574   1.00 68.93 ? 7   SER A O   1 
ATOM   11   C  CB  . SER A 1 7   ? 7.702   -10.457 8.281   1.00 72.02 ? 7   SER A CB  1 
ATOM   12   O  OG  . SER A 1 7   ? 7.565   -9.127  8.779   1.00 71.88 ? 7   SER A OG  1 
ATOM   13   N  N   . ASN A 1 8   ? 9.568   -9.901  5.791   1.00 66.58 ? 8   ASN A N   1 
ATOM   14   C  CA  . ASN A 1 8   ? 9.940   -8.920  4.792   1.00 63.58 ? 8   ASN A CA  1 
ATOM   15   C  C   . ASN A 1 8   ? 8.659   -8.286  4.257   1.00 61.10 ? 8   ASN A C   1 
ATOM   16   O  O   . ASN A 1 8   ? 7.843   -8.939  3.651   1.00 60.55 ? 8   ASN A O   1 
ATOM   17   C  CB  . ASN A 1 8   ? 10.774  -9.577  3.660   1.00 65.20 ? 8   ASN A CB  1 
ATOM   18   C  CG  . ASN A 1 8   ? 11.016  -8.617  2.453   1.00 68.22 ? 8   ASN A CG  1 
ATOM   19   O  OD1 . ASN A 1 8   ? 11.318  -7.411  2.645   1.00 73.50 ? 8   ASN A OD1 1 
ATOM   20   N  ND2 . ASN A 1 8   ? 10.880  -9.147  1.211   1.00 71.07 ? 8   ASN A ND2 1 
ATOM   21   N  N   . THR A 1 9   ? 8.486   -7.009  4.553   1.00 58.43 ? 9   THR A N   1 
ATOM   22   C  CA  . THR A 1 9   ? 7.365   -6.204  4.115   1.00 57.14 ? 9   THR A CA  1 
ATOM   23   C  C   . THR A 1 9   ? 7.860   -5.221  3.076   1.00 55.21 ? 9   THR A C   1 
ATOM   24   O  O   . THR A 1 9   ? 8.922   -4.668  3.212   1.00 54.53 ? 9   THR A O   1 
ATOM   25   C  CB  . THR A 1 9   ? 6.731   -5.470  5.291   1.00 56.30 ? 9   THR A CB  1 
ATOM   26   O  OG1 . THR A 1 9   ? 6.373   -6.443  6.268   1.00 54.88 ? 9   THR A OG1 1 
ATOM   27   C  CG2 . THR A 1 9   ? 5.426   -4.666  4.860   1.00 56.31 ? 9   THR A CG2 1 
ATOM   28   N  N   . VAL A 1 10  ? 7.099   -5.036  2.009   1.00 54.24 ? 10  VAL A N   1 
ATOM   29   C  CA  . VAL A 1 10  ? 7.411   -4.029  1.012   1.00 53.74 ? 10  VAL A CA  1 
ATOM   30   C  C   . VAL A 1 10  ? 6.306   -2.996  0.969   1.00 53.24 ? 10  VAL A C   1 
ATOM   31   O  O   . VAL A 1 10  ? 5.127   -3.354  0.927   1.00 54.11 ? 10  VAL A O   1 
ATOM   32   C  CB  . VAL A 1 10  ? 7.566   -4.680  -0.381  1.00 54.85 ? 10  VAL A CB  1 
ATOM   33   C  CG1 . VAL A 1 10  ? 7.445   -3.633  -1.496  1.00 54.60 ? 10  VAL A CG1 1 
ATOM   34   C  CG2 . VAL A 1 10  ? 8.900   -5.451  -0.459  1.00 51.95 ? 10  VAL A CG2 1 
ATOM   35   N  N   . VAL A 1 11  ? 6.666   -1.719  1.017   1.00 52.47 ? 11  VAL A N   1 
ATOM   36   C  CA  . VAL A 1 11  ? 5.708   -0.651  0.756   1.00 51.70 ? 11  VAL A CA  1 
ATOM   37   C  C   . VAL A 1 11  ? 5.927   -0.201  -0.704  1.00 52.64 ? 11  VAL A C   1 
ATOM   38   O  O   . VAL A 1 11  ? 7.055   0.257   -1.074  1.00 52.20 ? 11  VAL A O   1 
ATOM   39   C  CB  . VAL A 1 11  ? 5.869   0.512   1.739   1.00 51.52 ? 11  VAL A CB  1 
ATOM   40   C  CG1 . VAL A 1 11  ? 5.043   1.696   1.286   1.00 50.01 ? 11  VAL A CG1 1 
ATOM   41   C  CG2 . VAL A 1 11  ? 5.512   0.064   3.153   1.00 49.24 ? 11  VAL A CG2 1 
ATOM   42   N  N   . VAL A 1 12  ? 4.884   -0.389  -1.536  1.00 52.17 ? 12  VAL A N   1 
ATOM   43   C  CA  . VAL A 1 12  ? 4.903   -0.003  -2.962  1.00 52.09 ? 12  VAL A CA  1 
ATOM   44   C  C   . VAL A 1 12  ? 3.850   1.093   -3.114  1.00 52.97 ? 12  VAL A C   1 
ATOM   45   O  O   . VAL A 1 12  ? 2.684   0.910   -2.728  1.00 52.48 ? 12  VAL A O   1 
ATOM   46   C  CB  . VAL A 1 12  ? 4.631   -1.220  -3.922  1.00 51.96 ? 12  VAL A CB  1 
ATOM   47   C  CG1 . VAL A 1 12  ? 3.223   -1.841  -3.678  1.00 50.86 ? 12  VAL A CG1 1 
ATOM   48   C  CG2 . VAL A 1 12  ? 4.830   -0.820  -5.385  1.00 51.44 ? 12  VAL A CG2 1 
ATOM   49   N  N   . TYR A 1 13  ? 4.262   2.263   -3.590  1.00 53.35 ? 13  TYR A N   1 
ATOM   50   C  CA  . TYR A 1 13  ? 3.387   3.435   -3.501  1.00 54.02 ? 13  TYR A CA  1 
ATOM   51   C  C   . TYR A 1 13  ? 3.595   4.400   -4.651  1.00 54.50 ? 13  TYR A C   1 
ATOM   52   O  O   . TYR A 1 13  ? 4.684   4.494   -5.237  1.00 52.89 ? 13  TYR A O   1 
ATOM   53   C  CB  . TYR A 1 13  ? 3.668   4.200   -2.177  1.00 54.83 ? 13  TYR A CB  1 
ATOM   54   C  CG  . TYR A 1 13  ? 5.022   4.889   -2.180  1.00 54.61 ? 13  TYR A CG  1 
ATOM   55   C  CD1 . TYR A 1 13  ? 5.139   6.245   -2.489  1.00 54.83 ? 13  TYR A CD1 1 
ATOM   56   C  CD2 . TYR A 1 13  ? 6.194   4.169   -1.950  1.00 55.80 ? 13  TYR A CD2 1 
ATOM   57   C  CE1 . TYR A 1 13  ? 6.411   6.875   -2.570  1.00 55.17 ? 13  TYR A CE1 1 
ATOM   58   C  CE2 . TYR A 1 13  ? 7.475   4.803   -2.003  1.00 54.79 ? 13  TYR A CE2 1 
ATOM   59   C  CZ  . TYR A 1 13  ? 7.559   6.150   -2.313  1.00 54.64 ? 13  TYR A CZ  1 
ATOM   60   O  OH  . TYR A 1 13  ? 8.793   6.770   -2.383  1.00 56.66 ? 13  TYR A OH  1 
ATOM   61   N  N   . HIS A 1 14  ? 2.558   5.174   -4.914  1.00 55.40 ? 14  HIS A N   1 
ATOM   62   C  CA  . HIS A 1 14  ? 2.681   6.337   -5.785  1.00 57.16 ? 14  HIS A CA  1 
ATOM   63   C  C   . HIS A 1 14  ? 2.435   7.608   -4.958  1.00 57.85 ? 14  HIS A C   1 
ATOM   64   O  O   . HIS A 1 14  ? 1.539   7.621   -4.120  1.00 56.70 ? 14  HIS A O   1 
ATOM   65   C  CB  . HIS A 1 14  ? 1.700   6.237   -6.988  1.00 55.43 ? 14  HIS A CB  1 
ATOM   66   C  CG  . HIS A 1 14  ? 1.664   7.476   -7.812  1.00 54.16 ? 14  HIS A CG  1 
ATOM   67   N  ND1 . HIS A 1 14  ? 0.608   8.359   -7.773  1.00 54.70 ? 14  HIS A ND1 1 
ATOM   68   C  CD2 . HIS A 1 14  ? 2.596   8.039   -8.622  1.00 53.92 ? 14  HIS A CD2 1 
ATOM   69   C  CE1 . HIS A 1 14  ? 0.874   9.396   -8.556  1.00 53.91 ? 14  HIS A CE1 1 
ATOM   70   N  NE2 . HIS A 1 14  ? 2.077   9.228   -9.075  1.00 53.56 ? 14  HIS A NE2 1 
ATOM   71   N  N   . SER A 1 15  ? 3.265   8.637   -5.159  1.00 59.99 ? 15  SER A N   1 
ATOM   72   C  CA  . SER A 1 15  ? 2.941   9.985   -4.692  1.00 62.29 ? 15  SER A CA  1 
ATOM   73   C  C   . SER A 1 15  ? 2.906   11.005  -5.798  1.00 65.55 ? 15  SER A C   1 
ATOM   74   O  O   . SER A 1 15  ? 3.910   11.285  -6.467  1.00 65.09 ? 15  SER A O   1 
ATOM   75   C  CB  . SER A 1 15  ? 3.888   10.480  -3.614  1.00 62.48 ? 15  SER A CB  1 
ATOM   76   O  OG  . SER A 1 15  ? 5.146   9.954   -3.863  1.00 63.88 ? 15  SER A OG  1 
ATOM   77   N  N   . GLY A 1 16  ? 1.712   11.558  -5.974  1.00 69.45 ? 16  GLY A N   1 
ATOM   78   C  CA  . GLY A 1 16  ? 1.556   12.811  -6.677  1.00 73.22 ? 16  GLY A CA  1 
ATOM   79   C  C   . GLY A 1 16  ? 1.548   13.871  -5.591  1.00 74.89 ? 16  GLY A C   1 
ATOM   80   O  O   . GLY A 1 16  ? 0.626   13.890  -4.741  1.00 76.83 ? 16  GLY A O   1 
ATOM   81   N  N   . TYR A 1 17  ? 2.587   14.702  -5.601  1.00 76.34 ? 17  TYR A N   1 
ATOM   82   C  CA  . TYR A 1 17  ? 2.763   15.861  -4.698  1.00 77.19 ? 17  TYR A CA  1 
ATOM   83   C  C   . TYR A 1 17  ? 3.618   15.537  -3.457  1.00 77.39 ? 17  TYR A C   1 
ATOM   84   O  O   . TYR A 1 17  ? 4.151   16.446  -2.821  1.00 77.87 ? 17  TYR A O   1 
ATOM   85   C  CB  . TYR A 1 17  ? 1.434   16.555  -4.288  1.00 79.45 ? 17  TYR A CB  1 
ATOM   86   C  CG  . TYR A 1 17  ? 0.385   16.738  -5.387  1.00 80.82 ? 17  TYR A CG  1 
ATOM   87   C  CD1 . TYR A 1 17  ? 0.695   17.371  -6.609  1.00 82.76 ? 17  TYR A CD1 1 
ATOM   88   C  CD2 . TYR A 1 17  ? -0.933  16.286  -5.190  1.00 82.67 ? 17  TYR A CD2 1 
ATOM   89   C  CE1 . TYR A 1 17  ? -0.296  17.527  -7.628  1.00 82.67 ? 17  TYR A CE1 1 
ATOM   90   C  CE2 . TYR A 1 17  ? -1.924  16.433  -6.192  1.00 82.87 ? 17  TYR A CE2 1 
ATOM   91   C  CZ  . TYR A 1 17  ? -1.606  17.051  -7.405  1.00 83.02 ? 17  TYR A CZ  1 
ATOM   92   O  OH  . TYR A 1 17  ? -2.601  17.185  -8.363  1.00 82.58 ? 17  TYR A OH  1 
ATOM   93   N  N   . GLY A 1 18  ? 3.777   14.262  -3.116  1.00 76.88 ? 18  GLY A N   1 
ATOM   94   C  CA  . GLY A 1 18  ? 4.697   13.886  -2.024  1.00 76.48 ? 18  GLY A CA  1 
ATOM   95   C  C   . GLY A 1 18  ? 4.106   13.712  -0.618  1.00 76.22 ? 18  GLY A C   1 
ATOM   96   O  O   . GLY A 1 18  ? 4.864   13.431  0.331   1.00 75.77 ? 18  GLY A O   1 
ATOM   97   N  N   . HIS A 1 19  ? 2.775   13.877  -0.482  1.00 75.43 ? 19  HIS A N   1 
ATOM   98   C  CA  . HIS A 1 19  ? 2.050   13.573  0.777   1.00 74.68 ? 19  HIS A CA  1 
ATOM   99   C  C   . HIS A 1 19  ? 1.858   12.062  1.015   1.00 72.15 ? 19  HIS A C   1 
ATOM   100  O  O   . HIS A 1 19  ? 1.982   11.577  2.147   1.00 71.59 ? 19  HIS A O   1 
ATOM   101  C  CB  . HIS A 1 19  ? 0.689   14.276  0.833   1.00 75.01 ? 19  HIS A CB  1 
ATOM   102  C  CG  . HIS A 1 19  ? 0.761   15.666  1.380   1.00 78.01 ? 19  HIS A CG  1 
ATOM   103  N  ND1 . HIS A 1 19  ? -0.113  16.136  2.340   1.00 79.77 ? 19  HIS A ND1 1 
ATOM   104  C  CD2 . HIS A 1 19  ? 1.630   16.680  1.131   1.00 79.57 ? 19  HIS A CD2 1 
ATOM   105  C  CE1 . HIS A 1 19  ? 0.188   17.391  2.627   1.00 80.17 ? 19  HIS A CE1 1 
ATOM   106  N  NE2 . HIS A 1 19  ? 1.250   17.739  1.918   1.00 80.50 ? 19  HIS A NE2 1 
ATOM   107  N  N   . THR A 1 20  ? 1.552   11.315  -0.039  1.00 69.50 ? 20  THR A N   1 
ATOM   108  C  CA  . THR A 1 20  ? 1.546   9.867   0.126   1.00 67.29 ? 20  THR A CA  1 
ATOM   109  C  C   . THR A 1 20  ? 2.963   9.293   0.282   1.00 65.93 ? 20  THR A C   1 
ATOM   110  O  O   . THR A 1 20  ? 3.112   8.243   0.859   1.00 64.42 ? 20  THR A O   1 
ATOM   111  C  CB  . THR A 1 20  ? 0.581   9.111   -0.893  1.00 67.35 ? 20  THR A CB  1 
ATOM   112  O  OG1 . THR A 1 20  ? 1.178   7.898   -1.385  1.00 66.41 ? 20  THR A OG1 1 
ATOM   113  C  CG2 . THR A 1 20  ? 0.172   10.009  -2.004  1.00 66.25 ? 20  THR A CG2 1 
ATOM   114  N  N   . HIS A 1 21  ? 4.001   10.027  -0.136  1.00 66.30 ? 21  HIS A N   1 
ATOM   115  C  CA  . HIS A 1 21  ? 5.412   9.636   0.130   1.00 65.83 ? 21  HIS A CA  1 
ATOM   116  C  C   . HIS A 1 21  ? 5.750   9.675   1.619   1.00 65.50 ? 21  HIS A C   1 
ATOM   117  O  O   . HIS A 1 21  ? 6.409   8.778   2.137   1.00 65.93 ? 21  HIS A O   1 
ATOM   118  C  CB  . HIS A 1 21  ? 6.402   10.528  -0.635  1.00 65.98 ? 21  HIS A CB  1 
ATOM   119  C  CG  . HIS A 1 21  ? 7.845   10.231  -0.339  1.00 66.45 ? 21  HIS A CG  1 
ATOM   120  N  ND1 . HIS A 1 21  ? 8.442   9.028   -0.655  1.00 66.88 ? 21  HIS A ND1 1 
ATOM   121  C  CD2 . HIS A 1 21  ? 8.813   10.985  0.241   1.00 68.76 ? 21  HIS A CD2 1 
ATOM   122  C  CE1 . HIS A 1 21  ? 9.714   9.056   -0.300  1.00 66.96 ? 21  HIS A CE1 1 
ATOM   123  N  NE2 . HIS A 1 21  ? 9.964   10.230  0.255   1.00 67.71 ? 21  HIS A NE2 1 
ATOM   124  N  N   . ARG A 1 22  ? 5.297   10.711  2.308   1.00 65.01 ? 22  ARG A N   1 
ATOM   125  C  CA  . ARG A 1 22  ? 5.538   10.832  3.747   1.00 64.77 ? 22  ARG A CA  1 
ATOM   126  C  C   . ARG A 1 22  ? 4.802   9.746   4.531   1.00 64.08 ? 22  ARG A C   1 
ATOM   127  O  O   . ARG A 1 22  ? 5.328   9.151   5.466   1.00 63.13 ? 22  ARG A O   1 
ATOM   128  C  CB  . ARG A 1 22  ? 5.125   12.236  4.233   1.00 64.73 ? 22  ARG A CB  1 
ATOM   129  C  CG  . ARG A 1 22  ? 5.627   12.610  5.591   1.00 65.31 ? 22  ARG A CG  1 
ATOM   130  C  CD  . ARG A 1 22  ? 7.145   12.751  5.620   1.00 68.26 ? 22  ARG A CD  1 
ATOM   131  N  NE  . ARG A 1 22  ? 7.668   12.700  6.991   1.00 70.41 ? 22  ARG A NE  1 
ATOM   132  C  CZ  . ARG A 1 22  ? 7.825   11.595  7.726   1.00 70.35 ? 22  ARG A CZ  1 
ATOM   133  N  NH1 . ARG A 1 22  ? 7.492   10.390  7.267   1.00 69.67 ? 22  ARG A NH1 1 
ATOM   134  N  NH2 . ARG A 1 22  ? 8.300   11.699  8.955   1.00 70.69 ? 22  ARG A NH2 1 
HETATM 135  N  N   . MSE A 1 23  ? 3.576   9.474   4.124   1.00 64.03 ? 23  MSE A N   1 
HETATM 136  C  CA  . MSE A 1 23  ? 2.781   8.409   4.750   1.00 64.94 ? 23  MSE A CA  1 
HETATM 137  C  C   . MSE A 1 23  ? 3.400   7.016   4.523   1.00 61.60 ? 23  MSE A C   1 
HETATM 138  O  O   . MSE A 1 23  ? 3.330   6.147   5.381   1.00 60.51 ? 23  MSE A O   1 
HETATM 139  C  CB  . MSE A 1 23  ? 1.360   8.476   4.224   1.00 64.79 ? 23  MSE A CB  1 
HETATM 140  C  CG  . MSE A 1 23  ? 0.291   8.563   5.296   1.00 68.47 ? 23  MSE A CG  1 
HETATM 141  SE SE  . MSE A 1 23  ? -1.444  8.127   4.371   1.00 81.40 ? 23  MSE A SE  1 
HETATM 142  C  CE  . MSE A 1 23  ? -2.308  7.027   5.824   1.00 69.97 ? 23  MSE A CE  1 
ATOM   143  N  N   . ALA A 1 24  ? 4.006   6.820   3.360   1.00 59.58 ? 24  ALA A N   1 
ATOM   144  C  CA  . ALA A 1 24  ? 4.684   5.581   3.048   1.00 58.63 ? 24  ALA A CA  1 
ATOM   145  C  C   . ALA A 1 24  ? 5.921   5.413   3.926   1.00 57.64 ? 24  ALA A C   1 
ATOM   146  O  O   . ALA A 1 24  ? 6.150   4.322   4.443   1.00 57.41 ? 24  ALA A O   1 
ATOM   147  C  CB  . ALA A 1 24  ? 5.054   5.535   1.579   1.00 57.61 ? 24  ALA A CB  1 
ATOM   148  N  N   . GLU A 1 25  ? 6.728   6.478   4.080   1.00 55.97 ? 25  GLU A N   1 
ATOM   149  C  CA  . GLU A 1 25  ? 7.861   6.439   4.991   1.00 55.14 ? 25  GLU A CA  1 
ATOM   150  C  C   . GLU A 1 25  ? 7.420   6.037   6.404   1.00 53.21 ? 25  GLU A C   1 
ATOM   151  O  O   . GLU A 1 25  ? 8.037   5.210   7.042   1.00 52.64 ? 25  GLU A O   1 
ATOM   152  C  CB  . GLU A 1 25  ? 8.624   7.786   4.992   1.00 55.23 ? 25  GLU A CB  1 
ATOM   153  C  CG  . GLU A 1 25  ? 9.397   8.043   3.680   1.00 56.44 ? 25  GLU A CG  1 
ATOM   154  C  CD  . GLU A 1 25  ? 9.832   9.495   3.455   1.00 56.93 ? 25  GLU A CD  1 
ATOM   155  O  OE1 . GLU A 1 25  ? 9.071   10.451  3.716   1.00 61.09 ? 25  GLU A OE1 1 
ATOM   156  O  OE2 . GLU A 1 25  ? 10.958  9.690   2.974   1.00 58.52 ? 25  GLU A OE2 1 
ATOM   157  N  N   . ALA A 1 26  ? 6.326   6.612   6.865   1.00 52.40 ? 26  ALA A N   1 
ATOM   158  C  CA  . ALA A 1 26  ? 5.757   6.274   8.166   1.00 51.89 ? 26  ALA A CA  1 
ATOM   159  C  C   . ALA A 1 26  ? 5.352   4.782   8.303   1.00 51.12 ? 26  ALA A C   1 
ATOM   160  O  O   . ALA A 1 26  ? 5.677   4.119   9.315   1.00 51.46 ? 26  ALA A O   1 
ATOM   161  C  CB  . ALA A 1 26  ? 4.570   7.212   8.463   1.00 51.41 ? 26  ALA A CB  1 
ATOM   162  N  N   . VAL A 1 27  ? 4.670   4.252   7.290   1.00 50.23 ? 27  VAL A N   1 
ATOM   163  C  CA  . VAL A 1 27  ? 4.289   2.847   7.261   1.00 50.00 ? 27  VAL A CA  1 
ATOM   164  C  C   . VAL A 1 27  ? 5.549   1.980   7.153   1.00 51.28 ? 27  VAL A C   1 
ATOM   165  O  O   . VAL A 1 27  ? 5.707   1.053   7.930   1.00 52.00 ? 27  VAL A O   1 
ATOM   166  C  CB  . VAL A 1 27  ? 3.266   2.554   6.102   1.00 51.19 ? 27  VAL A CB  1 
ATOM   167  C  CG1 . VAL A 1 27  ? 2.903   1.023   5.981   1.00 47.21 ? 27  VAL A CG1 1 
ATOM   168  C  CG2 . VAL A 1 27  ? 2.012   3.439   6.268   1.00 45.98 ? 27  VAL A CG2 1 
ATOM   169  N  N   . ALA A 1 28  ? 6.476   2.324   6.254   1.00 51.08 ? 28  ALA A N   1 
ATOM   170  C  CA  . ALA A 1 28  ? 7.770   1.640   6.167   1.00 50.65 ? 28  ALA A CA  1 
ATOM   171  C  C   . ALA A 1 28  ? 8.508   1.577   7.523   1.00 51.11 ? 28  ALA A C   1 
ATOM   172  O  O   . ALA A 1 28  ? 8.993   0.538   7.928   1.00 51.59 ? 28  ALA A O   1 
ATOM   173  C  CB  . ALA A 1 28  ? 8.631   2.302   5.116   1.00 50.83 ? 28  ALA A CB  1 
ATOM   174  N  N   . GLU A 1 29  ? 8.591   2.703   8.228   1.00 50.83 ? 29  GLU A N   1 
ATOM   175  C  CA  . GLU A 1 29  ? 9.146   2.757   9.584   1.00 49.73 ? 29  GLU A CA  1 
ATOM   176  C  C   . GLU A 1 29  ? 8.489   1.771   10.550  1.00 49.54 ? 29  GLU A C   1 
ATOM   177  O  O   . GLU A 1 29  ? 9.179   1.051   11.252  1.00 50.20 ? 29  GLU A O   1 
ATOM   178  C  CB  . GLU A 1 29  ? 9.022   4.188   10.124  1.00 49.83 ? 29  GLU A CB  1 
ATOM   179  C  CG  . GLU A 1 29  ? 9.564   4.431   11.509  1.00 49.55 ? 29  GLU A CG  1 
ATOM   180  C  CD  . GLU A 1 29  ? 9.554   5.906   11.850  1.00 49.21 ? 29  GLU A CD  1 
ATOM   181  O  OE1 . GLU A 1 29  ? 9.507   6.717   10.909  1.00 49.72 ? 29  GLU A OE1 1 
ATOM   182  O  OE2 . GLU A 1 29  ? 9.590   6.263   13.047  1.00 46.13 ? 29  GLU A OE2 1 
ATOM   183  N  N   . GLY A 1 30  ? 7.161   1.727   10.593  1.00 49.72 ? 30  GLY A N   1 
ATOM   184  C  CA  . GLY A 1 30  ? 6.469   0.804   11.491  1.00 49.31 ? 30  GLY A CA  1 
ATOM   185  C  C   . GLY A 1 30  ? 6.695   -0.664  11.175  1.00 49.47 ? 30  GLY A C   1 
ATOM   186  O  O   . GLY A 1 30  ? 6.886   -1.496  12.093  1.00 47.81 ? 30  GLY A O   1 
ATOM   187  N  N   . ALA A 1 31  ? 6.634   -0.986  9.873   1.00 49.55 ? 31  ALA A N   1 
ATOM   188  C  CA  . ALA A 1 31  ? 6.821   -2.371  9.376   1.00 49.98 ? 31  ALA A CA  1 
ATOM   189  C  C   . ALA A 1 31  ? 8.297   -2.724  9.181   1.00 51.05 ? 31  ALA A C   1 
ATOM   190  O  O   . ALA A 1 31  ? 8.614   -3.871  8.830   1.00 50.55 ? 31  ALA A O   1 
ATOM   191  C  CB  . ALA A 1 31  ? 6.127   -2.548  8.073   1.00 49.48 ? 31  ALA A CB  1 
ATOM   192  N  N   . GLU A 1 32  ? 9.181   -1.738  9.395   1.00 51.37 ? 32  GLU A N   1 
ATOM   193  C  CA  . GLU A 1 32  ? 10.561  -1.850  8.977   1.00 52.54 ? 32  GLU A CA  1 
ATOM   194  C  C   . GLU A 1 32  ? 10.631  -2.415  7.560   1.00 52.31 ? 32  GLU A C   1 
ATOM   195  O  O   . GLU A 1 32  ? 11.266  -3.428  7.334   1.00 52.75 ? 32  GLU A O   1 
ATOM   196  C  CB  . GLU A 1 32  ? 11.322  -2.734  9.967   1.00 52.38 ? 32  GLU A CB  1 
ATOM   197  C  CG  . GLU A 1 32  ? 11.240  -2.210  11.406  1.00 54.14 ? 32  GLU A CG  1 
ATOM   198  C  CD  . GLU A 1 32  ? 12.110  -3.007  12.387  1.00 55.04 ? 32  GLU A CD  1 
ATOM   199  O  OE1 . GLU A 1 32  ? 11.909  -4.244  12.507  1.00 58.88 ? 32  GLU A OE1 1 
ATOM   200  O  OE2 . GLU A 1 32  ? 13.006  -2.401  13.023  1.00 59.41 ? 32  GLU A OE2 1 
ATOM   201  N  N   . ALA A 1 33  ? 9.942   -1.757  6.628   1.00 52.35 ? 33  ALA A N   1 
ATOM   202  C  CA  . ALA A 1 33  ? 9.772   -2.217  5.252   1.00 51.56 ? 33  ALA A CA  1 
ATOM   203  C  C   . ALA A 1 33  ? 10.794  -1.576  4.347   1.00 51.25 ? 33  ALA A C   1 
ATOM   204  O  O   . ALA A 1 33  ? 11.413  -0.583  4.708   1.00 50.30 ? 33  ALA A O   1 
ATOM   205  C  CB  . ALA A 1 33  ? 8.397   -1.849  4.769   1.00 51.80 ? 33  ALA A CB  1 
ATOM   206  N  N   . THR A 1 34  ? 10.976  -2.148  3.159   1.00 51.15 ? 34  THR A N   1 
ATOM   207  C  CA  . THR A 1 34  ? 11.645  -1.424  2.090   1.00 50.88 ? 34  THR A CA  1 
ATOM   208  C  C   . THR A 1 34  ? 10.562  -0.674  1.286   1.00 50.61 ? 34  THR A C   1 
ATOM   209  O  O   . THR A 1 34  ? 9.371   -1.041  1.297   1.00 50.43 ? 34  THR A O   1 
ATOM   210  C  CB  . THR A 1 34  ? 12.542  -2.343  1.222   1.00 51.20 ? 34  THR A CB  1 
ATOM   211  O  OG1 . THR A 1 34  ? 11.758  -3.400  0.680   1.00 54.68 ? 34  THR A OG1 1 
ATOM   212  C  CG2 . THR A 1 34  ? 13.637  -2.940  2.057   1.00 48.76 ? 34  THR A CG2 1 
ATOM   213  N  N   . LEU A 1 35  ? 10.985  0.413   0.662   1.00 49.82 ? 35  LEU A N   1 
ATOM   214  C  CA  . LEU A 1 35  ? 10.121  1.321   -0.041  1.00 50.47 ? 35  LEU A CA  1 
ATOM   215  C  C   . LEU A 1 35  ? 10.388  1.189   -1.528  1.00 50.95 ? 35  LEU A C   1 
ATOM   216  O  O   . LEU A 1 35  ? 11.563  1.127   -1.960  1.00 49.96 ? 35  LEU A O   1 
ATOM   217  C  CB  . LEU A 1 35  ? 10.399  2.755   0.371   1.00 50.75 ? 35  LEU A CB  1 
ATOM   218  C  CG  . LEU A 1 35  ? 9.743   3.299   1.634   1.00 51.42 ? 35  LEU A CG  1 
ATOM   219  C  CD1 . LEU A 1 35  ? 10.468  4.580   2.035   1.00 51.48 ? 35  LEU A CD1 1 
ATOM   220  C  CD2 . LEU A 1 35  ? 8.316   3.537   1.367   1.00 51.87 ? 35  LEU A CD2 1 
ATOM   221  N  N   . HIS A 1 36  ? 9.308   1.148   -2.310  1.00 50.76 ? 36  HIS A N   1 
ATOM   222  C  CA  . HIS A 1 36  ? 9.420   1.116   -3.756  1.00 51.24 ? 36  HIS A CA  1 
ATOM   223  C  C   . HIS A 1 36  ? 8.391   2.031   -4.382  1.00 51.42 ? 36  HIS A C   1 
ATOM   224  O  O   . HIS A 1 36  ? 7.219   1.928   -4.084  1.00 51.77 ? 36  HIS A O   1 
ATOM   225  C  CB  . HIS A 1 36  ? 9.281   -0.321  -4.257  1.00 51.53 ? 36  HIS A CB  1 
ATOM   226  C  CG  . HIS A 1 36  ? 10.521  -1.134  -4.056  1.00 51.50 ? 36  HIS A CG  1 
ATOM   227  N  ND1 . HIS A 1 36  ? 11.603  -1.058  -4.905  1.00 51.41 ? 36  HIS A ND1 1 
ATOM   228  C  CD2 . HIS A 1 36  ? 10.861  -2.013  -3.087  1.00 52.41 ? 36  HIS A CD2 1 
ATOM   229  C  CE1 . HIS A 1 36  ? 12.556  -1.867  -4.475  1.00 53.83 ? 36  HIS A CE1 1 
ATOM   230  N  NE2 . HIS A 1 36  ? 12.131  -2.458  -3.371  1.00 54.62 ? 36  HIS A NE2 1 
ATOM   231  N  N   . ALA A 1 37  ? 8.850   2.924   -5.250  1.00 51.48 ? 37  ALA A N   1 
ATOM   232  C  CA  . ALA A 1 37  ? 8.032   4.026   -5.728  1.00 51.52 ? 37  ALA A CA  1 
ATOM   233  C  C   . ALA A 1 37  ? 7.600   3.735   -7.136  1.00 51.58 ? 37  ALA A C   1 
ATOM   234  O  O   . ALA A 1 37  ? 8.450   3.478   -7.967  1.00 52.54 ? 37  ALA A O   1 
ATOM   235  C  CB  . ALA A 1 37  ? 8.830   5.328   -5.691  1.00 50.50 ? 37  ALA A CB  1 
ATOM   236  N  N   . ILE A 1 38  ? 6.291   3.755   -7.400  1.00 51.79 ? 38  ILE A N   1 
ATOM   237  C  CA  . ILE A 1 38  ? 5.756   3.796   -8.775  1.00 51.52 ? 38  ILE A CA  1 
ATOM   238  C  C   . ILE A 1 38  ? 6.032   5.202   -9.266  1.00 51.92 ? 38  ILE A C   1 
ATOM   239  O  O   . ILE A 1 38  ? 5.689   6.163   -8.579  1.00 53.03 ? 38  ILE A O   1 
ATOM   240  C  CB  . ILE A 1 38  ? 4.239   3.568   -8.794  1.00 51.74 ? 38  ILE A CB  1 
ATOM   241  C  CG1 . ILE A 1 38  ? 3.896   2.190   -8.209  1.00 52.34 ? 38  ILE A CG1 1 
ATOM   242  C  CG2 . ILE A 1 38  ? 3.638   3.792   -10.187 1.00 50.46 ? 38  ILE A CG2 1 
ATOM   243  C  CD1 . ILE A 1 38  ? 2.506   2.101   -7.497  1.00 50.65 ? 38  ILE A CD1 1 
ATOM   244  N  N   . ASP A 1 39  ? 6.691   5.344   -10.417 1.00 51.68 ? 39  ASP A N   1 
ATOM   245  C  CA  . ASP A 1 39  ? 7.068   6.679   -10.887 1.00 51.10 ? 39  ASP A CA  1 
ATOM   246  C  C   . ASP A 1 39  ? 5.885   7.460   -11.473 1.00 50.84 ? 39  ASP A C   1 
ATOM   247  O  O   . ASP A 1 39  ? 4.755   6.962   -11.517 1.00 51.11 ? 39  ASP A O   1 
ATOM   248  C  CB  . ASP A 1 39  ? 8.286   6.613   -11.823 1.00 50.77 ? 39  ASP A CB  1 
ATOM   249  C  CG  . ASP A 1 39  ? 7.998   5.916   -13.139 1.00 51.25 ? 39  ASP A CG  1 
ATOM   250  O  OD1 . ASP A 1 39  ? 6.811   5.867   -13.551 1.00 48.16 ? 39  ASP A OD1 1 
ATOM   251  O  OD2 . ASP A 1 39  ? 8.979   5.442   -13.776 1.00 49.88 ? 39  ASP A OD2 1 
ATOM   252  N  N   . ALA A 1 40  ? 6.149   8.692   -11.895 1.00 50.70 ? 40  ALA A N   1 
ATOM   253  C  CA  . ALA A 1 40  ? 5.107   9.608   -12.367 1.00 50.83 ? 40  ALA A CA  1 
ATOM   254  C  C   . ALA A 1 40  ? 4.367   9.096   -13.582 1.00 50.99 ? 40  ALA A C   1 
ATOM   255  O  O   . ALA A 1 40  ? 3.294   9.618   -13.916 1.00 50.62 ? 40  ALA A O   1 
ATOM   256  C  CB  . ALA A 1 40  ? 5.697   10.979  -12.684 1.00 51.06 ? 40  ALA A CB  1 
ATOM   257  N  N   . GLU A 1 41  ? 4.949   8.095   -14.247 1.00 51.29 ? 41  GLU A N   1 
ATOM   258  C  CA  . GLU A 1 41  ? 4.344   7.451   -15.415 1.00 51.19 ? 41  GLU A CA  1 
ATOM   259  C  C   . GLU A 1 41  ? 3.674   6.089   -15.143 1.00 50.42 ? 41  GLU A C   1 
ATOM   260  O  O   . GLU A 1 41  ? 3.259   5.415   -16.076 1.00 49.60 ? 41  GLU A O   1 
ATOM   261  C  CB  . GLU A 1 41  ? 5.435   7.323   -16.492 1.00 51.53 ? 41  GLU A CB  1 
ATOM   262  C  CG  . GLU A 1 41  ? 5.611   8.581   -17.316 1.00 51.57 ? 41  GLU A CG  1 
ATOM   263  C  CD  . GLU A 1 41  ? 7.054   8.826   -17.730 1.00 53.69 ? 41  GLU A CD  1 
ATOM   264  O  OE1 . GLU A 1 41  ? 7.824   9.375   -16.904 1.00 59.63 ? 41  GLU A OE1 1 
ATOM   265  O  OE2 . GLU A 1 41  ? 7.424   8.516   -18.887 1.00 56.78 ? 41  GLU A OE2 1 
ATOM   266  N  N   . GLY A 1 42  ? 3.569   5.690   -13.869 1.00 50.43 ? 42  GLY A N   1 
ATOM   267  C  CA  . GLY A 1 42  ? 2.940   4.416   -13.485 1.00 51.09 ? 42  GLY A CA  1 
ATOM   268  C  C   . GLY A 1 42  ? 3.820   3.193   -13.696 1.00 51.64 ? 42  GLY A C   1 
ATOM   269  O  O   . GLY A 1 42  ? 3.344   2.096   -13.980 1.00 52.88 ? 42  GLY A O   1 
ATOM   270  N  N   . ASN A 1 43  ? 5.120   3.391   -13.571 1.00 51.56 ? 43  ASN A N   1 
ATOM   271  C  CA  . ASN A 1 43  ? 6.092   2.350   -13.819 1.00 51.16 ? 43  ASN A CA  1 
ATOM   272  C  C   . ASN A 1 43  ? 6.836   2.027   -12.524 1.00 50.53 ? 43  ASN A C   1 
ATOM   273  O  O   . ASN A 1 43  ? 7.101   2.906   -11.710 1.00 50.02 ? 43  ASN A O   1 
ATOM   274  C  CB  . ASN A 1 43  ? 7.075   2.791   -14.889 1.00 51.03 ? 43  ASN A CB  1 
ATOM   275  C  CG  . ASN A 1 43  ? 6.470   2.833   -16.278 1.00 51.17 ? 43  ASN A CG  1 
ATOM   276  O  OD1 . ASN A 1 43  ? 6.837   3.701   -17.084 1.00 52.11 ? 43  ASN A OD1 1 
ATOM   277  N  ND2 . ASN A 1 43  ? 5.613   1.876   -16.593 1.00 45.22 ? 43  ASN A ND2 1 
ATOM   278  N  N   . LEU A 1 44  ? 7.103   0.744   -12.329 1.00 49.90 ? 44  LEU A N   1 
ATOM   279  C  CA  . LEU A 1 44  ? 7.865   0.269   -11.199 1.00 49.63 ? 44  LEU A CA  1 
ATOM   280  C  C   . LEU A 1 44  ? 9.115   -0.425  -11.781 1.00 49.66 ? 44  LEU A C   1 
ATOM   281  O  O   . LEU A 1 44  ? 9.059   -1.095  -12.810 1.00 49.09 ? 44  LEU A O   1 
ATOM   282  C  CB  . LEU A 1 44  ? 7.017   -0.690  -10.360 1.00 49.78 ? 44  LEU A CB  1 
ATOM   283  C  CG  . LEU A 1 44  ? 7.611   -1.167  -9.037  1.00 49.82 ? 44  LEU A CG  1 
ATOM   284  C  CD1 . LEU A 1 44  ? 7.839   0.023   -8.105  1.00 47.45 ? 44  LEU A CD1 1 
ATOM   285  C  CD2 . LEU A 1 44  ? 6.698   -2.206  -8.392  1.00 48.14 ? 44  LEU A CD2 1 
ATOM   286  N  N   . SER A 1 45  ? 10.254  -0.250  -11.138 1.00 49.82 ? 45  SER A N   1 
ATOM   287  C  CA  . SER A 1 45  ? 11.458  -0.897  -11.622 1.00 50.00 ? 45  SER A CA  1 
ATOM   288  C  C   . SER A 1 45  ? 11.364  -2.413  -11.435 1.00 50.46 ? 45  SER A C   1 
ATOM   289  O  O   . SER A 1 45  ? 10.522  -2.947  -10.712 1.00 48.77 ? 45  SER A O   1 
ATOM   290  C  CB  . SER A 1 45  ? 12.672  -0.353  -10.874 1.00 49.78 ? 45  SER A CB  1 
ATOM   291  O  OG  . SER A 1 45  ? 12.567  -0.665  -9.494  1.00 50.11 ? 45  SER A OG  1 
ATOM   292  N  N   . GLU A 1 46  ? 12.300  -3.105  -12.044 1.00 51.29 ? 46  GLU A N   1 
ATOM   293  C  CA  . GLU A 1 46  ? 12.290  -4.546  -12.028 1.00 52.94 ? 46  GLU A CA  1 
ATOM   294  C  C   . GLU A 1 46  ? 12.727  -4.995  -10.634 1.00 52.79 ? 46  GLU A C   1 
ATOM   295  O  O   . GLU A 1 46  ? 12.370  -6.074  -10.166 1.00 52.97 ? 46  GLU A O   1 
ATOM   296  C  CB  . GLU A 1 46  ? 13.205  -5.068  -13.111 1.00 54.09 ? 46  GLU A CB  1 
ATOM   297  C  CG  . GLU A 1 46  ? 12.968  -4.407  -14.516 1.00 58.42 ? 46  GLU A CG  1 
ATOM   298  C  CD  . GLU A 1 46  ? 13.285  -2.864  -14.589 1.00 63.20 ? 46  GLU A CD  1 
ATOM   299  O  OE1 . GLU A 1 46  ? 13.900  -2.284  -13.639 1.00 65.54 ? 46  GLU A OE1 1 
ATOM   300  O  OE2 . GLU A 1 46  ? 12.897  -2.234  -15.612 1.00 65.59 ? 46  GLU A OE2 1 
ATOM   301  N  N   . ASP A 1 47  ? 13.482  -4.129  -9.970  1.00 52.70 ? 47  ASP A N   1 
ATOM   302  C  CA  . ASP A 1 47  ? 13.808  -4.273  -8.561  1.00 52.88 ? 47  ASP A CA  1 
ATOM   303  C  C   . ASP A 1 47  ? 12.540  -4.220  -7.697  1.00 53.10 ? 47  ASP A C   1 
ATOM   304  O  O   . ASP A 1 47  ? 12.383  -5.015  -6.783  1.00 53.99 ? 47  ASP A O   1 
ATOM   305  C  CB  . ASP A 1 47  ? 14.764  -3.157  -8.155  1.00 52.95 ? 47  ASP A CB  1 
ATOM   306  C  CG  . ASP A 1 47  ? 15.966  -3.052  -9.106  1.00 55.45 ? 47  ASP A CG  1 
ATOM   307  O  OD1 . ASP A 1 47  ? 15.761  -2.651  -10.293 1.00 58.94 ? 47  ASP A OD1 1 
ATOM   308  O  OD2 . ASP A 1 47  ? 17.096  -3.392  -8.677  1.00 53.02 ? 47  ASP A OD2 1 
ATOM   309  N  N   . GLY A 1 48  ? 11.644  -3.282  -7.974  1.00 52.43 ? 48  GLY A N   1 
ATOM   310  C  CA  . GLY A 1 48  ? 10.361  -3.252  -7.276  1.00 52.45 ? 48  GLY A CA  1 
ATOM   311  C  C   . GLY A 1 48  ? 9.583   -4.545  -7.416  1.00 52.08 ? 48  GLY A C   1 
ATOM   312  O  O   . GLY A 1 48  ? 9.160   -5.115  -6.415  1.00 52.81 ? 48  GLY A O   1 
ATOM   313  N  N   . TRP A 1 49  ? 9.405   -5.008  -8.649  1.00 51.92 ? 49  TRP A N   1 
ATOM   314  C  CA  . TRP A 1 49  ? 8.594   -6.204  -8.950  1.00 51.81 ? 49  TRP A CA  1 
ATOM   315  C  C   . TRP A 1 49  ? 9.188   -7.470  -8.323  1.00 51.79 ? 49  TRP A C   1 
ATOM   316  O  O   . TRP A 1 49  ? 8.465   -8.306  -7.765  1.00 52.98 ? 49  TRP A O   1 
ATOM   317  C  CB  . TRP A 1 49  ? 8.459   -6.419  -10.471 1.00 51.29 ? 49  TRP A CB  1 
ATOM   318  C  CG  . TRP A 1 49  ? 7.614   -5.390  -11.173 1.00 51.13 ? 49  TRP A CG  1 
ATOM   319  C  CD1 . TRP A 1 49  ? 8.043   -4.421  -12.040 1.00 50.97 ? 49  TRP A CD1 1 
ATOM   320  C  CD2 . TRP A 1 49  ? 6.205   -5.214  -11.057 1.00 49.82 ? 49  TRP A CD2 1 
ATOM   321  N  NE1 . TRP A 1 49  ? 6.988   -3.666  -12.481 1.00 50.76 ? 49  TRP A NE1 1 
ATOM   322  C  CE2 . TRP A 1 49  ? 5.845   -4.132  -11.893 1.00 49.76 ? 49  TRP A CE2 1 
ATOM   323  C  CE3 . TRP A 1 49  ? 5.215   -5.883  -10.366 1.00 50.32 ? 49  TRP A CE3 1 
ATOM   324  C  CZ2 . TRP A 1 49  ? 4.552   -3.706  -12.037 1.00 49.59 ? 49  TRP A CZ2 1 
ATOM   325  C  CZ3 . TRP A 1 49  ? 3.902   -5.455  -10.521 1.00 51.57 ? 49  TRP A CZ3 1 
ATOM   326  C  CH2 . TRP A 1 49  ? 3.590   -4.371  -11.343 1.00 51.27 ? 49  TRP A CH2 1 
ATOM   327  N  N   . ALA A 1 50  ? 10.495  -7.610  -8.411  1.00 50.83 ? 50  ALA A N   1 
ATOM   328  C  CA  . ALA A 1 50  ? 11.180  -8.709  -7.732  1.00 51.18 ? 50  ALA A CA  1 
ATOM   329  C  C   . ALA A 1 50  ? 10.963  -8.653  -6.206  1.00 51.13 ? 50  ALA A C   1 
ATOM   330  O  O   . ALA A 1 50  ? 10.677  -9.674  -5.586  1.00 51.69 ? 50  ALA A O   1 
ATOM   331  C  CB  . ALA A 1 50  ? 12.684  -8.709  -8.070  1.00 50.12 ? 50  ALA A CB  1 
ATOM   332  N  N   . ALA A 1 51  ? 11.100  -7.467  -5.617  1.00 50.82 ? 51  ALA A N   1 
ATOM   333  C  CA  . ALA A 1 51  ? 10.850  -7.272  -4.202  1.00 51.14 ? 51  ALA A CA  1 
ATOM   334  C  C   . ALA A 1 51  ? 9.427   -7.683  -3.849  1.00 51.14 ? 51  ALA A C   1 
ATOM   335  O  O   . ALA A 1 51  ? 9.225   -8.366  -2.872  1.00 51.57 ? 51  ALA A O   1 
ATOM   336  C  CB  . ALA A 1 51  ? 11.088  -5.822  -3.819  1.00 51.06 ? 51  ALA A CB  1 
ATOM   337  N  N   . LEU A 1 52  ? 8.445   -7.304  -4.657  1.00 51.74 ? 52  LEU A N   1 
ATOM   338  C  CA  . LEU A 1 52  ? 7.048   -7.690  -4.383  1.00 51.83 ? 52  LEU A CA  1 
ATOM   339  C  C   . LEU A 1 52  ? 6.874   -9.207  -4.411  1.00 51.73 ? 52  LEU A C   1 
ATOM   340  O  O   . LEU A 1 52  ? 6.321   -9.775  -3.488  1.00 51.71 ? 52  LEU A O   1 
ATOM   341  C  CB  . LEU A 1 52  ? 6.076   -7.092  -5.388  1.00 52.59 ? 52  LEU A CB  1 
ATOM   342  C  CG  . LEU A 1 52  ? 5.538   -5.642  -5.364  1.00 54.31 ? 52  LEU A CG  1 
ATOM   343  C  CD1 . LEU A 1 52  ? 5.179   -5.156  -3.973  1.00 53.95 ? 52  LEU A CD1 1 
ATOM   344  C  CD2 . LEU A 1 52  ? 6.542   -4.719  -6.050  1.00 57.28 ? 52  LEU A CD2 1 
ATOM   345  N  N   . ASP A 1 53  ? 7.333   -9.871  -5.472  1.00 51.50 ? 53  ASP A N   1 
ATOM   346  C  CA  . ASP A 1 53  ? 7.328   -11.344 -5.481  1.00 51.74 ? 53  ASP A CA  1 
ATOM   347  C  C   . ASP A 1 53  ? 8.075   -11.994 -4.268  1.00 50.61 ? 53  ASP A C   1 
ATOM   348  O  O   . ASP A 1 53  ? 7.745   -13.108 -3.887  1.00 49.39 ? 53  ASP A O   1 
ATOM   349  C  CB  . ASP A 1 53  ? 7.930   -11.934 -6.769  1.00 51.64 ? 53  ASP A CB  1 
ATOM   350  C  CG  . ASP A 1 53  ? 7.161   -11.561 -8.040  1.00 53.79 ? 53  ASP A CG  1 
ATOM   351  O  OD1 . ASP A 1 53  ? 6.115   -10.860 -8.012  1.00 53.96 ? 53  ASP A OD1 1 
ATOM   352  O  OD2 . ASP A 1 53  ? 7.668   -11.975 -9.109  1.00 57.44 ? 53  ASP A OD2 1 
ATOM   353  N  N   . ALA A 1 54  ? 9.044   -11.314 -3.663  1.00 50.32 ? 54  ALA A N   1 
ATOM   354  C  CA  . ALA A 1 54  ? 9.805   -11.929 -2.532  1.00 51.32 ? 54  ALA A CA  1 
ATOM   355  C  C   . ALA A 1 54  ? 9.285   -11.482 -1.163  1.00 51.17 ? 54  ALA A C   1 
ATOM   356  O  O   . ALA A 1 54  ? 9.775   -11.949 -0.147  1.00 51.59 ? 54  ALA A O   1 
ATOM   357  C  CB  . ALA A 1 54  ? 11.328  -11.661 -2.644  1.00 49.49 ? 54  ALA A CB  1 
ATOM   358  N  N   . ALA A 1 55  ? 8.297   -10.598 -1.137  1.00 51.49 ? 55  ALA A N   1 
ATOM   359  C  CA  . ALA A 1 55  ? 7.773   -10.047 0.142   1.00 51.85 ? 55  ALA A CA  1 
ATOM   360  C  C   . ALA A 1 55  ? 6.856   -11.048 0.834   1.00 52.10 ? 55  ALA A C   1 
ATOM   361  O  O   . ALA A 1 55  ? 6.157   -11.822 0.147   1.00 53.08 ? 55  ALA A O   1 
ATOM   362  C  CB  . ALA A 1 55  ? 7.051   -8.720  -0.075  1.00 50.55 ? 55  ALA A CB  1 
ATOM   363  N  N   . ASP A 1 56  ? 6.906   -11.062 2.173   1.00 51.64 ? 56  ASP A N   1 
ATOM   364  C  CA  . ASP A 1 56  ? 5.852   -11.692 2.992   1.00 52.00 ? 56  ASP A CA  1 
ATOM   365  C  C   . ASP A 1 56  ? 4.565   -10.825 3.131   1.00 51.83 ? 56  ASP A C   1 
ATOM   366  O  O   . ASP A 1 56  ? 3.497   -11.363 3.411   1.00 51.80 ? 56  ASP A O   1 
ATOM   367  C  CB  . ASP A 1 56  ? 6.363   -12.018 4.389   1.00 51.93 ? 56  ASP A CB  1 
ATOM   368  C  CG  . ASP A 1 56  ? 7.463   -13.031 4.375   1.00 51.76 ? 56  ASP A CG  1 
ATOM   369  O  OD1 . ASP A 1 56  ? 7.279   -14.114 3.782   1.00 52.76 ? 56  ASP A OD1 1 
ATOM   370  O  OD2 . ASP A 1 56  ? 8.504   -12.738 4.990   1.00 54.91 ? 56  ASP A OD2 1 
ATOM   371  N  N   . ALA A 1 57  ? 4.711   -9.501  2.969   1.00 51.51 ? 57  ALA A N   1 
ATOM   372  C  CA  . ALA A 1 57  ? 3.626   -8.536  3.073   1.00 51.26 ? 57  ALA A CA  1 
ATOM   373  C  C   . ALA A 1 57  ? 3.871   -7.430  2.056   1.00 51.14 ? 57  ALA A C   1 
ATOM   374  O  O   . ALA A 1 57  ? 5.004   -7.041  1.853   1.00 51.11 ? 57  ALA A O   1 
ATOM   375  C  CB  . ALA A 1 57  ? 3.507   -7.953  4.466   1.00 50.07 ? 57  ALA A CB  1 
ATOM   376  N  N   . ILE A 1 58  ? 2.787   -7.000  1.401   1.00 51.46 ? 58  ILE A N   1 
ATOM   377  C  CA  . ILE A 1 58  ? 2.770   -5.914  0.391   1.00 52.01 ? 58  ILE A CA  1 
ATOM   378  C  C   . ILE A 1 58  ? 1.754   -4.909  0.864   1.00 51.61 ? 58  ILE A C   1 
ATOM   379  O  O   . ILE A 1 58  ? 0.590   -5.254  1.107   1.00 51.15 ? 58  ILE A O   1 
ATOM   380  C  CB  . ILE A 1 58  ? 2.365   -6.395  -1.036  1.00 51.47 ? 58  ILE A CB  1 
ATOM   381  C  CG1 . ILE A 1 58  ? 3.336   -7.476  -1.521  1.00 53.46 ? 58  ILE A CG1 1 
ATOM   382  C  CG2 . ILE A 1 58  ? 2.361   -5.234  -2.007  1.00 51.41 ? 58  ILE A CG2 1 
ATOM   383  C  CD1 . ILE A 1 58  ? 2.901   -8.222  -2.810  1.00 51.64 ? 58  ILE A CD1 1 
ATOM   384  N  N   . ILE A 1 59  ? 2.225   -3.688  1.064   1.00 51.55 ? 59  ILE A N   1 
ATOM   385  C  CA  . ILE A 1 59  ? 1.370   -2.603  1.481   1.00 51.47 ? 59  ILE A CA  1 
ATOM   386  C  C   . ILE A 1 59  ? 1.339   -1.589  0.340   1.00 51.21 ? 59  ILE A C   1 
ATOM   387  O  O   . ILE A 1 59  ? 2.351   -1.064  -0.060  1.00 50.79 ? 59  ILE A O   1 
ATOM   388  C  CB  . ILE A 1 59  ? 1.841   -1.937  2.790   1.00 51.25 ? 59  ILE A CB  1 
ATOM   389  C  CG1 . ILE A 1 59  ? 2.081   -2.988  3.884   1.00 50.89 ? 59  ILE A CG1 1 
ATOM   390  C  CG2 . ILE A 1 59  ? 0.814   -0.877  3.264   1.00 50.42 ? 59  ILE A CG2 1 
ATOM   391  C  CD1 . ILE A 1 59  ? 2.576   -2.369  5.269   1.00 51.53 ? 59  ILE A CD1 1 
ATOM   392  N  N   . PHE A 1 60  ? 0.146   -1.348  -0.159  1.00 51.05 ? 60  PHE A N   1 
ATOM   393  C  CA  . PHE A 1 60  ? -0.116  -0.460  -1.265  1.00 51.13 ? 60  PHE A CA  1 
ATOM   394  C  C   . PHE A 1 60  ? -0.366  0.988   -0.798  1.00 50.90 ? 60  PHE A C   1 
ATOM   395  O  O   . PHE A 1 60  ? -1.191  1.231   0.056   1.00 49.86 ? 60  PHE A O   1 
ATOM   396  C  CB  . PHE A 1 60  ? -1.408  -0.919  -1.947  1.00 51.24 ? 60  PHE A CB  1 
ATOM   397  C  CG  . PHE A 1 60  ? -1.343  -2.305  -2.618  1.00 50.23 ? 60  PHE A CG  1 
ATOM   398  C  CD1 . PHE A 1 60  ? -0.340  -2.646  -3.462  1.00 50.62 ? 60  PHE A CD1 1 
ATOM   399  C  CD2 . PHE A 1 60  ? -2.364  -3.217  -2.434  1.00 52.36 ? 60  PHE A CD2 1 
ATOM   400  C  CE1 . PHE A 1 60  ? -0.328  -3.908  -4.081  1.00 50.91 ? 60  PHE A CE1 1 
ATOM   401  C  CE2 . PHE A 1 60  ? -2.376  -4.432  -3.067  1.00 52.21 ? 60  PHE A CE2 1 
ATOM   402  C  CZ  . PHE A 1 60  ? -1.363  -4.783  -3.884  1.00 50.96 ? 60  PHE A CZ  1 
ATOM   403  N  N   . GLY A 1 61  ? 0.286   1.940   -1.434  1.00 50.55 ? 61  GLY A N   1 
ATOM   404  C  CA  . GLY A 1 61  ? 0.080   3.336   -1.143  1.00 51.51 ? 61  GLY A CA  1 
ATOM   405  C  C   . GLY A 1 61  ? -0.361  4.159   -2.340  1.00 52.04 ? 61  GLY A C   1 
ATOM   406  O  O   . GLY A 1 61  ? 0.265   4.152   -3.377  1.00 50.91 ? 61  GLY A O   1 
ATOM   407  N  N   . THR A 1 62  ? -1.425  4.930   -2.194  1.00 53.36 ? 62  THR A N   1 
ATOM   408  C  CA  . THR A 1 62  ? -1.795  5.828   -3.300  1.00 53.33 ? 62  THR A CA  1 
ATOM   409  C  C   . THR A 1 62  ? -2.585  7.015   -2.812  1.00 52.41 ? 62  THR A C   1 
ATOM   410  O  O   . THR A 1 62  ? -3.313  6.900   -1.828  1.00 52.92 ? 62  THR A O   1 
ATOM   411  C  CB  . THR A 1 62  ? -2.566  5.067   -4.401  1.00 53.54 ? 62  THR A CB  1 
ATOM   412  O  OG1 . THR A 1 62  ? -3.026  5.993   -5.391  1.00 54.86 ? 62  THR A OG1 1 
ATOM   413  C  CG2 . THR A 1 62  ? -3.779  4.270   -3.814  1.00 52.16 ? 62  THR A CG2 1 
ATOM   414  N  N   . PRO A 1 63  ? -2.426  8.153   -3.477  1.00 51.45 ? 63  PRO A N   1 
ATOM   415  C  CA  . PRO A 1 63  ? -3.326  9.298   -3.353  1.00 51.38 ? 63  PRO A CA  1 
ATOM   416  C  C   . PRO A 1 63  ? -4.727  8.929   -3.783  1.00 50.40 ? 63  PRO A C   1 
ATOM   417  O  O   . PRO A 1 63  ? -4.868  7.974   -4.474  1.00 49.94 ? 63  PRO A O   1 
ATOM   418  C  CB  . PRO A 1 63  ? -2.755  10.340  -4.343  1.00 51.32 ? 63  PRO A CB  1 
ATOM   419  C  CG  . PRO A 1 63  ? -1.444  9.825   -4.817  1.00 51.23 ? 63  PRO A CG  1 
ATOM   420  C  CD  . PRO A 1 63  ? -1.293  8.413   -4.392  1.00 52.48 ? 63  PRO A CD  1 
ATOM   421  N  N   . THR A 1 64  ? -5.727  9.687   -3.348  1.00 49.75 ? 64  THR A N   1 
ATOM   422  C  CA  . THR A 1 64  ? -7.084  9.564   -3.815  1.00 49.16 ? 64  THR A CA  1 
ATOM   423  C  C   . THR A 1 64  ? -7.252  10.785  -4.639  1.00 49.41 ? 64  THR A C   1 
ATOM   424  O  O   . THR A 1 64  ? -7.004  11.885  -4.176  1.00 49.08 ? 64  THR A O   1 
ATOM   425  C  CB  . THR A 1 64  ? -8.095  9.575   -2.688  1.00 49.91 ? 64  THR A CB  1 
ATOM   426  O  OG1 . THR A 1 64  ? -7.974  8.358   -1.952  1.00 50.18 ? 64  THR A OG1 1 
ATOM   427  C  CG2 . THR A 1 64  ? -9.597  9.733   -3.217  1.00 49.09 ? 64  THR A CG2 1 
ATOM   428  N  N   . TYR A 1 65  ? -7.610  10.595  -5.877  1.00 49.44 ? 65  TYR A N   1 
ATOM   429  C  CA  . TYR A 1 65  ? -7.707  11.667  -6.804  1.00 49.09 ? 65  TYR A CA  1 
ATOM   430  C  C   . TYR A 1 65  ? -8.898  11.407  -7.669  1.00 46.97 ? 65  TYR A C   1 
ATOM   431  O  O   . TYR A 1 65  ? -9.072  10.341  -8.170  1.00 45.24 ? 65  TYR A O   1 
ATOM   432  C  CB  . TYR A 1 65  ? -6.445  11.710  -7.626  1.00 51.86 ? 65  TYR A CB  1 
ATOM   433  C  CG  . TYR A 1 65  ? -6.237  12.982  -8.354  1.00 53.23 ? 65  TYR A CG  1 
ATOM   434  C  CD1 . TYR A 1 65  ? -5.739  14.086  -7.718  1.00 56.78 ? 65  TYR A CD1 1 
ATOM   435  C  CD2 . TYR A 1 65  ? -6.533  13.087  -9.681  1.00 55.69 ? 65  TYR A CD2 1 
ATOM   436  C  CE1 . TYR A 1 65  ? -5.546  15.255  -8.392  1.00 57.38 ? 65  TYR A CE1 1 
ATOM   437  C  CE2 . TYR A 1 65  ? -6.346  14.235  -10.354 1.00 55.71 ? 65  TYR A CE2 1 
ATOM   438  C  CZ  . TYR A 1 65  ? -5.855  15.321  -9.715  1.00 56.65 ? 65  TYR A CZ  1 
ATOM   439  O  OH  . TYR A 1 65  ? -5.673  16.476  -10.401 1.00 56.51 ? 65  TYR A OH  1 
HETATM 440  N  N   . MSE A 1 66  ? -9.721  12.415  -7.822  1.00 20.00 ? 66  MSE A N   1 
HETATM 441  C  CA  . MSE A 1 66  ? -10.980 12.297  -8.493  1.00 20.00 ? 66  MSE A CA  1 
HETATM 442  C  C   . MSE A 1 66  ? -11.718 11.029  -8.079  1.00 20.00 ? 66  MSE A C   1 
HETATM 443  O  O   . MSE A 1 66  ? -12.279 10.333  -8.868  1.00 48.56 ? 66  MSE A O   1 
HETATM 444  C  CB  . MSE A 1 66  ? -10.789 12.417  -9.996  1.00 20.00 ? 66  MSE A CB  1 
HETATM 445  C  CG  . MSE A 1 66  ? -10.252 13.773  -10.455 1.00 20.00 ? 66  MSE A CG  1 
HETATM 446  SE SE  . MSE A 1 66  ? -11.315 15.273  -10.012 1.00 20.00 ? 66  MSE A SE  1 
HETATM 447  C  CE  . MSE A 1 66  ? -12.858 14.798  -10.911 1.00 20.00 ? 66  MSE A CE  1 
ATOM   448  N  N   . GLY A 1 67  ? -11.702 10.729  -6.802  1.00 47.99 ? 67  GLY A N   1 
ATOM   449  C  CA  . GLY A 1 67  ? -12.536 9.681   -6.288  1.00 48.55 ? 67  GLY A CA  1 
ATOM   450  C  C   . GLY A 1 67  ? -12.017 8.272   -6.279  1.00 48.79 ? 67  GLY A C   1 
ATOM   451  O  O   . GLY A 1 67  ? -12.741 7.390   -5.963  1.00 48.14 ? 67  GLY A O   1 
ATOM   452  N  N   . GLY A 1 68  ? -10.760 8.082   -6.600  1.00 48.65 ? 68  GLY A N   1 
ATOM   453  C  CA  . GLY A 1 68  ? -10.176 6.757   -6.712  1.00 48.81 ? 68  GLY A CA  1 
ATOM   454  C  C   . GLY A 1 68  ? -8.663  6.808   -6.662  1.00 49.66 ? 68  GLY A C   1 
ATOM   455  O  O   . GLY A 1 68  ? -8.116  7.861   -6.490  1.00 50.79 ? 68  GLY A O   1 
ATOM   456  N  N   . PRO A 1 69  ? -7.985  5.652   -6.764  1.00 50.49 ? 69  PRO A N   1 
ATOM   457  C  CA  . PRO A 1 69  ? -6.536  5.670   -6.788  1.00 50.40 ? 69  PRO A CA  1 
ATOM   458  C  C   . PRO A 1 69  ? -6.008  6.429   -8.007  1.00 50.46 ? 69  PRO A C   1 
ATOM   459  O  O   . PRO A 1 69  ? -6.649  6.409   -9.065  1.00 51.30 ? 69  PRO A O   1 
ATOM   460  C  CB  . PRO A 1 69  ? -6.162  4.200   -6.887  1.00 49.61 ? 69  PRO A CB  1 
ATOM   461  C  CG  . PRO A 1 69  ? -7.279  3.530   -7.495  1.00 51.86 ? 69  PRO A CG  1 
ATOM   462  C  CD  . PRO A 1 69  ? -8.518  4.284   -6.992  1.00 51.18 ? 69  PRO A CD  1 
ATOM   463  N  N   . SER A 1 70  ? -4.869  7.091   -7.865  1.00 50.53 ? 70  SER A N   1 
ATOM   464  C  CA  . SER A 1 70  ? -4.262  7.762   -9.006  1.00 50.15 ? 70  SER A CA  1 
ATOM   465  C  C   . SER A 1 70  ? -4.140  6.822   -10.188 1.00 50.43 ? 70  SER A C   1 
ATOM   466  O  O   . SER A 1 70  ? -3.974  5.594   -10.022 1.00 50.23 ? 70  SER A O   1 
ATOM   467  C  CB  . SER A 1 70  ? -2.891  8.258   -8.630  1.00 50.49 ? 70  SER A CB  1 
ATOM   468  O  OG  . SER A 1 70  ? -2.072  7.207   -8.164  1.00 51.77 ? 70  SER A OG  1 
ATOM   469  N  N   . TRP A 1 71  ? -4.211  7.388   -11.393 1.00 50.44 ? 71  TRP A N   1 
ATOM   470  C  CA  . TRP A 1 71  ? -4.004  6.595   -12.571 1.00 50.46 ? 71  TRP A CA  1 
ATOM   471  C  C   . TRP A 1 71  ? -2.670  5.853   -12.554 1.00 51.26 ? 71  TRP A C   1 
ATOM   472  O  O   . TRP A 1 71  ? -2.585  4.744   -13.047 1.00 52.53 ? 71  TRP A O   1 
ATOM   473  C  CB  . TRP A 1 71  ? -4.153  7.410   -13.840 1.00 50.28 ? 71  TRP A CB  1 
ATOM   474  C  CG  . TRP A 1 71  ? -3.038  8.364   -14.194 1.00 49.39 ? 71  TRP A CG  1 
ATOM   475  C  CD1 . TRP A 1 71  ? -3.020  9.712   -13.979 1.00 47.88 ? 71  TRP A CD1 1 
ATOM   476  C  CD2 . TRP A 1 71  ? -1.824  8.047   -14.880 1.00 49.12 ? 71  TRP A CD2 1 
ATOM   477  N  NE1 . TRP A 1 71  ? -1.871  10.246  -14.476 1.00 48.36 ? 71  TRP A NE1 1 
ATOM   478  C  CE2 . TRP A 1 71  ? -1.109  9.251   -15.029 1.00 49.09 ? 71  TRP A CE2 1 
ATOM   479  C  CE3 . TRP A 1 71  ? -1.261  6.853   -15.378 1.00 49.06 ? 71  TRP A CE3 1 
ATOM   480  C  CZ2 . TRP A 1 71  ? 0.147   9.308   -15.667 1.00 48.93 ? 71  TRP A CZ2 1 
ATOM   481  C  CZ3 . TRP A 1 71  ? -0.015  6.910   -15.983 1.00 48.86 ? 71  TRP A CZ3 1 
ATOM   482  C  CH2 . TRP A 1 71  ? 0.667   8.131   -16.142 1.00 48.04 ? 71  TRP A CH2 1 
ATOM   483  N  N   . GLN A 1 72  ? -1.647  6.462   -11.973 1.00 51.40 ? 72  GLN A N   1 
ATOM   484  C  CA  . GLN A 1 72  ? -0.346  5.850   -11.876 1.00 51.32 ? 72  GLN A CA  1 
ATOM   485  C  C   . GLN A 1 72  ? -0.409  4.601   -11.012 1.00 51.28 ? 72  GLN A C   1 
ATOM   486  O  O   . GLN A 1 72  ? 0.141   3.591   -11.374 1.00 49.95 ? 72  GLN A O   1 
ATOM   487  C  CB  . GLN A 1 72  ? 0.681   6.839   -11.300 1.00 51.58 ? 72  GLN A CB  1 
ATOM   488  C  CG  . GLN A 1 72  ? 1.104   7.968   -12.247 1.00 50.25 ? 72  GLN A CG  1 
ATOM   489  C  CD  . GLN A 1 72  ? 0.328   9.267   -12.001 1.00 48.59 ? 72  GLN A CD  1 
ATOM   490  O  OE1 . GLN A 1 72  ? -0.785  9.268   -11.468 1.00 49.56 ? 72  GLN A OE1 1 
ATOM   491  N  NE2 . GLN A 1 72  ? 0.903   10.364  -12.424 1.00 45.29 ? 72  GLN A NE2 1 
ATOM   492  N  N   . PHE A 1 73  ? -1.078  4.661   -9.860  1.00 52.70 ? 73  PHE A N   1 
ATOM   493  C  CA  . PHE A 1 73  ? -1.302  3.426   -9.084  1.00 52.39 ? 73  PHE A CA  1 
ATOM   494  C  C   . PHE A 1 73  ? -2.065  2.341   -9.851  1.00 52.20 ? 73  PHE A C   1 
ATOM   495  O  O   . PHE A 1 73  ? -1.673  1.194   -9.815  1.00 52.53 ? 73  PHE A O   1 
ATOM   496  C  CB  . PHE A 1 73  ? -1.976  3.645   -7.741  1.00 53.85 ? 73  PHE A CB  1 
ATOM   497  C  CG  . PHE A 1 73  ? -2.002  2.396   -6.902  1.00 53.79 ? 73  PHE A CG  1 
ATOM   498  C  CD1 . PHE A 1 73  ? -0.937  2.059   -6.125  1.00 55.53 ? 73  PHE A CD1 1 
ATOM   499  C  CD2 . PHE A 1 73  ? -3.050  1.522   -6.982  1.00 57.52 ? 73  PHE A CD2 1 
ATOM   500  C  CE1 . PHE A 1 73  ? -0.942  0.923   -5.411  1.00 55.30 ? 73  PHE A CE1 1 
ATOM   501  C  CE2 . PHE A 1 73  ? -3.049  0.369   -6.256  1.00 56.47 ? 73  PHE A CE2 1 
ATOM   502  C  CZ  . PHE A 1 73  ? -2.003  0.082   -5.477  1.00 56.19 ? 73  PHE A CZ  1 
ATOM   503  N  N   . LYS A 1 74  ? -3.129  2.700   -10.558 1.00 52.15 ? 74  LYS A N   1 
ATOM   504  C  CA  . LYS A 1 74  ? -3.963  1.718   -11.280 1.00 51.74 ? 74  LYS A CA  1 
ATOM   505  C  C   . LYS A 1 74  ? -3.164  1.099   -12.438 1.00 52.07 ? 74  LYS A C   1 
ATOM   506  O  O   . LYS A 1 74  ? -3.199  -0.095  -12.653 1.00 53.69 ? 74  LYS A O   1 
ATOM   507  C  CB  . LYS A 1 74  ? -5.269  2.380   -11.736 1.00 51.00 ? 74  LYS A CB  1 
ATOM   508  C  CG  . LYS A 1 74  ? -6.276  1.468   -12.373 1.00 51.67 ? 74  LYS A CG  1 
ATOM   509  C  CD  . LYS A 1 74  ? -6.665  0.300   -11.451 1.00 51.95 ? 74  LYS A CD  1 
ATOM   510  C  CE  . LYS A 1 74  ? -7.844  -0.491  -11.964 1.00 49.23 ? 74  LYS A CE  1 
ATOM   511  N  NZ  . LYS A 1 74  ? -7.654  -0.966  -13.383 1.00 50.65 ? 74  LYS A NZ  1 
ATOM   512  N  N   . LYS A 1 75  ? -2.365  1.896   -13.140 1.00 52.39 ? 75  LYS A N   1 
ATOM   513  C  CA  . LYS A 1 75  ? -1.425  1.356   -14.149 1.00 51.56 ? 75  LYS A CA  1 
ATOM   514  C  C   . LYS A 1 75  ? -0.479  0.296   -13.576 1.00 51.27 ? 75  LYS A C   1 
ATOM   515  O  O   . LYS A 1 75  ? -0.133  -0.686  -14.235 1.00 51.49 ? 75  LYS A O   1 
ATOM   516  C  CB  . LYS A 1 75  ? -0.582  2.475   -14.760 1.00 50.87 ? 75  LYS A CB  1 
ATOM   517  C  CG  . LYS A 1 75  ? 0.356   1.987   -15.883 1.00 51.00 ? 75  LYS A CG  1 
ATOM   518  C  CD  . LYS A 1 75  ? 0.810   3.135   -16.753 1.00 51.42 ? 75  LYS A CD  1 
ATOM   519  C  CE  . LYS A 1 75  ? 1.514   2.673   -18.021 1.00 51.64 ? 75  LYS A CE  1 
ATOM   520  N  NZ  . LYS A 1 75  ? 2.977   2.627   -17.861 1.00 52.43 ? 75  LYS A NZ  1 
ATOM   521  N  N   . PHE A 1 76  ? -0.014  0.520   -12.368 1.00 50.38 ? 76  PHE A N   1 
ATOM   522  C  CA  . PHE A 1 76  ? 0.771   -0.489  -11.684 1.00 50.73 ? 76  PHE A CA  1 
ATOM   523  C  C   . PHE A 1 76  ? -0.078  -1.707  -11.320 1.00 51.67 ? 76  PHE A C   1 
ATOM   524  O  O   . PHE A 1 76  ? 0.400   -2.859  -11.461 1.00 53.25 ? 76  PHE A O   1 
ATOM   525  C  CB  . PHE A 1 76  ? 1.431   0.076   -10.425 1.00 50.48 ? 76  PHE A CB  1 
ATOM   526  C  CG  . PHE A 1 76  ? 1.643   -0.937  -9.374  1.00 50.35 ? 76  PHE A CG  1 
ATOM   527  C  CD1 . PHE A 1 76  ? 2.773   -1.763  -9.402  1.00 47.86 ? 76  PHE A CD1 1 
ATOM   528  C  CD2 . PHE A 1 76  ? 0.714   -1.090  -8.341  1.00 48.09 ? 76  PHE A CD2 1 
ATOM   529  C  CE1 . PHE A 1 76  ? 2.971   -2.748  -8.423  1.00 47.69 ? 76  PHE A CE1 1 
ATOM   530  C  CE2 . PHE A 1 76  ? 0.904   -2.059  -7.345  1.00 46.89 ? 76  PHE A CE2 1 
ATOM   531  C  CZ  . PHE A 1 76  ? 2.016   -2.910  -7.398  1.00 48.31 ? 76  PHE A CZ  1 
ATOM   532  N  N   . ALA A 1 77  ? -1.312  -1.470  -10.843 1.00 50.83 ? 77  ALA A N   1 
ATOM   533  C  CA  . ALA A 1 77  ? -2.208  -2.552  -10.471 1.00 50.97 ? 77  ALA A CA  1 
ATOM   534  C  C   . ALA A 1 77  ? -2.510  -3.419  -11.709 1.00 51.64 ? 77  ALA A C   1 
ATOM   535  O  O   . ALA A 1 77  ? -2.485  -4.689  -11.652 1.00 51.28 ? 77  ALA A O   1 
ATOM   536  C  CB  . ALA A 1 77  ? -3.526  -1.983  -9.871  1.00 50.12 ? 77  ALA A CB  1 
ATOM   537  N  N   . ASP A 1 78  ? -2.799  -2.726  -12.828 1.00 50.90 ? 78  ASP A N   1 
ATOM   538  C  CA  . ASP A 1 78  ? -3.091  -3.402  -14.076 1.00 50.90 ? 78  ASP A CA  1 
ATOM   539  C  C   . ASP A 1 78  ? -1.878  -4.259  -14.480 1.00 50.54 ? 78  ASP A C   1 
ATOM   540  O  O   . ASP A 1 78  ? -2.042  -5.392  -14.923 1.00 50.59 ? 78  ASP A O   1 
ATOM   541  C  CB  . ASP A 1 78  ? -3.526  -2.411  -15.172 1.00 50.11 ? 78  ASP A CB  1 
ATOM   542  C  CG  . ASP A 1 78  ? -4.901  -1.810  -14.913 1.00 50.83 ? 78  ASP A CG  1 
ATOM   543  O  OD1 . ASP A 1 78  ? -5.585  -2.239  -13.946 1.00 54.00 ? 78  ASP A OD1 1 
ATOM   544  O  OD2 . ASP A 1 78  ? -5.346  -0.912  -15.684 1.00 50.75 ? 78  ASP A OD2 1 
ATOM   545  N  N   . ALA A 1 79  ? -0.668  -3.734  -14.286 1.00 51.43 ? 79  ALA A N   1 
ATOM   546  C  CA  . ALA A 1 79  ? 0.566   -4.447  -14.647 1.00 51.11 ? 79  ALA A CA  1 
ATOM   547  C  C   . ALA A 1 79  ? 0.836   -5.621  -13.697 1.00 51.13 ? 79  ALA A C   1 
ATOM   548  O  O   . ALA A 1 79  ? 1.555   -6.528  -14.038 1.00 51.76 ? 79  ALA A O   1 
ATOM   549  C  CB  . ALA A 1 79  ? 1.770   -3.493  -14.667 1.00 50.46 ? 79  ALA A CB  1 
ATOM   550  N  N   . SER A 1 80  ? 0.240   -5.635  -12.518 1.00 52.26 ? 80  SER A N   1 
ATOM   551  C  CA  . SER A 1 80  ? 0.335   -6.805  -11.649 1.00 52.55 ? 80  SER A CA  1 
ATOM   552  C  C   . SER A 1 80  ? -0.539  -7.953  -12.168 1.00 52.82 ? 80  SER A C   1 
ATOM   553  O  O   . SER A 1 80  ? -0.609  -8.999  -11.537 1.00 52.78 ? 80  SER A O   1 
ATOM   554  C  CB  . SER A 1 80  ? 0.012   -6.457  -10.186 1.00 52.54 ? 80  SER A CB  1 
ATOM   555  O  OG  . SER A 1 80  ? -1.395  -6.333  -9.948  1.00 54.34 ? 80  SER A OG  1 
ATOM   556  N  N   . SER A 1 81  ? -1.199  -7.776  -13.312 1.00 53.48 ? 81  SER A N   1 
ATOM   557  C  CA  . SER A 1 81  ? -1.847  -8.901  -13.977 1.00 54.63 ? 81  SER A CA  1 
ATOM   558  C  C   . SER A 1 81  ? -0.845  -10.010 -14.225 1.00 55.72 ? 81  SER A C   1 
ATOM   559  O  O   . SER A 1 81  ? -1.199  -11.165 -14.196 1.00 57.21 ? 81  SER A O   1 
ATOM   560  C  CB  . SER A 1 81  ? -2.492  -8.492  -15.303 1.00 54.70 ? 81  SER A CB  1 
ATOM   561  O  OG  . SER A 1 81  ? -1.554  -7.967  -16.226 1.00 53.24 ? 81  SER A OG  1 
ATOM   562  N  N   . LYS A 1 82  ? 0.417   -9.651  -14.470 1.00 57.08 ? 82  LYS A N   1 
ATOM   563  C  CA  . LYS A 1 82  ? 1.487   -10.630 -14.722 1.00 56.74 ? 82  LYS A CA  1 
ATOM   564  C  C   . LYS A 1 82  ? 1.717   -11.520 -13.486 1.00 57.01 ? 82  LYS A C   1 
ATOM   565  O  O   . LYS A 1 82  ? 1.509   -12.718 -13.564 1.00 57.24 ? 82  LYS A O   1 
ATOM   566  C  CB  . LYS A 1 82  ? 2.755   -9.919  -15.200 1.00 56.48 ? 82  LYS A CB  1 
ATOM   567  C  CG  . LYS A 1 82  ? 4.016   -10.743 -15.070 1.00 57.53 ? 82  LYS A CG  1 
ATOM   568  C  CD  . LYS A 1 82  ? 5.126   -10.312 -16.019 1.00 57.17 ? 82  LYS A CD  1 
ATOM   569  C  CE  . LYS A 1 82  ? 6.486   -10.633 -15.411 1.00 57.69 ? 82  LYS A CE  1 
ATOM   570  N  NZ  . LYS A 1 82  ? 7.474   -11.036 -16.432 1.00 57.55 ? 82  LYS A NZ  1 
ATOM   571  N  N   . PRO A 1 83  ? 2.100   -10.950 -12.328 1.00 57.27 ? 83  PRO A N   1 
ATOM   572  C  CA  . PRO A 1 83  ? 2.159   -11.832 -11.147 1.00 58.07 ? 83  PRO A CA  1 
ATOM   573  C  C   . PRO A 1 83  ? 0.842   -12.531 -10.788 1.00 58.40 ? 83  PRO A C   1 
ATOM   574  O  O   . PRO A 1 83  ? 0.842   -13.593 -10.197 1.00 58.91 ? 83  PRO A O   1 
ATOM   575  C  CB  . PRO A 1 83  ? 2.633   -10.905 -10.009 1.00 57.59 ? 83  PRO A CB  1 
ATOM   576  C  CG  . PRO A 1 83  ? 2.494   -9.511  -10.511 1.00 57.00 ? 83  PRO A CG  1 
ATOM   577  C  CD  . PRO A 1 83  ? 2.550   -9.585  -12.020 1.00 57.39 ? 83  PRO A CD  1 
ATOM   578  N  N   . TRP A 1 84  ? -0.272  -11.938 -11.162 1.00 60.14 ? 84  TRP A N   1 
ATOM   579  C  CA  . TRP A 1 84  ? -1.602  -12.508 -10.903 1.00 60.36 ? 84  TRP A CA  1 
ATOM   580  C  C   . TRP A 1 84  ? -1.885  -13.790 -11.699 1.00 59.85 ? 84  TRP A C   1 
ATOM   581  O  O   . TRP A 1 84  ? -2.472  -14.725 -11.182 1.00 58.09 ? 84  TRP A O   1 
ATOM   582  C  CB  . TRP A 1 84  ? -2.648  -11.444 -11.219 1.00 61.96 ? 84  TRP A CB  1 
ATOM   583  C  CG  . TRP A 1 84  ? -4.060  -11.888 -11.123 1.00 62.89 ? 84  TRP A CG  1 
ATOM   584  C  CD1 . TRP A 1 84  ? -4.753  -12.167 -10.001 1.00 64.10 ? 84  TRP A CD1 1 
ATOM   585  C  CD2 . TRP A 1 84  ? -4.959  -12.079 -12.213 1.00 65.44 ? 84  TRP A CD2 1 
ATOM   586  N  NE1 . TRP A 1 84  ? -6.036  -12.525 -10.318 1.00 65.02 ? 84  TRP A NE1 1 
ATOM   587  C  CE2 . TRP A 1 84  ? -6.182  -12.488 -11.675 1.00 65.09 ? 84  TRP A CE2 1 
ATOM   588  C  CE3 . TRP A 1 84  ? -4.841  -11.956 -13.608 1.00 66.13 ? 84  TRP A CE3 1 
ATOM   589  C  CZ2 . TRP A 1 84  ? -7.291  -12.755 -12.467 1.00 65.85 ? 84  TRP A CZ2 1 
ATOM   590  C  CZ3 . TRP A 1 84  ? -5.929  -12.230 -14.388 1.00 65.21 ? 84  TRP A CZ3 1 
ATOM   591  C  CH2 . TRP A 1 84  ? -7.144  -12.637 -13.818 1.00 65.18 ? 84  TRP A CH2 1 
ATOM   592  N  N   . PHE A 1 85  ? -1.462  -13.831 -12.959 1.00 60.97 ? 85  PHE A N   1 
ATOM   593  C  CA  . PHE A 1 85  ? -1.729  -15.006 -13.785 1.00 60.75 ? 85  PHE A CA  1 
ATOM   594  C  C   . PHE A 1 85  ? -0.927  -16.215 -13.272 1.00 60.37 ? 85  PHE A C   1 
ATOM   595  O  O   . PHE A 1 85  ? -1.419  -17.337 -13.281 1.00 59.42 ? 85  PHE A O   1 
ATOM   596  C  CB  . PHE A 1 85  ? -1.482  -14.734 -15.269 1.00 61.91 ? 85  PHE A CB  1 
ATOM   597  C  CG  . PHE A 1 85  ? -1.685  -15.962 -16.144 1.00 63.33 ? 85  PHE A CG  1 
ATOM   598  C  CD1 . PHE A 1 85  ? -2.981  -16.398 -16.476 1.00 65.71 ? 85  PHE A CD1 1 
ATOM   599  C  CD2 . PHE A 1 85  ? -0.583  -16.718 -16.599 1.00 65.10 ? 85  PHE A CD2 1 
ATOM   600  C  CE1 . PHE A 1 85  ? -3.178  -17.536 -17.263 1.00 63.17 ? 85  PHE A CE1 1 
ATOM   601  C  CE2 . PHE A 1 85  ? -0.776  -17.862 -17.389 1.00 64.92 ? 85  PHE A CE2 1 
ATOM   602  C  CZ  . PHE A 1 85  ? -2.076  -18.264 -17.718 1.00 65.17 ? 85  PHE A CZ  1 
ATOM   603  N  N   . SER A 1 86  ? 0.279   -15.991 -12.764 1.00 59.95 ? 86  SER A N   1 
ATOM   604  C  CA  . SER A 1 86  ? 1.030   -17.085 -12.168 1.00 60.05 ? 86  SER A CA  1 
ATOM   605  C  C   . SER A 1 86  ? 0.788   -17.230 -10.656 1.00 59.50 ? 86  SER A C   1 
ATOM   606  O  O   . SER A 1 86  ? 1.513   -17.932 -9.986  1.00 59.79 ? 86  SER A O   1 
ATOM   607  C  CB  . SER A 1 86  ? 2.522   -16.935 -12.496 1.00 60.20 ? 86  SER A CB  1 
ATOM   608  O  OG  . SER A 1 86  ? 2.980   -15.602 -12.329 1.00 63.31 ? 86  SER A OG  1 
ATOM   609  N  N   . ALA A 1 87  ? -0.239  -16.575 -10.122 1.00 59.36 ? 87  ALA A N   1 
ATOM   610  C  CA  . ALA A 1 87  ? -0.535  -16.590 -8.668  1.00 58.72 ? 87  ALA A CA  1 
ATOM   611  C  C   . ALA A 1 87  ? 0.686   -16.336 -7.736  1.00 57.82 ? 87  ALA A C   1 
ATOM   612  O  O   . ALA A 1 87  ? 0.764   -16.845 -6.620  1.00 58.11 ? 87  ALA A O   1 
ATOM   613  C  CB  . ALA A 1 87  ? -1.253  -17.915 -8.310  1.00 58.74 ? 87  ALA A CB  1 
ATOM   614  N  N   . LYS A 1 88  ? 1.622   -15.517 -8.185  1.00 57.06 ? 88  LYS A N   1 
ATOM   615  C  CA  . LYS A 1 88  ? 2.828   -15.245 -7.415  1.00 56.50 ? 88  LYS A CA  1 
ATOM   616  C  C   . LYS A 1 88  ? 2.579   -14.639 -6.027  1.00 55.55 ? 88  LYS A C   1 
ATOM   617  O  O   . LYS A 1 88  ? 3.375   -14.861 -5.109  1.00 54.46 ? 88  LYS A O   1 
ATOM   618  C  CB  . LYS A 1 88  ? 3.782   -14.347 -8.206  1.00 56.60 ? 88  LYS A CB  1 
ATOM   619  C  CG  . LYS A 1 88  ? 4.408   -15.053 -9.433  1.00 58.11 ? 88  LYS A CG  1 
ATOM   620  C  CD  . LYS A 1 88  ? 5.931   -14.832 -9.588  1.00 58.20 ? 88  LYS A CD  1 
ATOM   621  C  CE  . LYS A 1 88  ? 6.820   -16.016 -9.119  1.00 59.46 ? 88  LYS A CE  1 
ATOM   622  N  NZ  . LYS A 1 88  ? 7.203   -16.930 -10.245 1.00 57.91 ? 88  LYS A NZ  1 
ATOM   623  N  N   . TRP A 1 89  ? 1.473   -13.906 -5.855  1.00 54.70 ? 89  TRP A N   1 
ATOM   624  C  CA  . TRP A 1 89  ? 1.218   -13.229 -4.607  1.00 54.74 ? 89  TRP A CA  1 
ATOM   625  C  C   . TRP A 1 89  ? 0.155   -13.916 -3.763  1.00 55.10 ? 89  TRP A C   1 
ATOM   626  O  O   . TRP A 1 89  ? -0.312  -13.330 -2.782  1.00 56.40 ? 89  TRP A O   1 
ATOM   627  C  CB  . TRP A 1 89  ? 0.833   -11.748 -4.844  1.00 53.57 ? 89  TRP A CB  1 
ATOM   628  C  CG  . TRP A 1 89  ? 1.873   -10.923 -5.575  1.00 52.68 ? 89  TRP A CG  1 
ATOM   629  C  CD1 . TRP A 1 89  ? 3.121   -11.309 -5.922  1.00 50.38 ? 89  TRP A CD1 1 
ATOM   630  C  CD2 . TRP A 1 89  ? 1.749   -9.558  -6.006  1.00 51.89 ? 89  TRP A CD2 1 
ATOM   631  N  NE1 . TRP A 1 89  ? 3.770   -10.312 -6.568  1.00 50.01 ? 89  TRP A NE1 1 
ATOM   632  C  CE2 . TRP A 1 89  ? 2.961   -9.217  -6.645  1.00 50.80 ? 89  TRP A CE2 1 
ATOM   633  C  CE3 . TRP A 1 89  ? 0.738   -8.596  -5.916  1.00 51.23 ? 89  TRP A CE3 1 
ATOM   634  C  CZ2 . TRP A 1 89  ? 3.197   -7.944  -7.186  1.00 50.97 ? 89  TRP A CZ2 1 
ATOM   635  C  CZ3 . TRP A 1 89  ? 0.954   -7.333  -6.452  1.00 51.42 ? 89  TRP A CZ3 1 
ATOM   636  C  CH2 . TRP A 1 89  ? 2.178   -7.015  -7.086  1.00 52.17 ? 89  TRP A CH2 1 
ATOM   637  N  N   . GLN A 1 90  ? -0.254  -15.123 -4.139  1.00 55.95 ? 90  GLN A N   1 
ATOM   638  C  CA  . GLN A 1 90  ? -1.260  -15.873 -3.373  1.00 55.83 ? 90  GLN A CA  1 
ATOM   639  C  C   . GLN A 1 90  ? -0.788  -16.043 -1.917  1.00 55.62 ? 90  GLN A C   1 
ATOM   640  O  O   . GLN A 1 90  ? 0.388   -16.315 -1.638  1.00 55.35 ? 90  GLN A O   1 
ATOM   641  C  CB  . GLN A 1 90  ? -1.547  -17.258 -4.028  1.00 56.76 ? 90  GLN A CB  1 
ATOM   642  C  CG  . GLN A 1 90  ? -2.944  -17.935 -3.681  1.00 59.11 ? 90  GLN A CG  1 
ATOM   643  C  CD  . GLN A 1 90  ? -4.113  -17.544 -4.661  1.00 68.22 ? 90  GLN A CD  1 
ATOM   644  O  OE1 . GLN A 1 90  ? -5.180  -18.214 -4.711  1.00 73.70 ? 90  GLN A OE1 1 
ATOM   645  N  NE2 . GLN A 1 90  ? -3.901  -16.475 -5.453  1.00 70.69 ? 90  GLN A NE2 1 
ATOM   646  N  N   . ASP A 1 91  ? -1.707  -15.831 -0.993  1.00 55.36 ? 91  ASP A N   1 
ATOM   647  C  CA  . ASP A 1 91  ? -1.471  -16.015 0.438   1.00 55.23 ? 91  ASP A CA  1 
ATOM   648  C  C   . ASP A 1 91  ? -0.525  -15.037 1.120   1.00 54.69 ? 91  ASP A C   1 
ATOM   649  O  O   . ASP A 1 91  ? -0.244  -15.186 2.308   1.00 56.05 ? 91  ASP A O   1 
ATOM   650  C  CB  . ASP A 1 91  ? -1.069  -17.455 0.738   1.00 55.37 ? 91  ASP A CB  1 
ATOM   651  C  CG  . ASP A 1 91  ? -2.110  -18.424 0.300   1.00 55.79 ? 91  ASP A CG  1 
ATOM   652  O  OD1 . ASP A 1 91  ? -3.264  -17.998 0.202   1.00 57.93 ? 91  ASP A OD1 1 
ATOM   653  O  OD2 . ASP A 1 91  ? -1.789  -19.589 0.017   1.00 58.55 ? 91  ASP A OD2 1 
ATOM   654  N  N   . LYS A 1 92  ? -0.065  -14.024 0.405   1.00 53.38 ? 92  LYS A N   1 
ATOM   655  C  CA  . LYS A 1 92  ? 0.697   -12.955 1.022   1.00 52.62 ? 92  LYS A CA  1 
ATOM   656  C  C   . LYS A 1 92  ? -0.226  -12.092 1.883   1.00 52.51 ? 92  LYS A C   1 
ATOM   657  O  O   . LYS A 1 92  ? -1.452  -12.041 1.660   1.00 53.59 ? 92  LYS A O   1 
ATOM   658  C  CB  . LYS A 1 92  ? 1.412   -12.112 -0.065  1.00 52.37 ? 92  LYS A CB  1 
ATOM   659  C  CG  . LYS A 1 92  ? 2.534   -12.870 -0.835  1.00 52.90 ? 92  LYS A CG  1 
ATOM   660  C  CD  . LYS A 1 92  ? 3.410   -11.905 -1.633  1.00 53.09 ? 92  LYS A CD  1 
ATOM   661  C  CE  . LYS A 1 92  ? 4.425   -12.576 -2.585  1.00 53.38 ? 92  LYS A CE  1 
ATOM   662  N  NZ  . LYS A 1 92  ? 5.476   -13.356 -1.917  1.00 52.25 ? 92  LYS A NZ  1 
ATOM   663  N  N   . VAL A 1 93  ? 0.359   -11.392 2.840   1.00 52.02 ? 93  VAL A N   1 
ATOM   664  C  CA  . VAL A 1 93  ? -0.380  -10.463 3.702   1.00 51.29 ? 93  VAL A CA  1 
ATOM   665  C  C   . VAL A 1 93  ? -0.345  -9.090  3.029   1.00 51.82 ? 93  VAL A C   1 
ATOM   666  O  O   . VAL A 1 93  ? 0.711   -8.655  2.605   1.00 52.12 ? 93  VAL A O   1 
ATOM   667  C  CB  . VAL A 1 93  ? 0.274   -10.374 5.103   1.00 51.33 ? 93  VAL A CB  1 
ATOM   668  C  CG1 . VAL A 1 93  ? -0.342  -9.260  5.927   1.00 49.68 ? 93  VAL A CG1 1 
ATOM   669  C  CG2 . VAL A 1 93  ? 0.204   -11.774 5.845   1.00 49.20 ? 93  VAL A CG2 1 
ATOM   670  N  N   . PHE A 1 94  ? -1.514  -8.452  2.874   1.00 52.03 ? 94  PHE A N   1 
ATOM   671  C  CA  . PHE A 1 94  ? -1.656  -7.141  2.258   1.00 51.80 ? 94  PHE A CA  1 
ATOM   672  C  C   . PHE A 1 94  ? -2.241  -6.112  3.264   1.00 52.04 ? 94  PHE A C   1 
ATOM   673  O  O   . PHE A 1 94  ? -2.991  -6.472  4.203   1.00 50.91 ? 94  PHE A O   1 
ATOM   674  C  CB  . PHE A 1 94  ? -2.596  -7.230  1.039   1.00 52.75 ? 94  PHE A CB  1 
ATOM   675  C  CG  . PHE A 1 94  ? -2.005  -7.907  -0.162  1.00 51.31 ? 94  PHE A CG  1 
ATOM   676  C  CD1 . PHE A 1 94  ? -1.458  -7.152  -1.215  1.00 54.72 ? 94  PHE A CD1 1 
ATOM   677  C  CD2 . PHE A 1 94  ? -1.998  -9.277  -0.267  1.00 53.84 ? 94  PHE A CD2 1 
ATOM   678  C  CE1 . PHE A 1 94  ? -0.882  -7.797  -2.336  1.00 53.54 ? 94  PHE A CE1 1 
ATOM   679  C  CE2 . PHE A 1 94  ? -1.444  -9.920  -1.387  1.00 53.74 ? 94  PHE A CE2 1 
ATOM   680  C  CZ  . PHE A 1 94  ? -0.871  -9.189  -2.397  1.00 52.00 ? 94  PHE A CZ  1 
ATOM   681  N  N   . GLY A 1 95  ? -1.847  -4.850  3.069   1.00 51.65 ? 95  GLY A N   1 
ATOM   682  C  CA  . GLY A 1 95  ? -2.499  -3.696  3.653   1.00 52.42 ? 95  GLY A CA  1 
ATOM   683  C  C   . GLY A 1 95  ? -2.457  -2.512  2.663   1.00 53.54 ? 95  GLY A C   1 
ATOM   684  O  O   . GLY A 1 95  ? -1.945  -2.631  1.550   1.00 52.58 ? 95  GLY A O   1 
ATOM   685  N  N   . GLY A 1 96  ? -3.011  -1.362  3.054   1.00 53.75 ? 96  GLY A N   1 
ATOM   686  C  CA  . GLY A 1 96  ? -3.024  -0.210  2.172   1.00 53.28 ? 96  GLY A CA  1 
ATOM   687  C  C   . GLY A 1 96  ? -3.087  1.086   2.935   1.00 53.48 ? 96  GLY A C   1 
ATOM   688  O  O   . GLY A 1 96  ? -3.325  1.098   4.147   1.00 53.08 ? 96  GLY A O   1 
ATOM   689  N  N   . PHE A 1 97  ? -2.868  2.174   2.211   1.00 53.29 ? 97  PHE A N   1 
ATOM   690  C  CA  . PHE A 1 97  ? -3.138  3.477   2.734   1.00 53.61 ? 97  PHE A CA  1 
ATOM   691  C  C   . PHE A 1 97  ? -3.379  4.498   1.650   1.00 54.17 ? 97  PHE A C   1 
ATOM   692  O  O   . PHE A 1 97  ? -2.993  4.324   0.516   1.00 53.19 ? 97  PHE A O   1 
ATOM   693  C  CB  . PHE A 1 97  ? -1.979  3.937   3.640   1.00 53.96 ? 97  PHE A CB  1 
ATOM   694  C  CG  . PHE A 1 97  ? -0.635  3.891   2.985   1.00 52.66 ? 97  PHE A CG  1 
ATOM   695  C  CD1 . PHE A 1 97  ? -0.081  5.032   2.441   1.00 52.32 ? 97  PHE A CD1 1 
ATOM   696  C  CD2 . PHE A 1 97  ? 0.079   2.702   2.921   1.00 52.02 ? 97  PHE A CD2 1 
ATOM   697  C  CE1 . PHE A 1 97  ? 1.156   4.969   1.816   1.00 49.94 ? 97  PHE A CE1 1 
ATOM   698  C  CE2 . PHE A 1 97  ? 1.284   2.647   2.291   1.00 50.21 ? 97  PHE A CE2 1 
ATOM   699  C  CZ  . PHE A 1 97  ? 1.822   3.788   1.744   1.00 50.51 ? 97  PHE A CZ  1 
ATOM   700  N  N   . THR A 1 98  ? -4.008  5.590   2.043   1.00 55.22 ? 98  THR A N   1 
ATOM   701  C  CA  . THR A 1 98  ? -4.305  6.658   1.128   1.00 55.94 ? 98  THR A CA  1 
ATOM   702  C  C   . THR A 1 98  ? -4.338  7.983   1.867   1.00 56.51 ? 98  THR A C   1 
ATOM   703  O  O   . THR A 1 98  ? -4.391  8.038   3.069   1.00 55.31 ? 98  THR A O   1 
ATOM   704  C  CB  . THR A 1 98  ? -5.632  6.402   0.304   1.00 55.14 ? 98  THR A CB  1 
ATOM   705  O  OG1 . THR A 1 98  ? -5.643  7.265   -0.854  1.00 56.01 ? 98  THR A OG1 1 
ATOM   706  C  CG2 . THR A 1 98  ? -6.931  6.622   1.151   1.00 55.09 ? 98  THR A CG2 1 
ATOM   707  N  N   . ASN A 1 99  ? -4.305  9.069   1.101   1.00 59.09 ? 99  ASN A N   1 
ATOM   708  C  CA  . ASN A 1 99  ? -4.332  10.410  1.671   1.00 61.66 ? 99  ASN A CA  1 
ATOM   709  C  C   . ASN A 1 99  ? -4.754  11.461  0.650   1.00 62.64 ? 99  ASN A C   1 
ATOM   710  O  O   . ASN A 1 99  ? -4.231  11.504  -0.463  1.00 61.54 ? 99  ASN A O   1 
ATOM   711  C  CB  . ASN A 1 99  ? -2.967  10.768  2.261   1.00 61.34 ? 99  ASN A CB  1 
ATOM   712  C  CG  . ASN A 1 99  ? -1.931  11.068  1.194   1.00 64.33 ? 99  ASN A CG  1 
ATOM   713  O  OD1 . ASN A 1 99  ? -1.654  12.228  0.891   1.00 72.95 ? 99  ASN A OD1 1 
ATOM   714  N  ND2 . ASN A 1 99  ? -1.353  10.019  0.619   1.00 66.35 ? 99  ASN A ND2 1 
ATOM   715  N  N   . SER A 1 100 ? -5.716  12.293  0.954   1.00 64.65 ? 100 SER A N   1 
ATOM   716  C  CA  . SER A 1 100 ? -6.040  13.311  -0.017  1.00 65.91 ? 100 SER A CA  1 
ATOM   717  C  C   . SER A 1 100 ? -6.207  14.648  0.652   1.00 69.18 ? 100 SER A C   1 
ATOM   718  O  O   . SER A 1 100 ? -6.019  14.784  1.833   1.00 68.65 ? 100 SER A O   1 
ATOM   719  C  CB  . SER A 1 100 ? -7.300  12.960  -0.785  1.00 66.24 ? 100 SER A CB  1 
ATOM   720  O  OG  . SER A 1 100 ? -8.441  13.359  -0.079  1.00 65.03 ? 100 SER A OG  1 
ATOM   721  N  N   . ALA A 1 101 ? -6.595  15.627  -0.133  1.00 72.76 ? 101 ALA A N   1 
ATOM   722  C  CA  . ALA A 1 101 ? -6.776  16.959  0.351   1.00 75.75 ? 101 ALA A CA  1 
ATOM   723  C  C   . ALA A 1 101 ? -8.163  17.208  0.898   1.00 77.15 ? 101 ALA A C   1 
ATOM   724  O  O   . ALA A 1 101 ? -8.469  18.313  1.273   1.00 77.32 ? 101 ALA A O   1 
ATOM   725  C  CB  . ALA A 1 101 ? -6.498  17.902  -0.750  1.00 75.36 ? 101 ALA A CB  1 
ATOM   726  N  N   . SER A 1 102 ? -9.015  16.197  0.945   1.00 79.39 ? 102 SER A N   1 
ATOM   727  C  CA  . SER A 1 102 ? -10.397 16.454  1.319   1.00 80.65 ? 102 SER A CA  1 
ATOM   728  C  C   . SER A 1 102 ? -11.109 15.367  2.110   1.00 81.86 ? 102 SER A C   1 
ATOM   729  O  O   . SER A 1 102 ? -10.590 14.847  3.078   1.00 82.29 ? 102 SER A O   1 
ATOM   730  C  CB  . SER A 1 102 ? -11.199 16.763  0.069   1.00 81.20 ? 102 SER A CB  1 
ATOM   731  O  OG  . SER A 1 102 ? -10.335 16.953  -1.033  1.00 82.69 ? 102 SER A OG  1 
ATOM   732  N  N   . LEU A 1 103 ? -12.319 15.041  1.670   1.00 82.75 ? 103 LEU A N   1 
ATOM   733  C  CA  . LEU A 1 103 ? -13.208 14.111  2.371   1.00 82.96 ? 103 LEU A CA  1 
ATOM   734  C  C   . LEU A 1 103 ? -12.816 12.626  2.403   1.00 83.51 ? 103 LEU A C   1 
ATOM   735  O  O   . LEU A 1 103 ? -12.598 11.960  1.395   1.00 84.78 ? 103 LEU A O   1 
ATOM   736  C  CB  . LEU A 1 103 ? -14.629 14.227  1.843   1.00 83.17 ? 103 LEU A CB  1 
ATOM   737  C  CG  . LEU A 1 103 ? -14.883 13.305  0.663   1.00 83.33 ? 103 LEU A CG  1 
ATOM   738  C  CD1 . LEU A 1 103 ? -16.198 12.558  0.819   1.00 84.06 ? 103 LEU A CD1 1 
ATOM   739  C  CD2 . LEU A 1 103 ? -14.790 14.074  -0.655  1.00 81.19 ? 103 LEU A CD2 1 
ATOM   740  N  N   . ASN A 1 104 ? -12.740 12.123  3.616   1.00 83.21 ? 104 ASN A N   1 
ATOM   741  C  CA  . ASN A 1 104 ? -12.544 10.731  3.796   1.00 83.35 ? 104 ASN A CA  1 
ATOM   742  C  C   . ASN A 1 104 ? -13.648 10.139  3.003   1.00 82.21 ? 104 ASN A C   1 
ATOM   743  O  O   . ASN A 1 104 ? -13.820 8.931   2.979   1.00 83.09 ? 104 ASN A O   1 
ATOM   744  C  CB  . ASN A 1 104 ? -12.740 10.376  5.251   1.00 83.74 ? 104 ASN A CB  1 
ATOM   745  C  CG  . ASN A 1 104 ? -12.298 11.467  6.169   1.00 85.95 ? 104 ASN A CG  1 
ATOM   746  O  OD1 . ASN A 1 104 ? -13.113 12.237  6.647   1.00 90.47 ? 104 ASN A OD1 1 
ATOM   747  N  ND2 . ASN A 1 104 ? -11.007 11.536  6.434   1.00 84.96 ? 104 ASN A ND2 1 
ATOM   748  N  N   . GLY A 1 105 ? -14.440 10.998  2.379   1.00 79.74 ? 105 GLY A N   1 
ATOM   749  C  CA  . GLY A 1 105 ? -15.526 10.495  1.577   1.00 76.57 ? 105 GLY A CA  1 
ATOM   750  C  C   . GLY A 1 105 ? -14.862 9.483   0.698   1.00 73.23 ? 105 GLY A C   1 
ATOM   751  O  O   . GLY A 1 105 ? -14.802 8.313   1.001   1.00 72.26 ? 105 GLY A O   1 
ATOM   752  N  N   . ASP A 1 106 ? -14.311 10.012  -0.378  1.00 69.80 ? 106 ASP A N   1 
ATOM   753  C  CA  . ASP A 1 106 ? -13.704 9.278   -1.440  1.00 67.06 ? 106 ASP A CA  1 
ATOM   754  C  C   . ASP A 1 106 ? -12.581 8.376   -1.057  1.00 63.28 ? 106 ASP A C   1 
ATOM   755  O  O   . ASP A 1 106 ? -12.290 7.455   -1.767  1.00 62.31 ? 106 ASP A O   1 
ATOM   756  C  CB  . ASP A 1 106 ? -13.173 10.263  -2.422  1.00 68.20 ? 106 ASP A CB  1 
ATOM   757  C  CG  . ASP A 1 106 ? -14.242 11.022  -3.080  1.00 72.02 ? 106 ASP A CG  1 
ATOM   758  O  OD1 . ASP A 1 106 ? -13.968 12.188  -3.387  1.00 79.00 ? 106 ASP A OD1 1 
ATOM   759  O  OD2 . ASP A 1 106 ? -15.340 10.478  -3.305  1.00 69.24 ? 106 ASP A OD2 1 
ATOM   760  N  N   . LYS A 1 107 ? -11.928 8.640   0.050   1.00 59.92 ? 107 LYS A N   1 
ATOM   761  C  CA  . LYS A 1 107 ? -10.800 7.840   0.409   1.00 58.10 ? 107 LYS A CA  1 
ATOM   762  C  C   . LYS A 1 107 ? -11.167 6.399   0.686   1.00 57.50 ? 107 LYS A C   1 
ATOM   763  O  O   . LYS A 1 107 ? -10.356 5.553   0.510   1.00 56.36 ? 107 LYS A O   1 
ATOM   764  C  CB  . LYS A 1 107 ? -10.074 8.440   1.592   1.00 58.48 ? 107 LYS A CB  1 
ATOM   765  C  CG  . LYS A 1 107 ? -9.265  9.631   1.240   1.00 59.22 ? 107 LYS A CG  1 
ATOM   766  C  CD  . LYS A 1 107 ? -8.344  9.992   2.355   1.00 61.90 ? 107 LYS A CD  1 
ATOM   767  C  CE  . LYS A 1 107 ? -9.007  10.881  3.330   1.00 62.76 ? 107 LYS A CE  1 
ATOM   768  N  NZ  . LYS A 1 107 ? -8.793  12.245  2.921   1.00 60.33 ? 107 LYS A NZ  1 
ATOM   769  N  N   . LEU A 1 108 ? -12.376 6.145   1.155   1.00 56.91 ? 108 LEU A N   1 
ATOM   770  C  CA  . LEU A 1 108 ? -12.843 4.791   1.421   1.00 56.03 ? 108 LEU A CA  1 
ATOM   771  C  C   . LEU A 1 108 ? -12.913 4.029   0.101   1.00 54.82 ? 108 LEU A C   1 
ATOM   772  O  O   . LEU A 1 108 ? -12.570 2.871   0.054   1.00 55.56 ? 108 LEU A O   1 
ATOM   773  C  CB  . LEU A 1 108 ? -14.212 4.762   2.118   1.00 55.42 ? 108 LEU A CB  1 
ATOM   774  C  CG  . LEU A 1 108 ? -14.689 3.333   2.467   1.00 55.96 ? 108 LEU A CG  1 
ATOM   775  C  CD1 . LEU A 1 108 ? -13.646 2.654   3.397   1.00 48.71 ? 108 LEU A CD1 1 
ATOM   776  C  CD2 . LEU A 1 108 ? -16.108 3.320   3.088   1.00 54.63 ? 108 LEU A CD2 1 
ATOM   777  N  N   . ASN A 1 109 ? -13.335 4.689   -0.967  1.00 52.60 ? 109 ASN A N   1 
ATOM   778  C  CA  . ASN A 1 109 ? -13.341 4.051   -2.260  1.00 52.27 ? 109 ASN A CA  1 
ATOM   779  C  C   . ASN A 1 109 ? -11.944 3.528   -2.708  1.00 51.30 ? 109 ASN A C   1 
ATOM   780  O  O   . ASN A 1 109 ? -11.830 2.453   -3.255  1.00 51.74 ? 109 ASN A O   1 
ATOM   781  C  CB  . ASN A 1 109 ? -13.913 4.989   -3.318  1.00 52.23 ? 109 ASN A CB  1 
ATOM   782  C  CG  . ASN A 1 109 ? -14.181 4.258   -4.636  1.00 56.36 ? 109 ASN A CG  1 
ATOM   783  O  OD1 . ASN A 1 109 ? -14.917 3.276   -4.639  1.00 63.22 ? 109 ASN A OD1 1 
ATOM   784  N  ND2 . ASN A 1 109 ? -13.539 4.695   -5.747  1.00 55.70 ? 109 ASN A ND2 1 
ATOM   785  N  N   . THR A 1 110 ? -10.928 4.332   -2.510  1.00 50.29 ? 110 THR A N   1 
ATOM   786  C  CA  . THR A 1 110 ? -9.541  3.997   -2.805  1.00 51.06 ? 110 THR A CA  1 
ATOM   787  C  C   . THR A 1 110 ? -9.131  2.805   -1.943  1.00 50.48 ? 110 THR A C   1 
ATOM   788  O  O   . THR A 1 110 ? -8.705  1.840   -2.468  1.00 49.73 ? 110 THR A O   1 
ATOM   789  C  CB  . THR A 1 110 ? -8.620  5.191   -2.583  1.00 49.94 ? 110 THR A CB  1 
ATOM   790  O  OG1 . THR A 1 110 ? -9.035  6.204   -3.489  1.00 51.38 ? 110 THR A OG1 1 
ATOM   791  C  CG2 . THR A 1 110 ? -7.131  4.860   -2.867  1.00 50.15 ? 110 THR A CG2 1 
ATOM   792  N  N   . LEU A 1 111 ? -9.462  2.821   -0.663  1.00 50.67 ? 111 LEU A N   1 
ATOM   793  C  CA  . LEU A 1 111 ? -9.092  1.728   0.218   1.00 50.51 ? 111 LEU A CA  1 
ATOM   794  C  C   . LEU A 1 111 ? -9.772  0.424   -0.189  1.00 50.49 ? 111 LEU A C   1 
ATOM   795  O  O   . LEU A 1 111 ? -9.115  -0.642  -0.169  1.00 51.09 ? 111 LEU A O   1 
ATOM   796  C  CB  . LEU A 1 111 ? -9.359  2.077   1.685   1.00 50.09 ? 111 LEU A CB  1 
ATOM   797  C  CG  . LEU A 1 111 ? -8.472  3.215   2.219   1.00 51.45 ? 111 LEU A CG  1 
ATOM   798  C  CD1 . LEU A 1 111 ? -8.813  3.554   3.676   1.00 49.45 ? 111 LEU A CD1 1 
ATOM   799  C  CD2 . LEU A 1 111 ? -6.996  2.817   1.963   1.00 47.78 ? 111 LEU A CD2 1 
ATOM   800  N  N   . GLN A 1 112 ? -11.059 0.506   -0.507  1.00 50.39 ? 112 GLN A N   1 
ATOM   801  C  CA  . GLN A 1 112 ? -11.828 -0.615  -0.998  1.00 50.43 ? 112 GLN A CA  1 
ATOM   802  C  C   . GLN A 1 112 ? -11.305 -1.192  -2.272  1.00 51.22 ? 112 GLN A C   1 
ATOM   803  O  O   . GLN A 1 112 ? -11.344 -2.409  -2.407  1.00 52.46 ? 112 GLN A O   1 
ATOM   804  C  CB  . GLN A 1 112 ? -13.288 -0.259  -1.146  1.00 51.28 ? 112 GLN A CB  1 
ATOM   805  C  CG  . GLN A 1 112 ? -13.928 -0.075  0.184   1.00 51.98 ? 112 GLN A CG  1 
ATOM   806  C  CD  . GLN A 1 112 ? -15.403 -0.301  0.196   1.00 58.35 ? 112 GLN A CD  1 
ATOM   807  O  OE1 . GLN A 1 112 ? -16.160 0.542   -0.250  1.00 57.80 ? 112 GLN A OE1 1 
ATOM   808  N  NE2 . GLN A 1 112 ? -15.830 -1.470  0.748   1.00 63.62 ? 112 GLN A NE2 1 
ATOM   809  N  N   . TYR A 1 113 ? -10.744 -0.371  -3.181  1.00 51.29 ? 113 TYR A N   1 
ATOM   810  C  CA  . TYR A 1 113 ? -10.055 -0.901  -4.353  1.00 49.85 ? 113 TYR A CA  1 
ATOM   811  C  C   . TYR A 1 113 ? -8.804  -1.726  -3.961  1.00 49.79 ? 113 TYR A C   1 
ATOM   812  O  O   . TYR A 1 113 ? -8.461  -2.739  -4.547  1.00 47.89 ? 113 TYR A O   1 
ATOM   813  C  CB  . TYR A 1 113 ? -9.646  0.189   -5.368  1.00 50.71 ? 113 TYR A CB  1 
ATOM   814  C  CG  . TYR A 1 113 ? -8.828  -0.435  -6.490  1.00 50.29 ? 113 TYR A CG  1 
ATOM   815  C  CD1 . TYR A 1 113 ? -7.465  -0.275  -6.570  1.00 52.83 ? 113 TYR A CD1 1 
ATOM   816  C  CD2 . TYR A 1 113 ? -9.433  -1.282  -7.388  1.00 49.89 ? 113 TYR A CD2 1 
ATOM   817  C  CE1 . TYR A 1 113 ? -6.708  -0.912  -7.610  1.00 52.99 ? 113 TYR A CE1 1 
ATOM   818  C  CE2 . TYR A 1 113 ? -8.712  -1.930  -8.387  1.00 51.90 ? 113 TYR A CE2 1 
ATOM   819  C  CZ  . TYR A 1 113 ? -7.360  -1.763  -8.471  1.00 51.84 ? 113 TYR A CZ  1 
ATOM   820  O  OH  . TYR A 1 113 ? -6.708  -2.441  -9.439  1.00 52.31 ? 113 TYR A OH  1 
ATOM   821  N  N   . LEU A 1 114 ? -8.103  -1.254  -2.979  1.00 50.00 ? 114 LEU A N   1 
ATOM   822  C  CA  . LEU A 1 114 ? -6.886  -1.862  -2.540  1.00 50.09 ? 114 LEU A CA  1 
ATOM   823  C  C   . LEU A 1 114 ? -7.196  -3.245  -1.935  1.00 51.40 ? 114 LEU A C   1 
ATOM   824  O  O   . LEU A 1 114 ? -6.507  -4.223  -2.153  1.00 51.93 ? 114 LEU A O   1 
ATOM   825  C  CB  . LEU A 1 114 ? -6.297  -0.880  -1.541  1.00 51.17 ? 114 LEU A CB  1 
ATOM   826  C  CG  . LEU A 1 114 ? -5.146  0.001   -2.037  1.00 53.86 ? 114 LEU A CG  1 
ATOM   827  C  CD1 . LEU A 1 114 ? -5.058  0.333   -3.534  1.00 47.16 ? 114 LEU A CD1 1 
ATOM   828  C  CD2 . LEU A 1 114 ? -4.953  1.206   -1.147  1.00 47.30 ? 114 LEU A CD2 1 
ATOM   829  N  N   . VAL A 1 115 ? -8.319  -3.346  -1.239  1.00 51.15 ? 115 VAL A N   1 
ATOM   830  C  CA  . VAL A 1 115 ? -8.783  -4.623  -0.766  1.00 50.88 ? 115 VAL A CA  1 
ATOM   831  C  C   . VAL A 1 115 ? -9.126  -5.601  -1.922  1.00 50.70 ? 115 VAL A C   1 
ATOM   832  O  O   . VAL A 1 115 ? -8.759  -6.782  -1.875  1.00 50.26 ? 115 VAL A O   1 
ATOM   833  C  CB  . VAL A 1 115 ? -10.032 -4.448  0.127   1.00 50.47 ? 115 VAL A CB  1 
ATOM   834  C  CG1 . VAL A 1 115 ? -10.629 -5.830  0.435   1.00 50.71 ? 115 VAL A CG1 1 
ATOM   835  C  CG2 . VAL A 1 115 ? -9.662  -3.633  1.415   1.00 47.47 ? 115 VAL A CG2 1 
ATOM   836  N  N   . LEU A 1 116 ? -9.818  -5.102  -2.938  1.00 50.04 ? 116 LEU A N   1 
ATOM   837  C  CA  . LEU A 1 116 ? -10.119 -5.884  -4.138  1.00 50.32 ? 116 LEU A CA  1 
ATOM   838  C  C   . LEU A 1 116 ? -8.854  -6.380  -4.852  1.00 50.17 ? 116 LEU A C   1 
ATOM   839  O  O   . LEU A 1 116 ? -8.813  -7.506  -5.280  1.00 50.58 ? 116 LEU A O   1 
ATOM   840  C  CB  . LEU A 1 116 ? -10.939 -5.073  -5.126  1.00 50.51 ? 116 LEU A CB  1 
ATOM   841  C  CG  . LEU A 1 116 ? -12.370 -4.725  -4.748  1.00 52.19 ? 116 LEU A CG  1 
ATOM   842  C  CD1 . LEU A 1 116 ? -13.074 -3.998  -5.933  1.00 55.00 ? 116 LEU A CD1 1 
ATOM   843  C  CD2 . LEU A 1 116 ? -13.166 -5.974  -4.357  1.00 53.04 ? 116 LEU A CD2 1 
ATOM   844  N  N   . LEU A 1 117 ? -7.839  -5.537  -4.940  1.00 49.15 ? 117 LEU A N   1 
ATOM   845  C  CA  . LEU A 1 117 ? -6.600  -5.838  -5.602  1.00 49.37 ? 117 LEU A CA  1 
ATOM   846  C  C   . LEU A 1 117 ? -5.897  -6.956  -4.855  1.00 50.24 ? 117 LEU A C   1 
ATOM   847  O  O   . LEU A 1 117 ? -5.507  -7.934  -5.467  1.00 51.26 ? 117 LEU A O   1 
ATOM   848  C  CB  . LEU A 1 117 ? -5.726  -4.589  -5.659  1.00 48.49 ? 117 LEU A CB  1 
ATOM   849  C  CG  . LEU A 1 117 ? -4.386  -4.749  -6.349  1.00 49.39 ? 117 LEU A CG  1 
ATOM   850  C  CD1 . LEU A 1 117 ? -4.566  -5.428  -7.767  1.00 50.07 ? 117 LEU A CD1 1 
ATOM   851  C  CD2 . LEU A 1 117 ? -3.705  -3.347  -6.325  1.00 47.46 ? 117 LEU A CD2 1 
ATOM   852  N  N   . ALA A 1 118 ? -5.837  -6.839  -3.531  1.00 50.43 ? 118 ALA A N   1 
ATOM   853  C  CA  . ALA A 1 118 ? -5.359  -7.913  -2.625  1.00 50.26 ? 118 ALA A CA  1 
ATOM   854  C  C   . ALA A 1 118 ? -6.150  -9.191  -2.751  1.00 50.23 ? 118 ALA A C   1 
ATOM   855  O  O   . ALA A 1 118 ? -5.576  -10.242 -2.772  1.00 51.90 ? 118 ALA A O   1 
ATOM   856  C  CB  . ALA A 1 118 ? -5.365  -7.437  -1.133  1.00 48.34 ? 118 ALA A CB  1 
ATOM   857  N  N   . GLY A 1 119 ? -7.470  -9.107  -2.835  1.00 50.88 ? 119 GLY A N   1 
ATOM   858  C  CA  . GLY A 1 119 ? -8.330  -10.286 -2.975  1.00 50.63 ? 119 GLY A CA  1 
ATOM   859  C  C   . GLY A 1 119 ? -8.111  -10.987 -4.309  1.00 51.03 ? 119 GLY A C   1 
ATOM   860  O  O   . GLY A 1 119 ? -8.004  -12.210 -4.411  1.00 50.38 ? 119 GLY A O   1 
ATOM   861  N  N   . GLN A 1 120 ? -8.032  -10.194 -5.343  1.00 51.68 ? 120 GLN A N   1 
ATOM   862  C  CA  . GLN A 1 120 ? -7.790  -10.673 -6.706  1.00 52.84 ? 120 GLN A CA  1 
ATOM   863  C  C   . GLN A 1 120 ? -6.518  -11.543 -6.713  1.00 52.67 ? 120 GLN A C   1 
ATOM   864  O  O   . GLN A 1 120 ? -6.435  -12.555 -7.426  1.00 51.82 ? 120 GLN A O   1 
ATOM   865  C  CB  . GLN A 1 120 ? -7.557  -9.428  -7.558  1.00 53.74 ? 120 GLN A CB  1 
ATOM   866  C  CG  . GLN A 1 120 ? -7.658  -9.606  -8.993  1.00 60.84 ? 120 GLN A CG  1 
ATOM   867  C  CD  . GLN A 1 120 ? -8.897  -8.988  -9.581  1.00 66.02 ? 120 GLN A CD  1 
ATOM   868  O  OE1 . GLN A 1 120 ? -9.483  -8.119  -8.969  1.00 71.58 ? 120 GLN A OE1 1 
ATOM   869  N  NE2 . GLN A 1 120 ? -9.328  -9.482  -10.781 1.00 72.64 ? 120 GLN A NE2 1 
ATOM   870  N  N   . HIS A 1 121 ? -5.536  -11.139 -5.895  1.00 51.84 ? 121 HIS A N   1 
ATOM   871  C  CA  . HIS A 1 121 ? -4.271  -11.849 -5.742  1.00 51.80 ? 121 HIS A CA  1 
ATOM   872  C  C   . HIS A 1 121 ? -4.310  -12.966 -4.716  1.00 51.49 ? 121 HIS A C   1 
ATOM   873  O  O   . HIS A 1 121 ? -3.308  -13.608 -4.461  1.00 52.37 ? 121 HIS A O   1 
ATOM   874  C  CB  . HIS A 1 121 ? -3.177  -10.839 -5.365  1.00 51.94 ? 121 HIS A CB  1 
ATOM   875  C  CG  . HIS A 1 121 ? -2.678  -10.042 -6.526  1.00 53.14 ? 121 HIS A CG  1 
ATOM   876  N  ND1 . HIS A 1 121 ? -1.754  -10.540 -7.417  1.00 54.67 ? 121 HIS A ND1 1 
ATOM   877  C  CD2 . HIS A 1 121 ? -2.980  -8.798  -6.959  1.00 53.36 ? 121 HIS A CD2 1 
ATOM   878  C  CE1 . HIS A 1 121 ? -1.504  -9.636  -8.345  1.00 54.83 ? 121 HIS A CE1 1 
ATOM   879  N  NE2 . HIS A 1 121 ? -2.238  -8.572  -8.094  1.00 53.38 ? 121 HIS A NE2 1 
ATOM   880  N  N   . GLY A 1 122 ? -5.448  -13.163 -4.087  1.00 51.75 ? 122 GLY A N   1 
ATOM   881  C  CA  . GLY A 1 122 ? -5.631  -14.231 -3.108  1.00 51.63 ? 122 GLY A CA  1 
ATOM   882  C  C   . GLY A 1 122 ? -4.868  -13.999 -1.816  1.00 51.45 ? 122 GLY A C   1 
ATOM   883  O  O   . GLY A 1 122 ? -4.357  -14.932 -1.219  1.00 51.92 ? 122 GLY A O   1 
ATOM   884  N  N   . GLY A 1 123 ? -4.779  -12.749 -1.395  1.00 51.50 ? 123 GLY A N   1 
ATOM   885  C  CA  . GLY A 1 123 ? -4.047  -12.374 -0.190  1.00 51.21 ? 123 GLY A CA  1 
ATOM   886  C  C   . GLY A 1 123 ? -4.919  -12.216 1.022   1.00 51.31 ? 123 GLY A C   1 
ATOM   887  O  O   . GLY A 1 123 ? -6.128  -12.331 0.924   1.00 51.59 ? 123 GLY A O   1 
ATOM   888  N  N   . LEU A 1 124 ? -4.302  -11.943 2.173   1.00 51.30 ? 124 LEU A N   1 
ATOM   889  C  CA  . LEU A 1 124 ? -5.055  -11.701 3.386   1.00 52.42 ? 124 LEU A CA  1 
ATOM   890  C  C   . LEU A 1 124 ? -4.999  -10.242 3.711   1.00 51.29 ? 124 LEU A C   1 
ATOM   891  O  O   . LEU A 1 124 ? -3.932  -9.681  3.684   1.00 52.55 ? 124 LEU A O   1 
ATOM   892  C  CB  . LEU A 1 124 ? -4.453  -12.393 4.593   1.00 52.71 ? 124 LEU A CB  1 
ATOM   893  C  CG  . LEU A 1 124 ? -4.288  -13.870 4.582   1.00 56.53 ? 124 LEU A CG  1 
ATOM   894  C  CD1 . LEU A 1 124 ? -4.104  -14.105 6.095   1.00 62.58 ? 124 LEU A CD1 1 
ATOM   895  C  CD2 . LEU A 1 124 ? -5.438  -14.731 3.917   1.00 59.43 ? 124 LEU A CD2 1 
ATOM   896  N  N   . TRP A 1 125 ? -6.114  -9.654  4.104   1.00 49.88 ? 125 TRP A N   1 
ATOM   897  C  CA  . TRP A 1 125 ? -6.149  -8.230  4.305   1.00 49.49 ? 125 TRP A CA  1 
ATOM   898  C  C   . TRP A 1 125 ? -6.099  -7.877  5.764   1.00 49.23 ? 125 TRP A C   1 
ATOM   899  O  O   . TRP A 1 125 ? -6.848  -8.407  6.581   1.00 50.28 ? 125 TRP A O   1 
ATOM   900  C  CB  . TRP A 1 125 ? -7.384  -7.604  3.651   1.00 48.95 ? 125 TRP A CB  1 
ATOM   901  C  CG  . TRP A 1 125 ? -7.353  -6.105  3.795   1.00 48.80 ? 125 TRP A CG  1 
ATOM   902  C  CD1 . TRP A 1 125 ? -7.895  -5.369  4.812   1.00 48.83 ? 125 TRP A CD1 1 
ATOM   903  C  CD2 . TRP A 1 125 ? -6.674  -5.185  2.958   1.00 48.04 ? 125 TRP A CD2 1 
ATOM   904  N  NE1 . TRP A 1 125 ? -7.591  -4.062  4.665   1.00 48.13 ? 125 TRP A NE1 1 
ATOM   905  C  CE2 . TRP A 1 125 ? -6.846  -3.906  3.526   1.00 49.29 ? 125 TRP A CE2 1 
ATOM   906  C  CE3 . TRP A 1 125 ? -5.927  -5.310  1.785   1.00 48.55 ? 125 TRP A CE3 1 
ATOM   907  C  CZ2 . TRP A 1 125 ? -6.341  -2.755  2.926   1.00 49.53 ? 125 TRP A CZ2 1 
ATOM   908  C  CZ3 . TRP A 1 125 ? -5.355  -4.196  1.232   1.00 47.30 ? 125 TRP A CZ3 1 
ATOM   909  C  CH2 . TRP A 1 125 ? -5.561  -2.930  1.793   1.00 49.19 ? 125 TRP A CH2 1 
ATOM   910  N  N   . VAL A 1 126 ? -5.189  -6.981  6.092   1.00 49.97 ? 126 VAL A N   1 
ATOM   911  C  CA  . VAL A 1 126 ? -4.973  -6.505  7.461   1.00 49.28 ? 126 VAL A CA  1 
ATOM   912  C  C   . VAL A 1 126 ? -5.661  -5.154  7.620   1.00 49.59 ? 126 VAL A C   1 
ATOM   913  O  O   . VAL A 1 126 ? -5.308  -4.194  6.966   1.00 50.16 ? 126 VAL A O   1 
ATOM   914  C  CB  . VAL A 1 126 ? -3.468  -6.320  7.767   1.00 49.98 ? 126 VAL A CB  1 
ATOM   915  C  CG1 . VAL A 1 126 ? -3.277  -5.810  9.199   1.00 48.14 ? 126 VAL A CG1 1 
ATOM   916  C  CG2 . VAL A 1 126 ? -2.667  -7.632  7.535   1.00 45.65 ? 126 VAL A CG2 1 
ATOM   917  N  N   . SER A 1 127 ? -6.643  -5.092  8.512   1.00 49.80 ? 127 SER A N   1 
ATOM   918  C  CA  . SER A 1 127 ? -7.393  -3.900  8.799   1.00 49.95 ? 127 SER A CA  1 
ATOM   919  C  C   . SER A 1 127 ? -6.638  -3.035  9.831   1.00 50.59 ? 127 SER A C   1 
ATOM   920  O  O   . SER A 1 127 ? -5.678  -3.495  10.469  1.00 49.40 ? 127 SER A O   1 
ATOM   921  C  CB  . SER A 1 127 ? -8.750  -4.320  9.334   1.00 49.56 ? 127 SER A CB  1 
ATOM   922  O  OG  . SER A 1 127 ? -8.616  -4.819  10.666  1.00 49.32 ? 127 SER A OG  1 
ATOM   923  N  N   . LEU A 1 128 ? -7.058  -1.777  9.992   1.00 52.32 ? 128 LEU A N   1 
ATOM   924  C  CA  . LEU A 1 128 ? -6.412  -0.874  10.967  1.00 53.10 ? 128 LEU A CA  1 
ATOM   925  C  C   . LEU A 1 128 ? -6.684  -1.422  12.366  1.00 54.14 ? 128 LEU A C   1 
ATOM   926  O  O   . LEU A 1 128 ? -7.805  -1.808  12.703  1.00 54.80 ? 128 LEU A O   1 
ATOM   927  C  CB  . LEU A 1 128 ? -6.923  0.551   10.789  1.00 52.52 ? 128 LEU A CB  1 
ATOM   928  C  CG  . LEU A 1 128 ? -6.159  1.733   11.418  1.00 53.65 ? 128 LEU A CG  1 
ATOM   929  C  CD1 . LEU A 1 128 ? -4.798  1.836   10.922  1.00 52.98 ? 128 LEU A CD1 1 
ATOM   930  C  CD2 . LEU A 1 128 ? -6.866  3.044   11.156  1.00 54.57 ? 128 LEU A CD2 1 
ATOM   931  N  N   . GLY A 1 129 ? -5.670  -1.518  13.190  1.00 55.15 ? 129 GLY A N   1 
ATOM   932  C  CA  . GLY A 1 129 ? -5.896  -2.112  14.537  1.00 56.75 ? 129 GLY A CA  1 
ATOM   933  C  C   . GLY A 1 129 ? -6.181  -1.169  15.714  1.00 57.68 ? 129 GLY A C   1 
ATOM   934  O  O   . GLY A 1 129 ? -7.203  -0.466  15.703  1.00 60.39 ? 129 GLY A O   1 
ATOM   935  N  N   . TYR A 1 149 ? -11.077 2.634   9.541   1.00 63.90 ? 149 TYR A N   1 
ATOM   936  C  CA  . TYR A 1 149 ? -11.018 1.249   10.068  1.00 64.43 ? 149 TYR A CA  1 
ATOM   937  C  C   . TYR A 1 149 ? -10.404 0.181   9.176   1.00 62.22 ? 149 TYR A C   1 
ATOM   938  O  O   . TYR A 1 149 ? -9.772  -0.737  9.656   1.00 60.75 ? 149 TYR A O   1 
ATOM   939  C  CB  . TYR A 1 149 ? -12.405 0.781   10.445  1.00 66.25 ? 149 TYR A CB  1 
ATOM   940  C  CG  . TYR A 1 149 ? -12.915 1.500   11.654  1.00 69.12 ? 149 TYR A CG  1 
ATOM   941  C  CD1 . TYR A 1 149 ? -12.406 1.219   12.940  1.00 71.12 ? 149 TYR A CD1 1 
ATOM   942  C  CD2 . TYR A 1 149 ? -13.904 2.468   11.532  1.00 72.37 ? 149 TYR A CD2 1 
ATOM   943  C  CE1 . TYR A 1 149 ? -12.879 1.892   14.067  1.00 70.51 ? 149 TYR A CE1 1 
ATOM   944  C  CE2 . TYR A 1 149 ? -14.377 3.167   12.664  1.00 71.50 ? 149 TYR A CE2 1 
ATOM   945  C  CZ  . TYR A 1 149 ? -13.861 2.877   13.909  1.00 71.43 ? 149 TYR A CZ  1 
ATOM   946  O  OH  . TYR A 1 149 ? -14.359 3.585   14.980  1.00 71.67 ? 149 TYR A OH  1 
ATOM   947  N  N   . ILE A 1 150 ? -10.634 0.291   7.885   1.00 60.33 ? 150 ILE A N   1 
ATOM   948  C  CA  . ILE A 1 150 ? -10.175 -0.707  6.969   1.00 60.49 ? 150 ILE A CA  1 
ATOM   949  C  C   . ILE A 1 150 ? -8.626  -0.646  6.750   1.00 60.06 ? 150 ILE A C   1 
ATOM   950  O  O   . ILE A 1 150 ? -7.980  -1.658  6.557   1.00 58.43 ? 150 ILE A O   1 
ATOM   951  C  CB  . ILE A 1 150 ? -11.027 -0.667  5.657   1.00 61.16 ? 150 ILE A CB  1 
ATOM   952  C  CG1 . ILE A 1 150 ? -11.212 -2.067  5.133   1.00 62.61 ? 150 ILE A CG1 1 
ATOM   953  C  CG2 . ILE A 1 150 ? -10.404 0.128   4.577   1.00 63.86 ? 150 ILE A CG2 1 
ATOM   954  C  CD1 . ILE A 1 150 ? -12.259 -2.781  5.891   1.00 66.25 ? 150 ILE A CD1 1 
ATOM   955  N  N   . ALA A 1 151 ? -8.076  0.560   6.856   1.00 59.45 ? 151 ALA A N   1 
ATOM   956  C  CA  . ALA A 1 151 ? -6.701  0.901   6.571   1.00 59.29 ? 151 ALA A CA  1 
ATOM   957  C  C   . ALA A 1 151 ? -6.574  2.411   6.895   1.00 58.19 ? 151 ALA A C   1 
ATOM   958  O  O   . ALA A 1 151 ? -7.568  3.080   7.027   1.00 55.70 ? 151 ALA A O   1 
ATOM   959  C  CB  . ALA A 1 151 ? -6.383  0.633   5.102   1.00 59.17 ? 151 ALA A CB  1 
ATOM   960  N  N   . PRO A 1 152 ? -5.384  2.931   6.994   1.00 58.50 ? 152 PRO A N   1 
ATOM   961  C  CA  . PRO A 1 152 ? -5.244  4.324   7.333   1.00 60.04 ? 152 PRO A CA  1 
ATOM   962  C  C   . PRO A 1 152 ? -5.603  5.233   6.188   1.00 61.71 ? 152 PRO A C   1 
ATOM   963  O  O   . PRO A 1 152 ? -5.284  4.963   5.073   1.00 60.44 ? 152 PRO A O   1 
ATOM   964  C  CB  . PRO A 1 152 ? -3.775  4.444   7.673   1.00 59.22 ? 152 PRO A CB  1 
ATOM   965  C  CG  . PRO A 1 152 ? -3.195  3.215   7.365   1.00 59.72 ? 152 PRO A CG  1 
ATOM   966  C  CD  . PRO A 1 152 ? -4.188  2.189   7.348   1.00 58.98 ? 152 PRO A CD  1 
HETATM 967  N  N   . MSE A 1 153 ? -6.302  6.304   6.492   1.00 20.00 ? 153 MSE A N   1 
HETATM 968  C  CA  . MSE A 1 153 ? -6.531  7.371   5.556   1.00 20.00 ? 153 MSE A CA  1 
HETATM 969  C  C   . MSE A 1 153 ? -6.196  8.669   6.246   1.00 20.00 ? 153 MSE A C   1 
HETATM 970  O  O   . MSE A 1 153 ? -6.245  8.767   7.450   1.00 70.87 ? 153 MSE A O   1 
HETATM 971  C  CB  . MSE A 1 153 ? -7.950  7.362   5.035   1.00 20.00 ? 153 MSE A CB  1 
HETATM 972  C  CG  . MSE A 1 153 ? -8.990  7.316   6.069   1.00 20.00 ? 153 MSE A CG  1 
HETATM 973  SE SE  . MSE A 1 153 ? -10.752 7.499   5.381   1.00 20.00 ? 153 MSE A SE  1 
HETATM 974  C  CE  . MSE A 1 153 ? -11.046 5.723   4.855   1.00 20.00 ? 153 MSE A CE  1 
ATOM   975  N  N   . ALA A 1 154 ? -5.804  9.662   5.480   1.00 72.78 ? 154 ALA A N   1 
ATOM   976  C  CA  . ALA A 1 154 ? -5.274  10.877  6.055   1.00 74.23 ? 154 ALA A CA  1 
ATOM   977  C  C   . ALA A 1 154 ? -5.559  12.124  5.234   1.00 76.09 ? 154 ALA A C   1 
ATOM   978  O  O   . ALA A 1 154 ? -5.752  12.080  4.044   1.00 76.07 ? 154 ALA A O   1 
ATOM   979  C  CB  . ALA A 1 154 ? -3.818  10.736  6.259   1.00 73.50 ? 154 ALA A CB  1 
ATOM   980  N  N   . GLN A 1 155 ? -5.563  13.243  5.931   1.00 78.55 ? 155 GLN A N   1 
ATOM   981  C  CA  . GLN A 1 155 ? -5.751  14.594  5.389   1.00 79.24 ? 155 GLN A CA  1 
ATOM   982  C  C   . GLN A 1 155 ? -4.439  15.156  4.774   1.00 80.65 ? 155 GLN A C   1 
ATOM   983  O  O   . GLN A 1 155 ? -3.334  14.899  5.288   1.00 81.39 ? 155 GLN A O   1 
ATOM   984  C  CB  . GLN A 1 155 ? -6.226  15.510  6.538   1.00 79.75 ? 155 GLN A CB  1 
ATOM   985  C  CG  . GLN A 1 155 ? -6.403  17.014  6.186   1.00 80.26 ? 155 GLN A CG  1 
ATOM   986  C  CD  . GLN A 1 155 ? -7.303  17.240  4.966   1.00 82.37 ? 155 GLN A CD  1 
ATOM   987  O  OE1 . GLN A 1 155 ? -8.001  16.301  4.494   1.00 82.28 ? 155 GLN A OE1 1 
ATOM   988  N  NE2 . GLN A 1 155 ? -7.290  18.482  4.443   1.00 79.71 ? 155 GLN A NE2 1 
ATOM   989  N  N   . SER A 1 156 ? -4.573  15.928  3.688   1.00 81.53 ? 156 SER A N   1 
ATOM   990  C  CA  . SER A 1 156 ? -3.460  16.711  3.091   1.00 81.50 ? 156 SER A CA  1 
ATOM   991  C  C   . SER A 1 156 ? -3.885  18.174  2.813   1.00 82.13 ? 156 SER A C   1 
ATOM   992  O  O   . SER A 1 156 ? -3.806  19.073  3.679   1.00 82.69 ? 156 SER A O   1 
ATOM   993  C  CB  . SER A 1 156 ? -2.992  16.062  1.778   1.00 81.93 ? 156 SER A CB  1 
ATOM   994  O  OG  . SER A 1 156 ? -2.539  14.724  1.963   1.00 81.63 ? 156 SER A OG  1 
ATOM   995  N  N   . GLU A 1 164 ? 4.318   17.206  4.000   1.00 77.11 ? 164 GLU A N   1 
ATOM   996  C  CA  . GLU A 1 164 ? 3.694   17.490  5.318   1.00 76.52 ? 164 GLU A CA  1 
ATOM   997  C  C   . GLU A 1 164 ? 2.268   16.910  5.529   1.00 75.06 ? 164 GLU A C   1 
ATOM   998  O  O   . GLU A 1 164 ? 1.534   16.655  4.555   1.00 75.74 ? 164 GLU A O   1 
ATOM   999  C  CB  . GLU A 1 164 ? 3.640   18.988  5.563   1.00 77.26 ? 164 GLU A CB  1 
ATOM   1000 C  CG  . GLU A 1 164 ? 4.983   19.586  5.889   1.00 79.55 ? 164 GLU A CG  1 
ATOM   1001 C  CD  . GLU A 1 164 ? 4.807   20.854  6.693   1.00 81.43 ? 164 GLU A CD  1 
ATOM   1002 O  OE1 . GLU A 1 164 ? 4.111   20.744  7.756   1.00 87.86 ? 164 GLU A OE1 1 
ATOM   1003 O  OE2 . GLU A 1 164 ? 5.335   21.940  6.263   1.00 88.22 ? 164 GLU A OE2 1 
HETATM 1004 N  N   . MSE A 1 165 ? 1.915   16.760  6.805   1.00 20.00 ? 165 MSE A N   1 
HETATM 1005 C  CA  . MSE A 1 165 ? 0.801   15.969  7.266   1.00 20.00 ? 165 MSE A CA  1 
HETATM 1006 C  C   . MSE A 1 165 ? 0.906   15.921  8.773   1.00 20.00 ? 165 MSE A C   1 
HETATM 1007 O  O   . MSE A 1 165 ? 1.982   15.976  9.280   1.00 65.57 ? 165 MSE A O   1 
HETATM 1008 C  CB  . MSE A 1 165 ? 0.996   14.572  6.723   1.00 20.00 ? 165 MSE A CB  1 
HETATM 1009 C  CG  . MSE A 1 165 ? -0.111  13.621  6.966   1.00 20.00 ? 165 MSE A CG  1 
HETATM 1010 SE SE  . MSE A 1 165 ? 0.308   12.098  5.945   1.00 20.00 ? 165 MSE A SE  1 
HETATM 1011 C  CE  . MSE A 1 165 ? 1.334   12.982  4.606   1.00 20.00 ? 165 MSE A CE  1 
ATOM   1012 N  N   . SER A 1 166 ? -0.193  15.788  9.490   1.00 62.96 ? 166 SER A N   1 
ATOM   1013 C  CA  . SER A 1 166 ? -0.136  15.730  10.938  1.00 60.98 ? 166 SER A CA  1 
ATOM   1014 C  C   . SER A 1 166 ? 0.564   14.506  11.528  1.00 58.56 ? 166 SER A C   1 
ATOM   1015 O  O   . SER A 1 166 ? 0.562   13.458  10.950  1.00 58.24 ? 166 SER A O   1 
ATOM   1016 C  CB  . SER A 1 166 ? -1.529  15.836  11.505  1.00 60.43 ? 166 SER A CB  1 
ATOM   1017 O  OG  . SER A 1 166 ? -1.947  14.603  12.005  1.00 59.58 ? 166 SER A OG  1 
ATOM   1018 N  N   . VAL A 1 167 ? 1.153   14.668  12.699  1.00 55.87 ? 167 VAL A N   1 
ATOM   1019 C  CA  . VAL A 1 167 ? 1.872   13.593  13.396  1.00 54.45 ? 167 VAL A CA  1 
ATOM   1020 C  C   . VAL A 1 167 ? 0.896   12.490  13.825  1.00 52.14 ? 167 VAL A C   1 
ATOM   1021 O  O   . VAL A 1 167 ? 1.200   11.308  13.741  1.00 50.15 ? 167 VAL A O   1 
ATOM   1022 C  CB  . VAL A 1 167 ? 2.676   14.141  14.630  1.00 53.46 ? 167 VAL A CB  1 
ATOM   1023 C  CG1 . VAL A 1 167 ? 3.386   13.022  15.335  1.00 51.34 ? 167 VAL A CG1 1 
ATOM   1024 C  CG2 . VAL A 1 167 ? 3.646   15.233  14.205  1.00 51.47 ? 167 VAL A CG2 1 
ATOM   1025 N  N   . GLY A 1 168 ? -0.276  12.898  14.280  1.00 51.25 ? 168 GLY A N   1 
ATOM   1026 C  CA  . GLY A 1 168 ? -1.374  11.983  14.509  1.00 51.61 ? 168 GLY A CA  1 
ATOM   1027 C  C   . GLY A 1 168 ? -1.585  11.002  13.369  1.00 51.77 ? 168 GLY A C   1 
ATOM   1028 O  O   . GLY A 1 168 ? -1.616  9.801   13.615  1.00 52.59 ? 168 GLY A O   1 
ATOM   1029 N  N   . ASP A 1 169 ? -1.681  11.488  12.124  1.00 51.66 ? 169 ASP A N   1 
ATOM   1030 C  CA  . ASP A 1 169 ? -1.822  10.585  10.963  1.00 52.07 ? 169 ASP A CA  1 
ATOM   1031 C  C   . ASP A 1 169 ? -0.608  9.726   10.676  1.00 52.01 ? 169 ASP A C   1 
ATOM   1032 O  O   . ASP A 1 169 ? -0.753  8.548   10.318  1.00 51.49 ? 169 ASP A O   1 
ATOM   1033 C  CB  . ASP A 1 169 ? -2.189  11.359  9.684   1.00 52.68 ? 169 ASP A CB  1 
ATOM   1034 C  CG  . ASP A 1 169 ? -3.554  12.031  9.794   1.00 55.35 ? 169 ASP A CG  1 
ATOM   1035 O  OD1 . ASP A 1 169 ? -4.362  11.566  10.650  1.00 55.24 ? 169 ASP A OD1 1 
ATOM   1036 O  OD2 . ASP A 1 169 ? -3.794  13.047  9.077   1.00 59.17 ? 169 ASP A OD2 1 
ATOM   1037 N  N   . LEU A 1 170 ? 0.582   10.331  10.793  1.00 51.63 ? 170 LEU A N   1 
ATOM   1038 C  CA  . LEU A 1 170 ? 1.850   9.617   10.605  1.00 50.69 ? 170 LEU A CA  1 
ATOM   1039 C  C   . LEU A 1 170 ? 1.987   8.524   11.675  1.00 50.18 ? 170 LEU A C   1 
ATOM   1040 O  O   . LEU A 1 170 ? 2.422   7.419   11.378  1.00 49.71 ? 170 LEU A O   1 
ATOM   1041 C  CB  . LEU A 1 170 ? 3.055   10.582  10.622  1.00 50.34 ? 170 LEU A CB  1 
ATOM   1042 C  CG  . LEU A 1 170 ? 3.076   11.655  9.536   1.00 48.72 ? 170 LEU A CG  1 
ATOM   1043 C  CD1 . LEU A 1 170 ? 4.145   12.653  9.772   1.00 47.44 ? 170 LEU A CD1 1 
ATOM   1044 C  CD2 . LEU A 1 170 ? 3.254   11.000  8.204   1.00 49.76 ? 170 LEU A CD2 1 
ATOM   1045 N  N   . GLU A 1 171 ? 1.560   8.811   12.893  1.00 50.34 ? 171 GLU A N   1 
ATOM   1046 C  CA  . GLU A 1 171 ? 1.650   7.835   13.966  1.00 51.11 ? 171 GLU A CA  1 
ATOM   1047 C  C   . GLU A 1 171 ? 0.711   6.622   13.768  1.00 51.50 ? 171 GLU A C   1 
ATOM   1048 O  O   . GLU A 1 171 ? 1.144   5.455   13.865  1.00 51.16 ? 171 GLU A O   1 
ATOM   1049 C  CB  . GLU A 1 171 ? 1.424   8.529   15.313  1.00 51.19 ? 171 GLU A CB  1 
ATOM   1050 C  CG  . GLU A 1 171 ? 1.439   7.621   16.564  1.00 51.86 ? 171 GLU A CG  1 
ATOM   1051 C  CD  . GLU A 1 171 ? 2.736   6.830   16.780  1.00 52.47 ? 171 GLU A CD  1 
ATOM   1052 O  OE1 . GLU A 1 171 ? 3.702   7.044   16.025  1.00 52.64 ? 171 GLU A OE1 1 
ATOM   1053 O  OE2 . GLU A 1 171 ? 2.779   6.015   17.734  1.00 50.72 ? 171 GLU A OE2 1 
ATOM   1054 N  N   . THR A 1 172 ? -0.548  6.898   13.447  1.00 52.11 ? 172 THR A N   1 
ATOM   1055 C  CA  . THR A 1 172 ? -1.510  5.842   13.117  1.00 52.49 ? 172 THR A CA  1 
ATOM   1056 C  C   . THR A 1 172 ? -1.004  5.049   11.920  1.00 52.23 ? 172 THR A C   1 
ATOM   1057 O  O   . THR A 1 172 ? -1.061  3.809   11.913  1.00 52.77 ? 172 THR A O   1 
ATOM   1058 C  CB  . THR A 1 172 ? -3.057  6.360   13.067  1.00 53.73 ? 172 THR A CB  1 
ATOM   1059 O  OG1 . THR A 1 172 ? -3.117  7.764   12.831  1.00 55.57 ? 172 THR A OG1 1 
ATOM   1060 C  CG2 . THR A 1 172 ? -3.738  6.214   14.514  1.00 53.29 ? 172 THR A CG2 1 
ATOM   1061 N  N   . ALA A 1 173 ? -0.440  5.739   10.938  1.00 51.53 ? 173 ALA A N   1 
ATOM   1062 C  CA  . ALA A 1 173 ? 0.192   5.046   9.800   1.00 50.71 ? 173 ALA A CA  1 
ATOM   1063 C  C   . ALA A 1 173 ? 1.336   4.110   10.229  1.00 50.16 ? 173 ALA A C   1 
ATOM   1064 O  O   . ALA A 1 173 ? 1.422   2.961   9.805   1.00 49.84 ? 173 ALA A O   1 
ATOM   1065 C  CB  . ALA A 1 173 ? 0.681   6.063   8.748   1.00 50.09 ? 173 ALA A CB  1 
ATOM   1066 N  N   . ARG A 1 174 ? 2.206   4.589   11.099  1.00 50.27 ? 174 ARG A N   1 
ATOM   1067 C  CA  . ARG A 1 174 ? 3.371   3.801   11.559  1.00 50.29 ? 174 ARG A CA  1 
ATOM   1068 C  C   . ARG A 1 174 ? 2.938   2.561   12.366  1.00 49.68 ? 174 ARG A C   1 
ATOM   1069 O  O   . ARG A 1 174 ? 3.464   1.471   12.196  1.00 49.50 ? 174 ARG A O   1 
ATOM   1070 C  CB  . ARG A 1 174 ? 4.283   4.704   12.408  1.00 49.71 ? 174 ARG A CB  1 
ATOM   1071 C  CG  . ARG A 1 174 ? 5.511   4.012   12.942  1.00 50.49 ? 174 ARG A CG  1 
ATOM   1072 C  CD  . ARG A 1 174 ? 6.128   4.765   14.095  1.00 51.31 ? 174 ARG A CD  1 
ATOM   1073 N  NE  . ARG A 1 174 ? 5.293   4.676   15.287  1.00 51.20 ? 174 ARG A NE  1 
ATOM   1074 C  CZ  . ARG A 1 174 ? 5.193   3.599   16.066  1.00 52.99 ? 174 ARG A CZ  1 
ATOM   1075 N  NH1 . ARG A 1 174 ? 5.880   2.483   15.805  1.00 54.19 ? 174 ARG A NH1 1 
ATOM   1076 N  NH2 . ARG A 1 174 ? 4.421   3.647   17.148  1.00 51.89 ? 174 ARG A NH2 1 
ATOM   1077 N  N   . LEU A 1 175 ? 1.979   2.752   13.261  1.00 50.10 ? 175 LEU A N   1 
ATOM   1078 C  CA  . LEU A 1 175 ? 1.369   1.663   14.024  1.00 50.06 ? 175 LEU A CA  1 
ATOM   1079 C  C   . LEU A 1 175 ? 0.808   0.632   13.069  1.00 49.68 ? 175 LEU A C   1 
ATOM   1080 O  O   . LEU A 1 175 ? 1.001   -0.557  13.267  1.00 49.08 ? 175 LEU A O   1 
ATOM   1081 C  CB  . LEU A 1 175 ? 0.228   2.186   14.925  1.00 49.90 ? 175 LEU A CB  1 
ATOM   1082 C  CG  . LEU A 1 175 ? 0.398   2.653   16.364  1.00 51.20 ? 175 LEU A CG  1 
ATOM   1083 C  CD1 . LEU A 1 175 ? 1.709   2.154   17.013  1.00 48.60 ? 175 LEU A CD1 1 
ATOM   1084 C  CD2 . LEU A 1 175 ? 0.223   4.141   16.506  1.00 52.12 ? 175 LEU A CD2 1 
ATOM   1085 N  N   . TYR A 1 176 ? 0.117   1.090   12.018  1.00 50.18 ? 176 TYR A N   1 
ATOM   1086 C  CA  . TYR A 1 176 ? -0.423  0.177   11.009  1.00 50.30 ? 176 TYR A CA  1 
ATOM   1087 C  C   . TYR A 1 176 ? 0.661   -0.673  10.322  1.00 50.92 ? 176 TYR A C   1 
ATOM   1088 O  O   . TYR A 1 176 ? 0.452   -1.865  10.079  1.00 52.14 ? 176 TYR A O   1 
ATOM   1089 C  CB  . TYR A 1 176 ? -1.165  0.941   9.928   1.00 49.97 ? 176 TYR A CB  1 
ATOM   1090 C  CG  . TYR A 1 176 ? -1.818  0.055   8.861   1.00 50.77 ? 176 TYR A CG  1 
ATOM   1091 C  CD1 . TYR A 1 176 ? -2.873  -0.823  9.195   1.00 49.56 ? 176 TYR A CD1 1 
ATOM   1092 C  CD2 . TYR A 1 176 ? -1.429  0.129   7.515   1.00 51.42 ? 176 TYR A CD2 1 
ATOM   1093 C  CE1 . TYR A 1 176 ? -3.489  -1.613  8.261   1.00 49.47 ? 176 TYR A CE1 1 
ATOM   1094 C  CE2 . TYR A 1 176 ? -2.058  -0.652  6.546   1.00 50.78 ? 176 TYR A CE2 1 
ATOM   1095 C  CZ  . TYR A 1 176 ? -3.112  -1.524  6.926   1.00 51.47 ? 176 TYR A CZ  1 
ATOM   1096 O  OH  . TYR A 1 176 ? -3.772  -2.315  5.983   1.00 51.22 ? 176 TYR A OH  1 
ATOM   1097 N  N   . GLY A 1 177 ? 1.789   -0.057  9.980   1.00 50.44 ? 177 GLY A N   1 
ATOM   1098 C  CA  . GLY A 1 177 ? 2.870   -0.765  9.333   1.00 50.51 ? 177 GLY A CA  1 
ATOM   1099 C  C   . GLY A 1 177 ? 3.458   -1.820  10.267  1.00 50.96 ? 177 GLY A C   1 
ATOM   1100 O  O   . GLY A 1 177 ? 3.804   -2.930  9.815   1.00 50.24 ? 177 GLY A O   1 
ATOM   1101 N  N   . ALA A 1 178 ? 3.567   -1.481  11.558  1.00 50.46 ? 178 ALA A N   1 
ATOM   1102 C  CA  . ALA A 1 178 ? 3.990   -2.463  12.575  1.00 51.11 ? 178 ALA A CA  1 
ATOM   1103 C  C   . ALA A 1 178 ? 2.945   -3.595  12.687  1.00 51.44 ? 178 ALA A C   1 
ATOM   1104 O  O   . ALA A 1 178 ? 3.287   -4.757  12.873  1.00 50.70 ? 178 ALA A O   1 
ATOM   1105 C  CB  . ALA A 1 178 ? 4.252   -1.767  13.946  1.00 49.36 ? 178 ALA A CB  1 
ATOM   1106 N  N   . ARG A 1 179 ? 1.668   -3.264  12.512  1.00 52.34 ? 179 ARG A N   1 
ATOM   1107 C  CA  . ARG A 1 179 ? 0.613   -4.262  12.659  1.00 52.64 ? 179 ARG A CA  1 
ATOM   1108 C  C   . ARG A 1 179 ? 0.602   -5.232  11.470  1.00 53.29 ? 179 ARG A C   1 
ATOM   1109 O  O   . ARG A 1 179 ? 0.322   -6.433  11.619  1.00 54.40 ? 179 ARG A O   1 
ATOM   1110 C  CB  . ARG A 1 179 ? -0.726  -3.557  12.816  1.00 52.70 ? 179 ARG A CB  1 
ATOM   1111 C  CG  . ARG A 1 179 ? -1.923  -4.474  12.883  1.00 53.02 ? 179 ARG A CG  1 
ATOM   1112 C  CD  . ARG A 1 179 ? -3.169  -3.658  12.949  1.00 53.09 ? 179 ARG A CD  1 
ATOM   1113 N  NE  . ARG A 1 179 ? -4.400  -4.377  12.613  1.00 54.22 ? 179 ARG A NE  1 
ATOM   1114 C  CZ  . ARG A 1 179 ? -5.056  -5.203  13.431  1.00 54.77 ? 179 ARG A CZ  1 
ATOM   1115 N  NH1 . ARG A 1 179 ? -6.213  -5.733  13.058  1.00 55.07 ? 179 ARG A NH1 1 
ATOM   1116 N  NH2 . ARG A 1 179 ? -4.580  -5.499  14.617  1.00 52.39 ? 179 ARG A NH2 1 
ATOM   1117 N  N   . VAL A 1 180 ? 0.940   -4.728  10.288  1.00 53.49 ? 180 VAL A N   1 
ATOM   1118 C  CA  . VAL A 1 180 ? 1.021   -5.587  9.099   1.00 52.75 ? 180 VAL A CA  1 
ATOM   1119 C  C   . VAL A 1 180 ? 2.229   -6.507  9.216   1.00 52.74 ? 180 VAL A C   1 
ATOM   1120 O  O   . VAL A 1 180 ? 2.111   -7.699  8.958   1.00 51.95 ? 180 VAL A O   1 
ATOM   1121 C  CB  . VAL A 1 180 ? 1.135   -4.782  7.748   1.00 52.85 ? 180 VAL A CB  1 
ATOM   1122 C  CG1 . VAL A 1 180 ? 1.339   -5.771  6.558   1.00 49.47 ? 180 VAL A CG1 1 
ATOM   1123 C  CG2 . VAL A 1 180 ? -0.088  -3.861  7.528   1.00 52.85 ? 180 VAL A CG2 1 
ATOM   1124 N  N   . ALA A 1 181 ? 3.368   -5.968  9.602   1.00 52.37 ? 181 ALA A N   1 
ATOM   1125 C  CA  . ALA A 1 181 ? 4.552   -6.777  9.723   1.00 52.96 ? 181 ALA A CA  1 
ATOM   1126 C  C   . ALA A 1 181 ? 4.273   -7.854  10.723  1.00 53.41 ? 181 ALA A C   1 
ATOM   1127 O  O   . ALA A 1 181 ? 4.672   -8.964  10.562  1.00 54.17 ? 181 ALA A O   1 
ATOM   1128 C  CB  . ALA A 1 181 ? 5.716   -5.958  10.138  1.00 51.36 ? 181 ALA A CB  1 
ATOM   1129 N  N   . ASN A 1 182 ? 3.545   -7.520  11.754  1.00 20.00 ? 182 ASN A N   1 
ATOM   1130 C  CA  . ASN A 1 182 ? 3.265   -8.492  12.758  1.00 20.00 ? 182 ASN A CA  1 
ATOM   1131 C  C   . ASN A 1 182 ? 2.475   -9.654  12.243  1.00 20.00 ? 182 ASN A C   1 
ATOM   1132 O  O   . ASN A 1 182 ? 2.756   -10.775 12.569  1.00 54.28 ? 182 ASN A O   1 
ATOM   1133 C  CB  . ASN A 1 182 ? 2.543   -7.866  13.918  1.00 20.00 ? 182 ASN A CB  1 
ATOM   1134 C  CG  . ASN A 1 182 ? 2.701   -8.664  15.179  1.00 20.00 ? 182 ASN A CG  1 
ATOM   1135 O  OD1 . ASN A 1 182 ? 1.729   -9.132  15.750  1.00 20.00 ? 182 ASN A OD1 1 
ATOM   1136 N  ND2 . ASN A 1 182 ? 3.939   -8.823  15.627  1.00 20.00 ? 182 ASN A ND2 1 
ATOM   1137 N  N   . VAL A 1 183 ? 1.469   -9.386  11.432  1.00 20.00 ? 183 VAL A N   1 
ATOM   1138 C  CA  . VAL A 1 183 ? 0.683   -10.453 10.876  1.00 20.00 ? 183 VAL A CA  1 
ATOM   1139 C  C   . VAL A 1 183 ? 1.512   -11.239 9.905   1.00 20.00 ? 183 VAL A C   1 
ATOM   1140 O  O   . VAL A 1 183 ? 1.385   -12.419 9.819   1.00 57.42 ? 183 VAL A O   1 
ATOM   1141 C  CB  . VAL A 1 183 ? -0.533  -9.927  10.163  1.00 20.00 ? 183 VAL A CB  1 
ATOM   1142 C  CG1 . VAL A 1 183 ? -1.273  -11.034 9.532   1.00 20.00 ? 183 VAL A CG1 1 
ATOM   1143 C  CG2 . VAL A 1 183 ? -1.400  -9.235  11.108  1.00 20.00 ? 183 VAL A CG2 1 
ATOM   1144 N  N   . ALA A 1 184 ? 2.374   -10.569 9.181   1.00 58.94 ? 184 ALA A N   1 
ATOM   1145 C  CA  . ALA A 1 184 ? 3.167   -11.213 8.180   1.00 60.69 ? 184 ALA A CA  1 
ATOM   1146 C  C   . ALA A 1 184 ? 4.161   -12.173 8.802   1.00 62.05 ? 184 ALA A C   1 
ATOM   1147 O  O   . ALA A 1 184 ? 4.512   -13.159 8.219   1.00 61.11 ? 184 ALA A O   1 
ATOM   1148 C  CB  . ALA A 1 184 ? 3.865   -10.199 7.356   1.00 60.29 ? 184 ALA A CB  1 
ATOM   1149 N  N   . ARG A 1 185 ? 4.618   -11.862 9.992   1.00 64.80 ? 185 ARG A N   1 
ATOM   1150 C  CA  . ARG A 1 185 ? 5.490   -12.757 10.747  1.00 67.16 ? 185 ARG A CA  1 
ATOM   1151 C  C   . ARG A 1 185 ? 4.759   -14.014 11.178  1.00 70.24 ? 185 ARG A C   1 
ATOM   1152 O  O   . ARG A 1 185 ? 5.267   -15.122 11.037  1.00 70.20 ? 185 ARG A O   1 
ATOM   1153 C  CB  . ARG A 1 185 ? 6.063   -12.068 11.990  1.00 67.59 ? 185 ARG A CB  1 
ATOM   1154 C  CG  . ARG A 1 185 ? 7.412   -11.418 11.758  1.00 68.82 ? 185 ARG A CG  1 
ATOM   1155 C  CD  . ARG A 1 185 ? 8.051   -10.974 13.063  1.00 69.80 ? 185 ARG A CD  1 
ATOM   1156 N  NE  . ARG A 1 185 ? 7.379   -9.785  13.595  1.00 71.98 ? 185 ARG A NE  1 
ATOM   1157 C  CZ  . ARG A 1 185 ? 7.555   -8.534  13.163  1.00 72.63 ? 185 ARG A CZ  1 
ATOM   1158 N  NH1 . ARG A 1 185 ? 8.389   -8.246  12.157  1.00 72.86 ? 185 ARG A NH1 1 
ATOM   1159 N  NH2 . ARG A 1 185 ? 6.869   -7.550  13.741  1.00 73.41 ? 185 ARG A NH2 1 
ATOM   1160 N  N   . GLN A 1 186 ? 3.547   -13.833 11.678  1.00 73.99 ? 186 GLN A N   1 
ATOM   1161 C  CA  . GLN A 1 186 ? 2.768   -14.941 12.197  1.00 77.39 ? 186 GLN A CA  1 
ATOM   1162 C  C   . GLN A 1 186 ? 2.308   -15.890 11.101  1.00 79.21 ? 186 GLN A C   1 
ATOM   1163 O  O   . GLN A 1 186 ? 1.905   -17.009 11.353  1.00 79.68 ? 186 GLN A O   1 
ATOM   1164 C  CB  . GLN A 1 186 ? 1.545   -14.397 12.915  1.00 77.20 ? 186 GLN A CB  1 
ATOM   1165 C  CG  . GLN A 1 186 ? 0.893   -15.427 13.813  1.00 79.04 ? 186 GLN A CG  1 
ATOM   1166 C  CD  . GLN A 1 186 ? -0.244  -14.838 14.614  1.00 80.12 ? 186 GLN A CD  1 
ATOM   1167 O  OE1 . GLN A 1 186 ? -0.671  -13.676 14.367  1.00 82.42 ? 186 GLN A OE1 1 
ATOM   1168 N  NE2 . GLN A 1 186 ? -0.765  -15.631 15.582  1.00 81.59 ? 186 GLN A NE2 1 
ATOM   1169 N  N   . HIS A 1 187 ? 2.413   -15.436 9.873   1.00 82.00 ? 187 HIS A N   1 
ATOM   1170 C  CA  . HIS A 1 187 ? 1.566   -15.930 8.829   1.00 84.48 ? 187 HIS A CA  1 
ATOM   1171 C  C   . HIS A 1 187 ? 2.363   -15.893 7.523   1.00 85.54 ? 187 HIS A C   1 
ATOM   1172 O  O   . HIS A 1 187 ? 1.932   -15.301 6.524   1.00 85.57 ? 187 HIS A O   1 
ATOM   1173 C  CB  . HIS A 1 187 ? 0.316   -15.023 8.780   1.00 85.43 ? 187 HIS A CB  1 
ATOM   1174 C  CG  . HIS A 1 187 ? -0.793  -15.607 7.999   1.00 87.35 ? 187 HIS A CG  1 
ATOM   1175 N  ND1 . HIS A 1 187 ? -0.717  -15.758 6.629   1.00 91.11 ? 187 HIS A ND1 1 
ATOM   1176 C  CD2 . HIS A 1 187 ? -1.974  -16.141 8.382   1.00 90.00 ? 187 HIS A CD2 1 
ATOM   1177 C  CE1 . HIS A 1 187 ? -1.814  -16.350 6.192   1.00 92.58 ? 187 HIS A CE1 1 
ATOM   1178 N  NE2 . HIS A 1 187 ? -2.591  -16.599 7.236   1.00 93.75 ? 187 HIS A NE2 1 
ATOM   1179 N  N   . LYS A 1 188 ? 3.521   -16.562 7.554   1.00 86.81 ? 188 LYS A N   1 
ATOM   1180 C  CA  . LYS A 1 188 ? 4.643   -16.267 6.650   1.00 87.28 ? 188 LYS A CA  1 
ATOM   1181 C  C   . LYS A 1 188 ? 4.758   -17.247 5.462   1.00 87.70 ? 188 LYS A C   1 
ATOM   1182 O  O   . LYS A 1 188 ? 4.341   -18.418 5.540   1.00 88.11 ? 188 LYS A O   1 
ATOM   1183 C  CB  . LYS A 1 188 ? 5.944   -16.230 7.488   1.00 87.56 ? 188 LYS A CB  1 
ATOM   1184 C  CG  . LYS A 1 188 ? 7.242   -16.061 6.702   1.00 87.47 ? 188 LYS A CG  1 
ATOM   1185 C  CD  . LYS A 1 188 ? 8.387   -15.511 7.571   1.00 88.18 ? 188 LYS A CD  1 
ATOM   1186 C  CE  . LYS A 1 188 ? 9.671   -15.256 6.714   1.00 88.66 ? 188 LYS A CE  1 
ATOM   1187 N  NZ  . LYS A 1 188 ? 10.557  -14.168 7.255   1.00 87.90 ? 188 LYS A NZ  1 
HETATM 1188 O  O   . HOH B 2 .   ? 0.413   12.456  -2.842  1.00 57.42 ? 194 HOH A O   1 
HETATM 1189 O  O   . HOH B 2 .   ? -0.869  -13.076 -7.440  1.00 52.30 ? 195 HOH A O   1 
HETATM 1190 O  O   . HOH B 2 .   ? -10.120 -1.501  12.574  1.00 56.35 ? 196 HOH A O   1 
HETATM 1191 O  O   . HOH B 2 .   ? -3.324  7.936   8.822   1.00 51.88 ? 197 HOH A O   1 
HETATM 1192 O  O   . HOH B 2 .   ? 6.246   -9.265  -12.354 1.00 63.17 ? 198 HOH A O   1 
HETATM 1193 O  O   . HOH B 2 .   ? 0.075   19.005  7.007   1.00 77.35 ? 199 HOH A O   1 
HETATM 1194 O  O   . HOH B 2 .   ? 0.615   -1.248  15.466  1.00 51.16 ? 200 HOH A O   1 
HETATM 1195 O  O   . HOH B 2 .   ? -7.933  -0.439  18.039  1.00 71.36 ? 201 HOH A O   1 
HETATM 1196 O  O   . HOH B 2 .   ? -2.083  13.471  -6.267  1.00 61.92 ? 202 HOH A O   1 
HETATM 1197 O  O   . HOH B 2 .   ? -9.644  14.967  -6.348  1.00 56.87 ? 203 HOH A O   1 
HETATM 1198 O  O   . HOH B 2 .   ? 8.438   2.068   14.420  1.00 59.00 ? 204 HOH A O   1 
HETATM 1199 O  O   . HOH B 2 .   ? -2.478  14.985  7.946   1.00 63.54 ? 205 HOH A O   1 
HETATM 1200 O  O   . HOH B 2 .   ? -7.874  15.829  -7.595  1.00 64.06 ? 206 HOH A O   1 
HETATM 1201 O  O   . HOH B 2 .   ? -1.314  -5.585  -17.493 1.00 72.44 ? 207 HOH A O   1 
HETATM 1202 O  O   . HOH B 2 .   ? 0.807   15.851  -1.579  1.00 87.13 ? 208 HOH A O   1 
HETATM 1203 O  O   . HOH B 2 .   ? 9.819   4.476   14.981  1.00 53.55 ? 209 HOH A O   1 
HETATM 1204 O  O   . HOH B 2 .   ? 8.981   8.067   8.758   1.00 60.76 ? 210 HOH A O   1 
HETATM 1205 O  O   . HOH B 2 .   ? -11.305 12.449  -4.552  1.00 47.19 ? 211 HOH A O   1 
HETATM 1206 O  O   . HOH B 2 .   ? -1.420  -17.911 17.207  1.00 83.05 ? 212 HOH A O   1 
HETATM 1207 O  O   . HOH B 2 .   ? 10.652  -15.690 10.190  1.00 78.12 ? 213 HOH A O   1 
HETATM 1208 O  O   . HOH B 2 .   ? 10.655  1.572   -8.695  1.00 60.53 ? 214 HOH A O   1 
HETATM 1209 O  O   . HOH B 2 .   ? -2.792  11.932  -7.953  1.00 64.60 ? 215 HOH A O   1 
HETATM 1210 O  O   . HOH B 2 .   ? 6.862   -4.451  13.174  1.00 59.78 ? 216 HOH A O   1 
HETATM 1211 O  O   . HOH B 2 .   ? 3.871   11.667  -9.251  1.00 77.56 ? 217 HOH A O   1 
HETATM 1212 O  O   . HOH B 2 .   ? -16.803 11.468  -4.794  1.00 64.30 ? 218 HOH A O   1 
HETATM 1213 O  O   . HOH B 2 .   ? 11.436  -0.060  -7.116  1.00 75.33 ? 219 HOH A O   1 
HETATM 1214 O  O   . HOH B 2 .   ? 5.709   -11.374 -11.320 1.00 73.96 ? 220 HOH A O   1 
# 
